data_6VXN
#
_entry.id   6VXN
#
_cell.length_a   1.00
_cell.length_b   1.00
_cell.length_c   1.00
_cell.angle_alpha   90.00
_cell.angle_beta   90.00
_cell.angle_gamma   90.00
#
_symmetry.space_group_name_H-M   'P 1'
#
loop_
_entity.id
_entity.type
_entity.pdbx_description
1 polymer 'Mechanosensitive ion channel protein 1, mitochondrial'
2 non-polymer DODECANE
#
_entity_poly.entity_id   1
_entity_poly.type   'polypeptide(L)'
_entity_poly.pdbx_seq_one_letter_code
;MSSKSDDFGSIVASGVTGSGDGNGNGNDWVEKAKDVLQTSVDAVTETAKKTKDVSDEMIPHVQQFLDSNPYLKDVIVPVS
LTMTGTLFAWVVMPRILRRFHTYAMQSSAKLLPVGFSNEDVPYEKSFWGALEDPARYLVTFIAFAQIAAMVAPTTIAAQY
FSPTVKGAVILSLVWFLYRWKTNVITRMLSAKSFGGLDREKVLTLDKVSSVGLFAIGLMASAEACGVAVQSILTVGGVGG
VVTAFAARDILGNVLSGLSMQFSRPFSMGDTIKAGSVEGQVIEMGLTTTSLLNAEKFPVLVPNSLFSSQVIVNKSRAQWR
AIASKIPLQIDDLDMIPQISNEIKEMLRSNTKVFLGKEAPHCYLSRVEKSFAELTIGCNLIRMGKEELYNTQQEVLLEAV
KIIKKHGVSLGTTWDNSTLSNSLEVLFQ
;
_entity_poly.pdbx_strand_id   A,B,C,D,E,F,G
#
loop_
_chem_comp.id
_chem_comp.type
_chem_comp.name
_chem_comp.formula
D12 non-polymer DODECANE 'C12 H26'
#
# COMPACT_ATOMS: atom_id res chain seq x y z
N SER A 126 0.17 -35.29 -34.41
CA SER A 126 1.44 -34.59 -34.37
C SER A 126 1.66 -33.76 -35.63
N PHE A 127 2.05 -34.42 -36.72
CA PHE A 127 2.21 -33.72 -37.99
C PHE A 127 0.87 -33.35 -38.60
N TRP A 128 -0.17 -34.15 -38.29
CA TRP A 128 -1.51 -33.95 -38.84
C TRP A 128 -2.05 -32.57 -38.48
N GLY A 129 -2.19 -32.28 -37.19
CA GLY A 129 -2.75 -31.01 -36.78
C GLY A 129 -1.82 -29.85 -37.04
N ALA A 130 -0.51 -30.09 -36.99
CA ALA A 130 0.48 -29.05 -37.28
C ALA A 130 0.44 -28.59 -38.72
N LEU A 131 0.02 -29.45 -39.64
CA LEU A 131 -0.24 -28.93 -40.98
C LEU A 131 -1.70 -28.52 -41.15
N GLU A 132 -2.59 -29.09 -40.33
CA GLU A 132 -4.02 -28.92 -40.56
C GLU A 132 -4.52 -27.55 -40.12
N ASP A 133 -4.21 -27.15 -38.89
CA ASP A 133 -4.83 -25.95 -38.33
C ASP A 133 -4.37 -24.64 -38.98
N PRO A 134 -3.08 -24.41 -39.27
CA PRO A 134 -2.75 -23.15 -39.98
C PRO A 134 -3.22 -23.12 -41.42
N ALA A 135 -3.31 -24.27 -42.09
CA ALA A 135 -3.79 -24.28 -43.46
C ALA A 135 -5.28 -23.95 -43.53
N ARG A 136 -6.08 -24.54 -42.65
CA ARG A 136 -7.51 -24.23 -42.63
C ARG A 136 -7.74 -22.81 -42.15
N TYR A 137 -6.87 -22.32 -41.26
CA TYR A 137 -6.97 -20.93 -40.82
C TYR A 137 -6.63 -19.98 -41.95
N LEU A 138 -5.66 -20.34 -42.79
CA LEU A 138 -5.26 -19.45 -43.86
C LEU A 138 -6.29 -19.44 -44.98
N VAL A 139 -6.95 -20.57 -45.25
CA VAL A 139 -7.95 -20.56 -46.31
C VAL A 139 -9.21 -19.87 -45.81
N THR A 140 -9.49 -19.96 -44.51
CA THR A 140 -10.55 -19.17 -43.91
C THR A 140 -10.26 -17.67 -44.02
N PHE A 141 -8.98 -17.29 -43.81
CA PHE A 141 -8.60 -15.89 -43.91
C PHE A 141 -8.69 -15.35 -45.32
N ILE A 142 -8.24 -16.10 -46.33
CA ILE A 142 -8.29 -15.57 -47.68
C ILE A 142 -9.71 -15.62 -48.22
N ALA A 143 -10.52 -16.56 -47.74
CA ALA A 143 -11.93 -16.57 -48.11
C ALA A 143 -12.67 -15.40 -47.50
N PHE A 144 -12.24 -14.95 -46.32
CA PHE A 144 -12.76 -13.71 -45.77
C PHE A 144 -12.28 -12.51 -46.58
N ALA A 145 -11.02 -12.54 -47.01
CA ALA A 145 -10.46 -11.40 -47.72
C ALA A 145 -11.05 -11.24 -49.12
N GLN A 146 -11.52 -12.34 -49.72
CA GLN A 146 -12.15 -12.26 -51.03
C GLN A 146 -13.44 -11.45 -50.98
N ILE A 147 -14.28 -11.70 -49.97
CA ILE A 147 -15.49 -10.90 -49.79
C ILE A 147 -15.19 -9.56 -49.14
N ALA A 148 -14.02 -9.41 -48.51
CA ALA A 148 -13.57 -8.08 -48.14
C ALA A 148 -13.21 -7.23 -49.34
N ALA A 149 -12.73 -7.86 -50.42
CA ALA A 149 -12.47 -7.15 -51.67
C ALA A 149 -13.73 -6.87 -52.47
N MET A 150 -14.87 -7.42 -52.06
CA MET A 150 -16.13 -7.13 -52.74
C MET A 150 -16.58 -5.70 -52.44
N VAL A 151 -16.49 -5.29 -51.18
CA VAL A 151 -16.91 -3.97 -50.77
C VAL A 151 -15.70 -3.05 -50.62
N ALA A 158 -9.89 -0.68 -50.24
CA ALA A 158 -8.56 -1.25 -50.04
C ALA A 158 -8.29 -2.34 -51.06
N GLN A 159 -7.66 -1.97 -52.17
CA GLN A 159 -7.34 -2.91 -53.24
C GLN A 159 -5.86 -3.30 -53.11
N TYR A 160 -5.58 -4.14 -52.12
CA TYR A 160 -4.23 -4.61 -51.85
C TYR A 160 -4.23 -6.13 -51.74
N PHE A 161 -4.87 -6.78 -52.72
CA PHE A 161 -5.23 -8.19 -52.58
C PHE A 161 -4.00 -9.09 -52.62
N SER A 162 -3.24 -9.06 -53.72
CA SER A 162 -2.09 -9.95 -53.91
C SER A 162 -0.99 -9.82 -52.85
N PRO A 163 -0.59 -8.62 -52.37
CA PRO A 163 0.39 -8.62 -51.27
C PRO A 163 -0.13 -9.19 -49.97
N THR A 164 -1.41 -8.98 -49.65
CA THR A 164 -1.95 -9.55 -48.42
C THR A 164 -2.09 -11.07 -48.51
N VAL A 165 -2.45 -11.61 -49.68
CA VAL A 165 -2.52 -13.06 -49.76
C VAL A 165 -1.13 -13.68 -49.79
N LYS A 166 -0.13 -12.96 -50.33
CA LYS A 166 1.24 -13.51 -50.28
C LYS A 166 1.79 -13.47 -48.86
N GLY A 167 1.52 -12.38 -48.12
CA GLY A 167 1.92 -12.31 -46.73
C GLY A 167 1.19 -13.32 -45.86
N ALA A 168 -0.08 -13.55 -46.13
CA ALA A 168 -0.83 -14.55 -45.36
C ALA A 168 -0.34 -15.95 -45.65
N VAL A 169 0.06 -16.21 -46.90
CA VAL A 169 0.60 -17.52 -47.26
C VAL A 169 1.91 -17.77 -46.53
N ILE A 170 2.81 -16.79 -46.52
CA ILE A 170 4.11 -17.04 -45.90
C ILE A 170 3.98 -17.07 -44.38
N LEU A 171 3.02 -16.32 -43.83
CA LEU A 171 2.87 -16.31 -42.38
C LEU A 171 2.21 -17.59 -41.89
N SER A 172 1.29 -18.16 -42.68
CA SER A 172 0.77 -19.49 -42.36
C SER A 172 1.87 -20.55 -42.49
N LEU A 173 2.76 -20.37 -43.46
CA LEU A 173 3.90 -21.28 -43.62
C LEU A 173 4.82 -21.22 -42.41
N VAL A 174 5.04 -20.02 -41.87
CA VAL A 174 5.94 -19.89 -40.73
C VAL A 174 5.26 -20.37 -39.45
N TRP A 175 3.93 -20.29 -39.38
CA TRP A 175 3.21 -20.85 -38.24
C TRP A 175 3.26 -22.37 -38.26
N PHE A 176 3.12 -22.95 -39.45
CA PHE A 176 3.27 -24.39 -39.61
C PHE A 176 4.68 -24.85 -39.25
N LEU A 177 5.70 -24.11 -39.69
CA LEU A 177 7.07 -24.49 -39.38
C LEU A 177 7.38 -24.36 -37.90
N TYR A 178 6.78 -23.37 -37.23
CA TYR A 178 6.96 -23.23 -35.79
C TYR A 178 6.34 -24.40 -35.04
N ARG A 179 5.13 -24.81 -35.43
CA ARG A 179 4.49 -25.95 -34.78
C ARG A 179 5.24 -27.24 -35.05
N TRP A 180 5.75 -27.42 -36.27
CA TRP A 180 6.54 -28.59 -36.61
C TRP A 180 7.85 -28.61 -35.81
N LYS A 181 8.43 -27.45 -35.59
CA LYS A 181 9.71 -27.38 -34.89
C LYS A 181 9.54 -27.69 -33.41
N THR A 182 8.49 -27.17 -32.77
CA THR A 182 8.30 -27.53 -31.36
C THR A 182 7.89 -28.99 -31.22
N ASN A 183 7.22 -29.55 -32.23
CA ASN A 183 6.90 -30.98 -32.18
C ASN A 183 8.16 -31.85 -32.31
N VAL A 184 9.10 -31.46 -33.16
CA VAL A 184 10.28 -32.31 -33.33
C VAL A 184 11.29 -32.06 -32.22
N ILE A 185 11.20 -30.94 -31.51
CA ILE A 185 12.07 -30.80 -30.35
C ILE A 185 11.47 -31.50 -29.14
N THR A 186 10.13 -31.60 -29.06
CA THR A 186 9.60 -32.37 -27.96
C THR A 186 9.62 -33.87 -28.25
N ARG A 187 9.96 -34.21 -29.50
CA ARG A 187 10.12 -35.62 -29.93
C ARG A 187 11.52 -36.06 -29.50
N MET A 188 12.51 -35.16 -29.64
CA MET A 188 13.90 -35.43 -29.27
C MET A 188 14.10 -35.34 -27.76
N LEU A 189 13.25 -34.59 -27.06
CA LEU A 189 13.26 -34.56 -25.61
C LEU A 189 12.54 -35.75 -25.00
N SER A 190 11.94 -36.59 -25.83
CA SER A 190 11.37 -37.86 -25.40
C SER A 190 12.30 -39.02 -25.75
N ALA A 191 13.60 -38.78 -25.66
CA ALA A 191 14.60 -39.79 -25.97
C ALA A 191 15.87 -39.56 -25.17
N ASP A 198 24.65 -31.31 -23.12
CA ASP A 198 23.97 -31.28 -24.40
C ASP A 198 22.46 -31.24 -24.19
N ARG A 199 22.04 -30.53 -23.13
CA ARG A 199 20.60 -30.40 -22.77
C ARG A 199 20.21 -28.92 -22.80
N GLU A 200 20.97 -28.06 -22.10
CA GLU A 200 20.66 -26.64 -22.06
C GLU A 200 20.95 -25.99 -23.40
N LYS A 201 21.92 -26.53 -24.14
CA LYS A 201 22.21 -26.04 -25.49
C LYS A 201 21.04 -26.27 -26.42
N VAL A 202 20.33 -27.38 -26.25
CA VAL A 202 19.12 -27.66 -27.02
C VAL A 202 18.05 -26.62 -26.77
N LEU A 203 17.86 -26.24 -25.51
CA LEU A 203 16.81 -25.29 -25.15
C LEU A 203 17.13 -23.89 -25.64
N THR A 204 18.37 -23.43 -25.43
CA THR A 204 18.71 -22.10 -25.94
C THR A 204 18.74 -22.08 -27.46
N LEU A 205 19.08 -23.22 -28.08
CA LEU A 205 19.16 -23.29 -29.53
C LEU A 205 17.79 -23.23 -30.17
N ASP A 206 16.84 -24.01 -29.69
CA ASP A 206 15.53 -23.98 -30.35
C ASP A 206 14.73 -22.75 -29.92
N LYS A 207 15.09 -22.11 -28.80
CA LYS A 207 14.46 -20.83 -28.49
C LYS A 207 14.95 -19.73 -29.43
N VAL A 208 16.27 -19.64 -29.66
CA VAL A 208 16.74 -18.60 -30.58
C VAL A 208 16.35 -18.95 -32.01
N SER A 209 16.20 -20.24 -32.32
CA SER A 209 15.70 -20.65 -33.61
C SER A 209 14.23 -20.31 -33.81
N SER A 210 13.41 -20.41 -32.76
CA SER A 210 12.03 -19.96 -32.85
C SER A 210 11.93 -18.47 -33.10
N VAL A 211 12.73 -17.68 -32.36
CA VAL A 211 12.64 -16.23 -32.57
C VAL A 211 13.28 -15.82 -33.90
N GLY A 212 14.25 -16.59 -34.41
CA GLY A 212 14.82 -16.27 -35.70
C GLY A 212 13.92 -16.68 -36.84
N LEU A 213 13.18 -17.77 -36.66
CA LEU A 213 12.22 -18.18 -37.68
C LEU A 213 11.05 -17.21 -37.74
N PHE A 214 10.63 -16.68 -36.59
CA PHE A 214 9.64 -15.61 -36.59
C PHE A 214 10.16 -14.34 -37.25
N ALA A 215 11.44 -14.01 -37.01
CA ALA A 215 12.04 -12.85 -37.65
C ALA A 215 12.14 -13.01 -39.17
N ILE A 216 12.52 -14.19 -39.64
CA ILE A 216 12.66 -14.39 -41.08
C ILE A 216 11.29 -14.49 -41.74
N GLY A 217 10.27 -14.90 -40.99
CA GLY A 217 8.91 -14.81 -41.50
C GLY A 217 8.44 -13.39 -41.67
N LEU A 218 8.79 -12.52 -40.72
CA LEU A 218 8.38 -11.13 -40.84
C LEU A 218 9.17 -10.42 -41.94
N MET A 219 10.44 -10.76 -42.10
CA MET A 219 11.21 -10.17 -43.19
C MET A 219 10.90 -10.79 -44.55
N ALA A 220 10.20 -11.93 -44.58
CA ALA A 220 9.60 -12.37 -45.84
C ALA A 220 8.28 -11.67 -46.11
N SER A 221 7.54 -11.28 -45.06
CA SER A 221 6.34 -10.47 -45.23
C SER A 221 6.67 -9.04 -45.66
N ALA A 222 7.85 -8.54 -45.29
CA ALA A 222 8.23 -7.21 -45.73
C ALA A 222 8.64 -7.16 -47.19
N GLU A 223 8.97 -8.32 -47.77
CA GLU A 223 9.37 -8.36 -49.17
C GLU A 223 8.19 -8.13 -50.09
N ALA A 224 7.03 -8.70 -49.76
CA ALA A 224 5.83 -8.51 -50.56
C ALA A 224 4.80 -7.67 -49.80
N VAL A 235 8.09 -0.19 -39.55
CA VAL A 235 8.18 -1.23 -38.55
C VAL A 235 6.98 -1.16 -37.60
N GLY A 236 6.23 -0.06 -37.69
CA GLY A 236 5.08 0.13 -36.83
C GLY A 236 5.34 0.95 -35.58
N GLY A 237 6.60 1.17 -35.22
CA GLY A 237 6.93 2.02 -34.10
C GLY A 237 7.18 1.31 -32.79
N VAL A 238 7.39 0.00 -32.79
CA VAL A 238 7.67 -0.70 -31.54
C VAL A 238 9.14 -0.55 -31.13
N GLY A 239 9.99 -0.12 -32.05
CA GLY A 239 11.42 -0.17 -31.83
C GLY A 239 11.87 0.81 -30.77
N GLY A 240 11.33 2.02 -30.79
CA GLY A 240 11.69 3.00 -29.78
C GLY A 240 11.25 2.58 -28.39
N VAL A 241 10.11 1.88 -28.31
CA VAL A 241 9.60 1.42 -27.03
C VAL A 241 10.50 0.31 -26.47
N VAL A 242 10.87 -0.65 -27.32
CA VAL A 242 11.66 -1.76 -26.77
C VAL A 242 13.11 -1.34 -26.53
N THR A 243 13.65 -0.40 -27.30
CA THR A 243 14.98 0.07 -26.93
C THR A 243 14.95 0.98 -25.73
N ALA A 244 13.84 1.69 -25.50
CA ALA A 244 13.71 2.44 -24.26
C ALA A 244 13.69 1.51 -23.05
N PHE A 245 12.93 0.42 -23.15
CA PHE A 245 12.82 -0.52 -22.04
C PHE A 245 14.13 -1.24 -21.79
N ALA A 246 14.77 -1.73 -22.86
CA ALA A 246 16.01 -2.47 -22.71
C ALA A 246 17.14 -1.56 -22.26
N ALA A 247 17.17 -0.31 -22.74
CA ALA A 247 18.17 0.63 -22.30
C ALA A 247 18.00 0.98 -20.84
N ARG A 248 16.75 1.16 -20.41
CA ARG A 248 16.45 1.41 -19.01
C ARG A 248 16.95 0.27 -18.12
N ASP A 249 16.56 -0.96 -18.44
CA ASP A 249 16.94 -2.11 -17.62
C ASP A 249 18.45 -2.33 -17.60
N ILE A 250 19.05 -2.52 -18.78
CA ILE A 250 20.46 -2.88 -18.85
C ILE A 250 21.34 -1.75 -18.37
N LEU A 251 21.12 -0.54 -18.88
CA LEU A 251 22.00 0.54 -18.49
C LEU A 251 21.74 1.03 -17.09
N GLY A 252 20.53 0.88 -16.53
CA GLY A 252 20.34 1.17 -15.13
C GLY A 252 21.10 0.20 -14.25
N ASN A 253 21.14 -1.07 -14.64
CA ASN A 253 21.91 -2.04 -13.88
C ASN A 253 23.39 -1.75 -13.94
N VAL A 254 23.92 -1.42 -15.13
CA VAL A 254 25.37 -1.20 -15.20
C VAL A 254 25.75 0.15 -14.58
N LEU A 255 24.85 1.13 -14.65
CA LEU A 255 25.11 2.41 -14.00
C LEU A 255 25.18 2.28 -12.50
N SER A 256 24.24 1.54 -11.90
CA SER A 256 24.32 1.33 -10.47
C SER A 256 25.49 0.45 -10.11
N GLY A 257 25.86 -0.47 -10.99
CA GLY A 257 26.99 -1.32 -10.72
C GLY A 257 28.32 -0.58 -10.74
N LEU A 258 28.39 0.53 -11.45
CA LEU A 258 29.58 1.36 -11.36
C LEU A 258 29.52 2.39 -10.24
N SER A 259 28.35 2.97 -9.97
CA SER A 259 28.26 3.93 -8.87
C SER A 259 28.49 3.27 -7.52
N MET A 260 28.11 2.00 -7.38
CA MET A 260 28.49 1.27 -6.19
C MET A 260 29.96 0.91 -6.18
N GLN A 261 30.62 0.89 -7.33
CA GLN A 261 32.04 0.63 -7.34
C GLN A 261 32.85 1.85 -6.98
N PHE A 262 32.33 3.04 -7.23
CA PHE A 262 33.07 4.22 -6.80
C PHE A 262 32.86 4.47 -5.33
N SER A 263 31.62 4.76 -4.94
CA SER A 263 31.31 5.13 -3.56
C SER A 263 30.81 3.90 -2.82
N ARG A 264 31.75 3.11 -2.32
CA ARG A 264 31.49 1.74 -1.88
C ARG A 264 30.58 1.67 -0.65
N PRO A 265 29.38 1.14 -0.77
CA PRO A 265 28.55 1.01 0.42
C PRO A 265 28.82 -0.29 1.17
N PHE A 266 29.55 -1.42 0.61
CA PHE A 266 29.85 -2.69 1.23
C PHE A 266 30.96 -3.37 0.45
N SER A 267 31.48 -4.45 1.00
CA SER A 267 32.53 -5.23 0.38
C SER A 267 32.16 -6.69 0.43
N MET A 268 33.01 -7.53 -0.14
CA MET A 268 32.76 -8.97 -0.19
C MET A 268 32.86 -9.57 1.20
N GLY A 269 31.79 -10.23 1.63
CA GLY A 269 31.72 -10.83 2.94
C GLY A 269 30.90 -10.06 3.95
N ASP A 270 30.55 -8.81 3.64
CA ASP A 270 29.78 -8.01 4.58
C ASP A 270 28.34 -8.47 4.64
N THR A 271 27.74 -8.39 5.82
CA THR A 271 26.33 -8.67 6.01
C THR A 271 25.57 -7.36 5.86
N ILE A 272 24.69 -7.28 4.86
CA ILE A 272 23.97 -6.05 4.58
C ILE A 272 22.48 -6.31 4.67
N LYS A 273 21.73 -5.22 4.75
CA LYS A 273 20.29 -5.21 4.59
C LYS A 273 19.92 -4.01 3.75
N ALA A 274 19.28 -4.25 2.61
CA ALA A 274 18.92 -3.16 1.69
C ALA A 274 17.45 -3.30 1.33
N GLY A 275 16.59 -2.72 2.15
CA GLY A 275 15.17 -2.82 1.91
C GLY A 275 14.62 -4.21 2.18
N SER A 276 14.26 -4.93 1.13
CA SER A 276 13.67 -6.25 1.28
C SER A 276 14.70 -7.34 1.42
N VAL A 277 15.92 -7.15 0.92
CA VAL A 277 16.92 -8.20 0.92
C VAL A 277 17.85 -8.01 2.11
N GLU A 278 18.44 -9.12 2.56
CA GLU A 278 19.31 -9.14 3.72
C GLU A 278 20.16 -10.39 3.72
N GLY A 279 21.45 -10.24 3.94
CA GLY A 279 22.32 -11.41 4.01
C GLY A 279 23.76 -11.02 3.71
N GLN A 280 24.59 -12.05 3.58
CA GLN A 280 26.00 -11.84 3.27
C GLN A 280 26.18 -11.58 1.79
N VAL A 281 27.26 -10.87 1.47
CA VAL A 281 27.58 -10.54 0.08
C VAL A 281 28.61 -11.55 -0.40
N ILE A 282 28.22 -12.44 -1.32
CA ILE A 282 29.13 -13.50 -1.77
C ILE A 282 29.66 -13.26 -3.16
N GLU A 283 29.06 -12.36 -3.94
CA GLU A 283 29.52 -12.11 -5.30
C GLU A 283 29.04 -10.74 -5.74
N MET A 284 29.95 -9.80 -5.92
CA MET A 284 29.64 -8.50 -6.47
C MET A 284 29.92 -8.54 -7.98
N GLY A 285 28.85 -8.51 -8.78
CA GLY A 285 28.95 -8.67 -10.21
C GLY A 285 28.73 -7.36 -10.96
N LEU A 286 28.71 -7.49 -12.28
CA LEU A 286 28.58 -6.32 -13.14
C LEU A 286 27.14 -5.84 -13.23
N THR A 287 26.18 -6.77 -13.29
CA THR A 287 24.77 -6.43 -13.35
C THR A 287 23.96 -6.93 -12.16
N THR A 288 24.45 -7.96 -11.45
CA THR A 288 23.75 -8.51 -10.30
C THR A 288 24.73 -8.75 -9.16
N THR A 289 24.32 -8.39 -7.96
CA THR A 289 24.97 -8.82 -6.74
C THR A 289 24.33 -10.13 -6.29
N SER A 290 25.12 -10.97 -5.61
CA SER A 290 24.63 -12.22 -5.06
C SER A 290 24.78 -12.19 -3.55
N LEU A 291 23.70 -12.44 -2.84
CA LEU A 291 23.69 -12.50 -1.40
C LEU A 291 23.41 -13.93 -0.94
N LEU A 292 23.60 -14.15 0.34
CA LEU A 292 23.29 -15.41 1.00
C LEU A 292 22.44 -15.05 2.20
N ASN A 293 21.16 -15.40 2.16
CA ASN A 293 20.20 -14.89 3.14
C ASN A 293 20.31 -15.67 4.45
N ALA A 294 19.31 -15.49 5.32
CA ALA A 294 19.37 -16.06 6.66
C ALA A 294 19.25 -17.58 6.67
N GLU A 295 18.60 -18.16 5.66
CA GLU A 295 18.53 -19.59 5.51
C GLU A 295 19.60 -20.13 4.57
N LYS A 296 20.58 -19.29 4.21
CA LYS A 296 21.75 -19.65 3.42
C LYS A 296 21.37 -20.12 2.00
N PHE A 297 20.34 -19.49 1.44
CA PHE A 297 19.94 -19.61 0.05
C PHE A 297 20.58 -18.49 -0.76
N PRO A 298 21.09 -18.75 -1.96
CA PRO A 298 21.66 -17.65 -2.76
C PRO A 298 20.56 -16.79 -3.38
N VAL A 299 20.56 -15.52 -3.02
CA VAL A 299 19.66 -14.51 -3.58
C VAL A 299 20.40 -13.76 -4.68
N LEU A 300 19.68 -13.42 -5.74
CA LEU A 300 20.26 -12.72 -6.88
C LEU A 300 19.57 -11.36 -7.02
N VAL A 301 20.28 -10.30 -6.66
CA VAL A 301 19.73 -8.94 -6.59
C VAL A 301 20.28 -8.15 -7.76
N PRO A 302 19.44 -7.47 -8.54
CA PRO A 302 19.98 -6.54 -9.55
C PRO A 302 20.51 -5.28 -8.90
N ASN A 303 21.57 -4.72 -9.51
CA ASN A 303 22.29 -3.59 -8.92
C ASN A 303 21.44 -2.35 -8.79
N SER A 304 20.46 -2.17 -9.69
CA SER A 304 19.62 -0.98 -9.68
C SER A 304 18.71 -0.89 -8.46
N LEU A 305 18.63 -1.93 -7.64
CA LEU A 305 17.91 -1.88 -6.38
C LEU A 305 18.74 -1.30 -5.25
N PHE A 306 20.00 -0.94 -5.51
CA PHE A 306 20.85 -0.25 -4.56
C PHE A 306 21.06 1.22 -4.93
N SER A 307 20.19 1.79 -5.77
CA SER A 307 20.49 3.09 -6.36
C SER A 307 20.26 4.23 -5.37
N SER A 308 19.06 4.34 -4.83
CA SER A 308 18.76 5.40 -3.86
C SER A 308 17.99 4.81 -2.69
N GLN A 309 18.48 3.68 -2.18
CA GLN A 309 17.92 3.03 -1.02
C GLN A 309 18.88 3.10 0.15
N VAL A 310 18.36 2.91 1.34
CA VAL A 310 19.19 2.87 2.53
C VAL A 310 19.79 1.48 2.67
N ILE A 311 21.07 1.45 3.03
CA ILE A 311 21.82 0.21 3.12
C ILE A 311 22.38 0.13 4.53
N VAL A 312 21.88 -0.81 5.32
CA VAL A 312 22.40 -1.06 6.64
C VAL A 312 23.54 -2.06 6.52
N ASN A 313 24.72 -1.70 7.01
CA ASN A 313 25.91 -2.53 6.90
C ASN A 313 26.24 -3.06 8.29
N LYS A 314 25.85 -4.29 8.57
CA LYS A 314 25.98 -4.88 9.89
C LYS A 314 27.40 -5.34 10.20
N SER A 315 28.33 -5.26 9.25
CA SER A 315 29.68 -5.75 9.45
C SER A 315 30.70 -4.63 9.65
N ARG A 316 30.26 -3.38 9.70
CA ARG A 316 31.14 -2.26 9.98
C ARG A 316 30.90 -1.66 11.36
N ALA A 317 30.03 -2.27 12.17
CA ALA A 317 29.77 -1.78 13.51
C ALA A 317 30.99 -1.93 14.39
N GLN A 318 31.21 -0.96 15.27
CA GLN A 318 32.33 -0.98 16.20
C GLN A 318 31.90 -1.27 17.63
N TRP A 319 30.61 -1.24 17.91
CA TRP A 319 30.07 -1.73 19.17
C TRP A 319 28.63 -2.14 18.91
N ARG A 320 28.11 -2.99 19.78
CA ARG A 320 26.78 -3.56 19.62
C ARG A 320 25.93 -3.19 20.82
N ALA A 321 24.65 -3.00 20.61
CA ALA A 321 23.74 -2.67 21.70
C ALA A 321 22.90 -3.89 22.04
N ILE A 322 22.95 -4.33 23.30
CA ILE A 322 22.12 -5.42 23.75
C ILE A 322 21.20 -4.92 24.84
N ALA A 323 20.04 -5.59 24.95
CA ALA A 323 19.02 -5.26 25.93
C ALA A 323 18.19 -6.50 26.20
N SER A 324 17.50 -6.48 27.34
CA SER A 324 16.66 -7.60 27.76
C SER A 324 15.70 -7.09 28.83
N LYS A 325 14.67 -7.89 29.10
CA LYS A 325 13.70 -7.63 30.15
C LYS A 325 13.68 -8.81 31.10
N ILE A 326 13.60 -8.52 32.39
CA ILE A 326 13.56 -9.54 33.43
C ILE A 326 12.31 -9.31 34.28
N PRO A 327 11.37 -10.25 34.32
CA PRO A 327 10.22 -10.10 35.21
C PRO A 327 10.55 -10.56 36.62
N LEU A 328 9.90 -9.93 37.59
CA LEU A 328 10.19 -10.11 39.00
C LEU A 328 8.91 -10.41 39.76
N GLN A 329 8.96 -11.37 40.68
CA GLN A 329 7.88 -11.60 41.63
C GLN A 329 8.34 -11.01 42.96
N ILE A 330 8.08 -9.71 43.12
CA ILE A 330 8.51 -8.99 44.30
C ILE A 330 7.31 -8.20 44.83
N ASP A 331 7.08 -8.29 46.13
CA ASP A 331 5.97 -7.60 46.77
C ASP A 331 6.37 -6.31 47.44
N ASP A 332 7.62 -6.21 47.88
CA ASP A 332 8.14 -5.03 48.55
C ASP A 332 9.18 -4.40 47.64
N LEU A 333 8.81 -3.30 47.00
CA LEU A 333 9.63 -2.71 45.95
C LEU A 333 10.74 -1.83 46.51
N ASP A 334 10.88 -1.72 47.83
CA ASP A 334 11.94 -0.91 48.42
C ASP A 334 13.35 -1.44 48.13
N MET A 335 13.46 -2.71 47.74
CA MET A 335 14.73 -3.27 47.28
C MET A 335 15.02 -3.06 45.81
N ILE A 336 14.07 -2.51 45.05
CA ILE A 336 14.21 -2.26 43.62
C ILE A 336 15.34 -1.31 43.24
N PRO A 337 15.61 -0.15 43.95
CA PRO A 337 16.77 0.67 43.58
C PRO A 337 18.12 -0.02 43.70
N GLN A 338 18.40 -0.61 44.88
CA GLN A 338 19.68 -1.22 45.19
C GLN A 338 20.07 -2.28 44.17
N ILE A 339 19.13 -3.21 43.91
CA ILE A 339 19.28 -4.24 42.88
C ILE A 339 19.71 -3.63 41.56
N SER A 340 18.98 -2.58 41.12
CA SER A 340 19.28 -1.89 39.88
C SER A 340 20.70 -1.34 39.88
N ASN A 341 21.09 -0.70 40.99
CA ASN A 341 22.44 -0.17 41.11
C ASN A 341 23.47 -1.28 41.05
N GLU A 342 23.18 -2.39 41.74
CA GLU A 342 24.03 -3.58 41.71
C GLU A 342 24.21 -4.08 40.29
N ILE A 343 23.11 -4.15 39.53
CA ILE A 343 23.17 -4.67 38.17
C ILE A 343 23.99 -3.74 37.30
N LYS A 344 23.89 -2.43 37.54
CA LYS A 344 24.68 -1.49 36.76
C LYS A 344 26.16 -1.63 37.08
N GLU A 345 26.48 -1.92 38.35
CA GLU A 345 27.87 -2.16 38.70
C GLU A 345 28.38 -3.43 38.04
N MET A 346 27.52 -4.44 37.93
CA MET A 346 27.88 -5.67 37.23
C MET A 346 28.18 -5.39 35.77
N LEU A 347 27.46 -4.43 35.19
CA LEU A 347 27.68 -4.13 33.79
C LEU A 347 28.85 -3.19 33.57
N ARG A 348 29.45 -2.64 34.62
CA ARG A 348 30.58 -1.75 34.38
C ARG A 348 31.92 -2.35 34.77
N SER A 349 31.95 -3.19 35.81
CA SER A 349 33.15 -3.94 36.12
C SER A 349 33.40 -5.08 35.13
N ASN A 350 32.42 -5.41 34.30
CA ASN A 350 32.55 -6.46 33.31
C ASN A 350 33.40 -5.98 32.16
N THR A 351 34.30 -6.84 31.68
CA THR A 351 34.92 -6.60 30.39
C THR A 351 33.92 -6.92 29.28
N LYS A 352 34.36 -6.72 28.04
CA LYS A 352 33.55 -6.87 26.82
C LYS A 352 32.36 -5.93 26.76
N VAL A 353 32.31 -4.90 27.60
CA VAL A 353 31.31 -3.85 27.47
C VAL A 353 32.02 -2.56 27.10
N PHE A 354 31.28 -1.64 26.52
CA PHE A 354 31.82 -0.43 25.92
C PHE A 354 31.19 0.77 26.61
N LEU A 355 31.92 1.40 27.52
CA LEU A 355 31.43 2.54 28.27
C LEU A 355 31.77 3.87 27.60
N GLY A 356 32.00 3.86 26.29
CA GLY A 356 32.43 5.08 25.63
C GLY A 356 31.32 6.09 25.42
N LYS A 357 30.13 5.63 25.05
CA LYS A 357 29.05 6.55 24.68
C LYS A 357 27.90 6.52 25.68
N GLU A 358 27.29 5.36 25.90
CA GLU A 358 26.14 5.25 26.78
C GLU A 358 26.50 4.41 27.99
N ALA A 359 26.10 4.90 29.16
CA ALA A 359 26.22 4.11 30.37
C ALA A 359 25.24 2.95 30.34
N PRO A 360 25.58 1.82 30.94
CA PRO A 360 24.61 0.72 31.05
C PRO A 360 23.43 1.11 31.92
N HIS A 361 22.25 0.63 31.54
CA HIS A 361 21.04 1.01 32.26
C HIS A 361 20.32 -0.23 32.74
N CYS A 362 19.60 -0.06 33.85
CA CYS A 362 18.72 -1.11 34.38
C CYS A 362 17.64 -0.39 35.17
N TYR A 363 16.48 -0.23 34.57
CA TYR A 363 15.41 0.55 35.19
C TYR A 363 14.13 -0.27 35.25
N LEU A 364 13.12 0.29 35.90
CA LEU A 364 11.86 -0.39 36.14
C LEU A 364 10.82 0.15 35.17
N SER A 365 10.35 -0.72 34.27
CA SER A 365 9.50 -0.26 33.18
C SER A 365 8.01 -0.37 33.48
N ARG A 366 7.59 -1.38 34.23
CA ARG A 366 6.18 -1.54 34.53
C ARG A 366 6.03 -2.35 35.81
N VAL A 367 4.89 -2.16 36.47
CA VAL A 367 4.61 -2.79 37.75
C VAL A 367 3.21 -3.38 37.69
N GLU A 368 2.95 -4.34 38.58
CA GLU A 368 1.71 -5.11 38.63
C GLU A 368 1.70 -5.85 39.96
N LYS A 369 0.62 -6.58 40.24
CA LYS A 369 0.50 -7.34 41.49
C LYS A 369 1.50 -8.49 41.53
N SER A 370 2.37 -8.47 42.55
CA SER A 370 3.43 -9.45 42.73
C SER A 370 4.31 -9.57 41.49
N PHE A 371 4.59 -8.41 40.88
CA PHE A 371 5.21 -8.40 39.56
C PHE A 371 5.91 -7.07 39.38
N ALA A 372 7.07 -7.12 38.73
CA ALA A 372 7.78 -5.94 38.30
C ALA A 372 8.55 -6.33 37.05
N GLU A 373 9.09 -5.35 36.35
CA GLU A 373 9.86 -5.66 35.16
C GLU A 373 11.06 -4.74 35.08
N LEU A 374 12.24 -5.33 34.94
CA LEU A 374 13.46 -4.56 34.76
C LEU A 374 13.88 -4.60 33.30
N THR A 375 14.26 -3.44 32.78
CA THR A 375 14.84 -3.32 31.45
C THR A 375 16.32 -3.08 31.62
N ILE A 376 17.13 -3.99 31.08
CA ILE A 376 18.57 -3.99 31.25
C ILE A 376 19.19 -3.82 29.87
N GLY A 377 20.25 -3.02 29.80
CA GLY A 377 20.89 -2.81 28.51
C GLY A 377 22.28 -2.23 28.61
N CYS A 378 23.11 -2.53 27.61
CA CYS A 378 24.47 -2.02 27.57
C CYS A 378 24.97 -2.09 26.13
N ASN A 379 26.18 -1.58 25.93
CA ASN A 379 26.90 -1.69 24.68
C ASN A 379 28.09 -2.61 24.87
N LEU A 380 28.15 -3.67 24.09
CA LEU A 380 29.30 -4.55 24.06
C LEU A 380 30.29 -4.09 22.99
N ILE A 381 31.55 -4.45 23.18
CA ILE A 381 32.62 -4.10 22.25
C ILE A 381 32.46 -4.91 20.97
N ARG A 382 33.25 -4.57 19.95
CA ARG A 382 33.19 -5.30 18.68
C ARG A 382 33.70 -6.72 18.86
N MET A 383 32.88 -7.69 18.49
CA MET A 383 33.18 -9.09 18.72
C MET A 383 32.49 -9.95 17.69
N GLY A 384 32.88 -11.23 17.65
CA GLY A 384 32.27 -12.17 16.74
C GLY A 384 30.91 -12.63 17.22
N LYS A 385 30.24 -13.41 16.36
CA LYS A 385 28.87 -13.80 16.62
C LYS A 385 28.74 -14.91 17.66
N GLU A 386 29.84 -15.51 18.08
CA GLU A 386 29.78 -16.50 19.16
C GLU A 386 30.01 -15.85 20.52
N GLU A 387 30.98 -14.94 20.58
CA GLU A 387 31.21 -14.15 21.79
C GLU A 387 30.00 -13.30 22.15
N LEU A 388 29.27 -12.83 21.13
CA LEU A 388 28.06 -12.06 21.36
C LEU A 388 27.00 -12.87 22.10
N TYR A 389 26.76 -14.10 21.65
CA TYR A 389 25.77 -14.96 22.27
C TYR A 389 26.21 -15.37 23.68
N ASN A 390 27.50 -15.70 23.84
CA ASN A 390 28.00 -16.05 25.16
C ASN A 390 27.95 -14.88 26.13
N THR A 391 28.17 -13.66 25.65
CA THR A 391 28.11 -12.49 26.53
C THR A 391 26.68 -12.16 26.90
N GLN A 392 25.72 -12.36 25.98
CA GLN A 392 24.31 -12.20 26.30
C GLN A 392 23.89 -13.18 27.41
N GLN A 393 24.27 -14.45 27.26
CA GLN A 393 23.92 -15.45 28.28
C GLN A 393 24.60 -15.15 29.61
N GLU A 394 25.88 -14.74 29.57
CA GLU A 394 26.62 -14.45 30.79
C GLU A 394 26.05 -13.25 31.54
N VAL A 395 25.67 -12.19 30.81
CA VAL A 395 25.08 -11.01 31.43
C VAL A 395 23.72 -11.34 32.03
N LEU A 396 22.90 -12.13 31.32
CA LEU A 396 21.60 -12.54 31.86
C LEU A 396 21.74 -13.38 33.11
N LEU A 397 22.70 -14.31 33.13
CA LEU A 397 22.89 -15.16 34.30
C LEU A 397 23.42 -14.37 35.49
N GLU A 398 24.31 -13.41 35.26
CA GLU A 398 24.82 -12.58 36.35
C GLU A 398 23.74 -11.68 36.92
N ALA A 399 22.87 -11.14 36.06
CA ALA A 399 21.75 -10.34 36.51
C ALA A 399 20.78 -11.15 37.36
N VAL A 400 20.51 -12.40 36.95
CA VAL A 400 19.62 -13.25 37.74
C VAL A 400 20.27 -13.66 39.06
N LYS A 401 21.59 -13.86 39.08
CA LYS A 401 22.30 -14.11 40.33
C LYS A 401 22.19 -12.94 41.30
N ILE A 402 22.31 -11.72 40.78
CA ILE A 402 22.18 -10.53 41.62
C ILE A 402 20.75 -10.39 42.15
N ILE A 403 19.75 -10.64 41.29
CA ILE A 403 18.35 -10.50 41.70
C ILE A 403 17.99 -11.53 42.77
N LYS A 404 18.35 -12.79 42.56
CA LYS A 404 18.07 -13.81 43.56
C LYS A 404 18.98 -13.73 44.77
N LYS A 405 20.07 -12.96 44.70
CA LYS A 405 20.92 -12.78 45.87
C LYS A 405 20.21 -11.95 46.95
N HIS A 406 19.36 -11.00 46.53
CA HIS A 406 18.60 -10.15 47.44
C HIS A 406 17.33 -10.83 47.96
N GLY A 407 17.17 -12.13 47.77
CA GLY A 407 15.99 -12.84 48.20
C GLY A 407 14.75 -12.44 47.44
N VAL A 408 14.85 -12.32 46.12
CA VAL A 408 13.74 -11.94 45.25
C VAL A 408 13.66 -12.96 44.13
N SER A 409 12.52 -13.64 44.02
CA SER A 409 12.34 -14.63 42.97
C SER A 409 11.88 -13.96 41.68
N LEU A 410 11.93 -14.73 40.59
CA LEU A 410 11.51 -14.24 39.30
C LEU A 410 9.99 -14.30 39.19
N GLY A 411 9.43 -13.44 38.32
CA GLY A 411 8.01 -13.39 38.09
C GLY A 411 7.60 -14.07 36.80
N THR A 412 6.30 -14.17 36.61
CA THR A 412 5.74 -14.86 35.45
C THR A 412 4.86 -13.91 34.65
N THR A 413 4.91 -14.07 33.33
CA THR A 413 4.17 -13.22 32.40
C THR A 413 3.11 -14.07 31.71
N SER B 126 37.25 -24.98 -19.88
CA SER B 126 37.62 -23.60 -19.59
C SER B 126 37.84 -22.82 -20.89
N PHE B 127 38.99 -23.03 -21.52
CA PHE B 127 39.26 -22.38 -22.81
C PHE B 127 38.45 -23.01 -23.93
N TRP B 128 38.12 -24.30 -23.78
CA TRP B 128 37.38 -25.06 -24.80
C TRP B 128 36.02 -24.43 -25.08
N GLY B 129 35.17 -24.33 -24.06
CA GLY B 129 33.83 -23.78 -24.28
C GLY B 129 33.84 -22.29 -24.54
N ALA B 130 34.82 -21.58 -23.95
CA ALA B 130 34.96 -20.15 -24.18
C ALA B 130 35.31 -19.80 -25.61
N LEU B 131 35.99 -20.71 -26.33
CA LEU B 131 36.13 -20.47 -27.76
C LEU B 131 35.01 -21.17 -28.54
N GLU B 132 34.40 -22.20 -27.95
CA GLU B 132 33.48 -23.05 -28.71
C GLU B 132 32.13 -22.40 -28.89
N ASP B 133 31.52 -21.91 -27.81
CA ASP B 133 30.12 -21.46 -27.90
C ASP B 133 29.93 -20.18 -28.71
N PRO B 134 30.76 -19.12 -28.59
CA PRO B 134 30.52 -17.97 -29.48
C PRO B 134 30.86 -18.23 -30.93
N ALA B 135 31.81 -19.12 -31.21
CA ALA B 135 32.14 -19.44 -32.60
C ALA B 135 31.01 -20.20 -33.28
N ARG B 136 30.44 -21.20 -32.59
CA ARG B 136 29.33 -21.93 -33.17
C ARG B 136 28.08 -21.06 -33.24
N TYR B 137 27.93 -20.12 -32.29
CA TYR B 137 26.82 -19.19 -32.37
C TYR B 137 26.99 -18.23 -33.54
N LEU B 138 28.22 -17.83 -33.83
CA LEU B 138 28.43 -16.87 -34.92
C LEU B 138 28.27 -17.55 -36.27
N VAL B 139 28.66 -18.83 -36.39
CA VAL B 139 28.49 -19.47 -37.70
C VAL B 139 27.02 -19.84 -37.90
N THR B 140 26.30 -20.11 -36.81
CA THR B 140 24.85 -20.27 -36.88
C THR B 140 24.19 -18.97 -37.32
N PHE B 141 24.68 -17.83 -36.82
CA PHE B 141 24.11 -16.53 -37.17
C PHE B 141 24.37 -16.18 -38.64
N ILE B 142 25.60 -16.39 -39.14
CA ILE B 142 25.85 -16.02 -40.53
C ILE B 142 25.21 -17.02 -41.49
N ALA B 143 25.05 -18.27 -41.05
CA ALA B 143 24.31 -19.23 -41.88
C ALA B 143 22.84 -18.88 -41.93
N PHE B 144 22.31 -18.27 -40.87
CA PHE B 144 20.96 -17.73 -40.94
C PHE B 144 20.90 -16.51 -41.85
N ALA B 145 21.94 -15.66 -41.79
CA ALA B 145 21.93 -14.44 -42.57
C ALA B 145 22.10 -14.70 -44.06
N GLN B 146 22.73 -15.81 -44.43
CA GLN B 146 22.88 -16.15 -45.84
C GLN B 146 21.53 -16.45 -46.49
N ILE B 147 20.68 -17.22 -45.81
CA ILE B 147 19.33 -17.46 -46.30
C ILE B 147 18.41 -16.27 -46.02
N ALA B 148 18.78 -15.38 -45.11
CA ALA B 148 18.10 -14.10 -45.01
C ALA B 148 18.36 -13.23 -46.22
N ALA B 149 19.54 -13.34 -46.82
CA ALA B 149 19.86 -12.62 -48.05
C ALA B 149 19.25 -13.25 -49.28
N MET B 150 18.66 -14.43 -49.16
CA MET B 150 17.97 -15.07 -50.28
C MET B 150 16.67 -14.34 -50.60
N VAL B 151 15.91 -13.99 -49.57
CA VAL B 151 14.64 -13.31 -49.75
C VAL B 151 14.79 -11.82 -49.48
N ALA B 158 16.92 -6.14 -47.83
CA ALA B 158 18.04 -5.66 -47.02
C ALA B 158 19.35 -6.26 -47.50
N GLN B 159 20.04 -5.54 -48.39
CA GLN B 159 21.31 -5.99 -48.94
C GLN B 159 22.44 -5.27 -48.19
N TYR B 160 22.68 -5.71 -46.96
CA TYR B 160 23.71 -5.15 -46.10
C TYR B 160 24.59 -6.27 -45.56
N PHE B 161 25.02 -7.17 -46.46
CA PHE B 161 25.59 -8.44 -46.03
C PHE B 161 26.96 -8.27 -45.36
N SER B 162 27.92 -7.71 -46.10
CA SER B 162 29.29 -7.58 -45.59
C SER B 162 29.45 -6.76 -44.30
N PRO B 163 28.75 -5.61 -44.10
CA PRO B 163 28.88 -4.96 -42.78
C PRO B 163 28.29 -5.76 -41.63
N THR B 164 27.19 -6.48 -41.85
CA THR B 164 26.63 -7.29 -40.79
C THR B 164 27.50 -8.50 -40.46
N VAL B 165 28.13 -9.11 -41.46
CA VAL B 165 29.01 -10.23 -41.12
C VAL B 165 30.30 -9.73 -40.48
N LYS B 166 30.76 -8.52 -40.82
CA LYS B 166 31.94 -7.99 -40.14
C LYS B 166 31.62 -7.62 -38.69
N GLY B 167 30.45 -7.01 -38.46
CA GLY B 167 30.02 -6.72 -37.11
C GLY B 167 29.77 -7.96 -36.28
N ALA B 168 29.22 -9.00 -36.89
CA ALA B 168 28.98 -10.25 -36.18
C ALA B 168 30.29 -10.94 -35.84
N VAL B 169 31.29 -10.84 -36.74
CA VAL B 169 32.59 -11.42 -36.47
C VAL B 169 33.26 -10.74 -35.29
N ILE B 170 33.24 -9.40 -35.26
CA ILE B 170 33.95 -8.71 -34.18
C ILE B 170 33.18 -8.85 -32.87
N LEU B 171 31.85 -8.97 -32.95
CA LEU B 171 31.08 -9.08 -31.71
C LEU B 171 31.22 -10.48 -31.12
N SER B 172 31.33 -11.50 -31.97
CA SER B 172 31.66 -12.83 -31.48
C SER B 172 33.07 -12.87 -30.89
N LEU B 173 33.99 -12.11 -31.49
CA LEU B 173 35.34 -12.01 -30.96
C LEU B 173 35.35 -11.36 -29.59
N VAL B 174 34.50 -10.34 -29.39
CA VAL B 174 34.49 -9.66 -28.10
C VAL B 174 33.76 -10.49 -27.06
N TRP B 175 32.81 -11.34 -27.49
CA TRP B 175 32.16 -12.25 -26.54
C TRP B 175 33.14 -13.34 -26.10
N PHE B 176 33.95 -13.84 -27.02
CA PHE B 176 35.00 -14.79 -26.68
C PHE B 176 36.02 -14.17 -25.73
N LEU B 177 36.42 -12.92 -25.99
CA LEU B 177 37.41 -12.28 -25.13
C LEU B 177 36.84 -12.01 -23.74
N TYR B 178 35.54 -11.69 -23.65
CA TYR B 178 34.92 -11.50 -22.36
C TYR B 178 34.88 -12.78 -21.55
N ARG B 179 34.54 -13.91 -22.21
CA ARG B 179 34.52 -15.19 -21.51
C ARG B 179 35.92 -15.62 -21.09
N TRP B 180 36.91 -15.38 -21.96
CA TRP B 180 38.29 -15.70 -21.62
C TRP B 180 38.79 -14.85 -20.45
N LYS B 181 38.34 -13.59 -20.40
CA LYS B 181 38.81 -12.69 -19.35
C LYS B 181 38.21 -13.05 -18.00
N THR B 182 36.92 -13.40 -17.97
CA THR B 182 36.37 -13.82 -16.67
C THR B 182 36.93 -15.16 -16.24
N ASN B 183 37.30 -16.02 -17.20
CA ASN B 183 37.94 -17.29 -16.84
C ASN B 183 39.34 -17.07 -16.26
N VAL B 184 40.11 -16.13 -16.80
CA VAL B 184 41.47 -15.95 -16.28
C VAL B 184 41.47 -15.10 -15.01
N ILE B 185 40.40 -14.35 -14.77
CA ILE B 185 40.33 -13.67 -13.48
C ILE B 185 39.82 -14.62 -12.41
N THR B 186 38.98 -15.59 -12.76
CA THR B 186 38.60 -16.56 -11.74
C THR B 186 39.66 -17.64 -11.55
N ARG B 187 40.65 -17.63 -12.44
CA ARG B 187 41.82 -18.54 -12.33
C ARG B 187 42.80 -17.91 -11.33
N MET B 188 42.95 -16.59 -11.39
CA MET B 188 43.84 -15.85 -10.48
C MET B 188 43.22 -15.66 -9.10
N LEU B 189 41.90 -15.71 -9.00
CA LEU B 189 41.21 -15.71 -7.73
C LEU B 189 41.20 -17.08 -7.07
N SER B 190 41.71 -18.10 -7.76
CA SER B 190 41.91 -19.42 -7.21
C SER B 190 43.38 -19.63 -6.84
N ALA B 191 44.03 -18.57 -6.38
CA ALA B 191 45.44 -18.63 -6.00
C ALA B 191 45.75 -17.61 -4.92
N ASP B 198 45.45 -5.63 -2.51
CA ASP B 198 45.57 -6.05 -3.90
C ASP B 198 44.49 -7.05 -4.26
N ARG B 199 43.30 -6.84 -3.67
CA ARG B 199 42.13 -7.72 -3.90
C ARG B 199 40.99 -6.90 -4.50
N GLU B 200 40.63 -5.77 -3.88
CA GLU B 200 39.54 -4.93 -4.37
C GLU B 200 39.94 -4.24 -5.66
N LYS B 201 41.25 -3.96 -5.82
CA LYS B 201 41.76 -3.38 -7.06
C LYS B 201 41.56 -4.33 -8.23
N VAL B 202 41.70 -5.64 -7.99
CA VAL B 202 41.45 -6.65 -9.00
C VAL B 202 40.01 -6.61 -9.47
N LEU B 203 39.07 -6.49 -8.52
CA LEU B 203 37.66 -6.52 -8.87
C LEU B 203 37.24 -5.25 -9.61
N THR B 204 37.65 -4.08 -9.13
CA THR B 204 37.29 -2.87 -9.86
C THR B 204 38.01 -2.80 -11.20
N LEU B 205 39.20 -3.40 -11.30
CA LEU B 205 39.97 -3.36 -12.53
C LEU B 205 39.33 -4.23 -13.61
N ASP B 206 38.97 -5.47 -13.27
CA ASP B 206 38.42 -6.31 -14.32
C ASP B 206 36.95 -5.97 -14.58
N LYS B 207 36.28 -5.28 -13.65
CA LYS B 207 34.95 -4.77 -13.98
C LYS B 207 35.03 -3.61 -14.98
N VAL B 208 35.93 -2.65 -14.76
CA VAL B 208 36.02 -1.55 -15.73
C VAL B 208 36.65 -2.04 -17.02
N SER B 209 37.47 -3.10 -16.96
CA SER B 209 37.99 -3.71 -18.16
C SER B 209 36.93 -4.46 -18.96
N SER B 210 35.97 -5.10 -18.28
CA SER B 210 34.85 -5.72 -18.96
C SER B 210 33.99 -4.67 -19.67
N VAL B 211 33.68 -3.57 -18.98
CA VAL B 211 32.85 -2.56 -19.61
C VAL B 211 33.61 -1.80 -20.71
N GLY B 212 34.94 -1.69 -20.59
CA GLY B 212 35.71 -1.04 -21.63
C GLY B 212 35.91 -1.94 -22.83
N LEU B 213 36.00 -3.25 -22.61
CA LEU B 213 36.11 -4.19 -23.72
C LEU B 213 34.78 -4.26 -24.47
N PHE B 214 33.67 -4.18 -23.75
CA PHE B 214 32.37 -4.07 -24.42
C PHE B 214 32.24 -2.77 -25.21
N ALA B 215 32.74 -1.67 -24.66
CA ALA B 215 32.72 -0.39 -25.36
C ALA B 215 33.58 -0.42 -26.62
N ILE B 216 34.78 -1.03 -26.56
CA ILE B 216 35.64 -1.04 -27.74
C ILE B 216 35.12 -2.04 -28.77
N GLY B 217 34.36 -3.04 -28.32
CA GLY B 217 33.68 -3.90 -29.28
C GLY B 217 32.58 -3.16 -30.02
N LEU B 218 31.84 -2.31 -29.32
CA LEU B 218 30.78 -1.56 -29.98
C LEU B 218 31.36 -0.48 -30.90
N MET B 219 32.47 0.13 -30.49
CA MET B 219 33.10 1.11 -31.38
C MET B 219 33.91 0.46 -32.49
N ALA B 220 34.16 -0.84 -32.44
CA ALA B 220 34.61 -1.56 -33.62
C ALA B 220 33.46 -1.93 -34.54
N SER B 221 32.27 -2.17 -33.98
CA SER B 221 31.08 -2.39 -34.80
C SER B 221 30.62 -1.12 -35.49
N ALA B 222 30.90 0.05 -34.91
CA ALA B 222 30.53 1.30 -35.55
C ALA B 222 31.45 1.64 -36.72
N GLU B 223 32.63 1.02 -36.77
CA GLU B 223 33.56 1.29 -37.87
C GLU B 223 33.07 0.67 -39.17
N ALA B 224 32.53 -0.54 -39.10
CA ALA B 224 31.99 -1.21 -40.29
C ALA B 224 30.48 -1.30 -40.23
N VAL B 235 23.33 6.24 -32.23
CA VAL B 235 23.57 5.51 -30.99
C VAL B 235 22.31 4.75 -30.59
N GLY B 236 21.20 5.04 -31.26
CA GLY B 236 19.94 4.38 -30.95
C GLY B 236 19.04 5.14 -30.00
N GLY B 237 19.55 6.14 -29.31
CA GLY B 237 18.73 6.97 -28.45
C GLY B 237 18.72 6.60 -26.99
N VAL B 238 19.66 5.79 -26.52
CA VAL B 238 19.70 5.44 -25.10
C VAL B 238 20.36 6.53 -24.28
N GLY B 239 21.07 7.45 -24.94
CA GLY B 239 21.92 8.38 -24.22
C GLY B 239 21.13 9.39 -23.41
N GLY B 240 20.05 9.91 -24.00
CA GLY B 240 19.22 10.85 -23.26
C GLY B 240 18.56 10.21 -22.06
N VAL B 241 18.21 8.93 -22.18
CA VAL B 241 17.59 8.22 -21.07
C VAL B 241 18.57 8.01 -19.93
N VAL B 242 19.79 7.57 -20.26
CA VAL B 242 20.73 7.29 -19.17
C VAL B 242 21.30 8.58 -18.57
N THR B 243 21.42 9.66 -19.35
CA THR B 243 21.83 10.89 -18.71
C THR B 243 20.70 11.50 -17.92
N ALA B 244 19.45 11.28 -18.31
CA ALA B 244 18.34 11.71 -17.48
C ALA B 244 18.34 11.00 -16.14
N PHE B 245 18.55 9.68 -16.17
CA PHE B 245 18.54 8.90 -14.93
C PHE B 245 19.72 9.26 -14.04
N ALA B 246 20.92 9.35 -14.62
CA ALA B 246 22.10 9.66 -13.83
C ALA B 246 22.08 11.08 -13.31
N ALA B 247 21.55 12.02 -14.11
CA ALA B 247 21.42 13.39 -13.65
C ALA B 247 20.43 13.49 -12.51
N ARG B 248 19.31 12.77 -12.62
CA ARG B 248 18.32 12.73 -11.55
C ARG B 248 18.92 12.22 -10.26
N ASP B 249 19.59 11.05 -10.30
CA ASP B 249 20.15 10.45 -9.09
C ASP B 249 21.25 11.31 -8.49
N ILE B 250 22.29 11.61 -9.27
CA ILE B 250 23.46 12.29 -8.73
C ILE B 250 23.12 13.73 -8.35
N LEU B 251 22.47 14.47 -9.24
CA LEU B 251 22.20 15.85 -8.90
C LEU B 251 21.08 16.02 -7.90
N GLY B 252 20.15 15.07 -7.79
CA GLY B 252 19.20 15.13 -6.69
C GLY B 252 19.88 14.92 -5.35
N ASN B 253 20.85 14.01 -5.30
CA ASN B 253 21.59 13.81 -4.06
C ASN B 253 22.41 15.03 -3.70
N VAL B 254 23.09 15.66 -4.66
CA VAL B 254 23.93 16.81 -4.29
C VAL B 254 23.07 18.04 -4.02
N LEU B 255 21.92 18.16 -4.68
CA LEU B 255 21.01 19.26 -4.40
C LEU B 255 20.45 19.18 -2.99
N SER B 256 20.01 17.99 -2.57
CA SER B 256 19.53 17.86 -1.22
C SER B 256 20.66 18.00 -0.22
N GLY B 257 21.86 17.59 -0.60
CA GLY B 257 23.00 17.74 0.29
C GLY B 257 23.41 19.18 0.52
N LEU B 258 23.10 20.05 -0.43
CA LEU B 258 23.32 21.48 -0.18
C LEU B 258 22.14 22.17 0.49
N SER B 259 20.90 21.79 0.14
CA SER B 259 19.77 22.43 0.79
C SER B 259 19.69 22.06 2.27
N MET B 260 20.16 20.88 2.64
CA MET B 260 20.30 20.57 4.05
C MET B 260 21.46 21.31 4.68
N GLN B 261 22.43 21.76 3.90
CA GLN B 261 23.52 22.54 4.47
C GLN B 261 23.12 23.98 4.70
N PHE B 262 22.19 24.51 3.93
CA PHE B 262 21.75 25.87 4.22
C PHE B 262 20.77 25.88 5.38
N SER B 263 19.62 25.24 5.21
CA SER B 263 18.56 25.28 6.21
C SER B 263 18.64 24.02 7.05
N ARG B 264 19.50 24.07 8.08
CA ARG B 264 19.97 22.88 8.79
C ARG B 264 18.87 22.19 9.58
N PRO B 265 18.46 20.99 9.23
CA PRO B 265 17.46 20.31 10.04
C PRO B 265 18.07 19.52 11.17
N PHE B 266 19.49 19.19 11.27
CA PHE B 266 20.18 18.45 12.31
C PHE B 266 21.67 18.74 12.21
N SER B 267 22.42 18.28 13.21
CA SER B 267 23.86 18.44 13.25
C SER B 267 24.48 17.11 13.60
N MET B 268 25.80 17.08 13.65
CA MET B 268 26.55 15.86 13.94
C MET B 268 26.33 15.46 15.40
N GLY B 269 25.85 14.24 15.61
CA GLY B 269 25.57 13.73 16.93
C GLY B 269 24.11 13.72 17.30
N ASP B 270 23.26 14.39 16.54
CA ASP B 270 21.84 14.45 16.86
C ASP B 270 21.16 13.13 16.55
N THR B 271 20.19 12.76 17.36
CA THR B 271 19.36 11.60 17.12
C THR B 271 18.14 12.05 16.33
N ILE B 272 17.99 11.53 15.12
CA ILE B 272 16.90 11.94 14.25
C ILE B 272 16.05 10.73 13.89
N LYS B 273 14.86 11.04 13.36
CA LYS B 273 14.00 10.05 12.73
C LYS B 273 13.42 10.70 11.49
N ALA B 274 13.67 10.11 10.32
CA ALA B 274 13.20 10.67 9.06
C ALA B 274 12.50 9.58 8.26
N GLY B 275 11.21 9.41 8.52
CA GLY B 275 10.46 8.37 7.84
C GLY B 275 10.82 6.99 8.32
N SER B 276 11.52 6.24 7.46
CA SER B 276 11.88 4.86 7.79
C SER B 276 13.15 4.75 8.61
N VAL B 277 14.04 5.72 8.53
CA VAL B 277 15.33 5.64 9.20
C VAL B 277 15.27 6.39 10.52
N GLU B 278 16.12 5.97 11.45
CA GLU B 278 16.16 6.53 12.79
C GLU B 278 17.47 6.19 13.47
N GLY B 279 18.12 7.17 14.07
CA GLY B 279 19.35 6.91 14.77
C GLY B 279 20.19 8.17 14.89
N GLN B 280 21.41 7.98 15.38
CA GLN B 280 22.33 9.09 15.53
C GLN B 280 22.98 9.45 14.21
N VAL B 281 23.39 10.70 14.07
CA VAL B 281 24.03 11.18 12.86
C VAL B 281 25.53 11.15 13.09
N ILE B 282 26.25 10.24 12.42
CA ILE B 282 27.68 10.09 12.64
C ILE B 282 28.52 10.65 11.51
N GLU B 283 27.94 10.93 10.35
CA GLU B 283 28.71 11.44 9.22
C GLU B 283 27.76 12.13 8.26
N MET B 284 27.87 13.44 8.13
CA MET B 284 27.12 14.20 7.14
C MET B 284 28.02 14.38 5.91
N GLY B 285 27.69 13.69 4.83
CA GLY B 285 28.50 13.67 3.63
C GLY B 285 27.91 14.49 2.50
N LEU B 286 28.57 14.41 1.35
CA LEU B 286 28.17 15.19 0.19
C LEU B 286 26.99 14.56 -0.53
N THR B 287 26.97 13.24 -0.64
CA THR B 287 25.87 12.52 -1.28
C THR B 287 25.12 11.59 -0.36
N THR B 288 25.73 11.16 0.75
CA THR B 288 25.08 10.26 1.69
C THR B 288 25.35 10.71 3.12
N THR B 289 24.31 10.68 3.94
CA THR B 289 24.43 10.79 5.38
C THR B 289 24.61 9.39 5.96
N SER B 290 25.31 9.31 7.08
CA SER B 290 25.50 8.03 7.77
C SER B 290 24.90 8.14 9.16
N LEU B 291 24.02 7.20 9.48
CA LEU B 291 23.39 7.12 10.78
C LEU B 291 23.88 5.88 11.52
N LEU B 292 23.54 5.83 12.79
CA LEU B 292 23.81 4.68 13.64
C LEU B 292 22.48 4.34 14.31
N ASN B 293 21.89 3.22 13.93
CA ASN B 293 20.50 2.93 14.32
C ASN B 293 20.45 2.40 15.74
N ALA B 294 19.30 1.83 16.13
CA ALA B 294 19.06 1.44 17.51
C ALA B 294 19.91 0.24 17.92
N GLU B 295 20.30 -0.61 16.97
CA GLU B 295 21.20 -1.71 17.25
C GLU B 295 22.65 -1.36 16.94
N LYS B 296 22.94 -0.07 16.72
CA LYS B 296 24.28 0.47 16.53
C LYS B 296 24.96 -0.10 15.28
N PHE B 297 24.19 -0.33 14.24
CA PHE B 297 24.65 -0.67 12.90
C PHE B 297 24.74 0.60 12.07
N PRO B 298 25.77 0.79 11.26
CA PRO B 298 25.84 1.99 10.40
C PRO B 298 24.89 1.89 9.22
N VAL B 299 23.95 2.82 9.16
CA VAL B 299 23.01 2.95 8.05
C VAL B 299 23.54 4.02 7.11
N LEU B 300 23.35 3.82 5.80
CA LEU B 300 23.83 4.74 4.78
C LEU B 300 22.62 5.26 4.02
N VAL B 301 22.26 6.52 4.26
CA VAL B 301 21.05 7.13 3.73
C VAL B 301 21.45 8.11 2.64
N PRO B 302 20.87 8.06 1.44
CA PRO B 302 21.10 9.12 0.46
C PRO B 302 20.38 10.40 0.84
N ASN B 303 21.01 11.54 0.50
CA ASN B 303 20.52 12.85 0.93
C ASN B 303 19.14 13.18 0.38
N SER B 304 18.82 12.66 -0.81
CA SER B 304 17.54 12.95 -1.45
C SER B 304 16.33 12.38 -0.71
N LEU B 305 16.55 11.56 0.30
CA LEU B 305 15.47 11.08 1.15
C LEU B 305 15.14 12.06 2.27
N PHE B 306 15.86 13.17 2.37
CA PHE B 306 15.53 14.25 3.30
C PHE B 306 14.95 15.46 2.61
N SER B 307 14.43 15.30 1.39
CA SER B 307 14.10 16.47 0.58
C SER B 307 12.81 17.14 1.03
N SER B 308 11.71 16.40 1.06
CA SER B 308 10.43 16.95 1.50
C SER B 308 9.75 15.98 2.46
N GLN B 309 10.52 15.47 3.42
CA GLN B 309 10.02 14.59 4.45
C GLN B 309 10.07 15.29 5.79
N VAL B 310 9.28 14.76 6.72
CA VAL B 310 9.31 15.27 8.09
C VAL B 310 10.48 14.67 8.84
N ILE B 311 11.16 15.50 9.61
CA ILE B 311 12.36 15.09 10.33
C ILE B 311 12.12 15.40 11.80
N VAL B 312 12.02 14.35 12.60
CA VAL B 312 11.90 14.50 14.04
C VAL B 312 13.30 14.54 14.62
N ASN B 313 13.61 15.60 15.36
CA ASN B 313 14.93 15.79 15.92
C ASN B 313 14.84 15.61 17.43
N LYS B 314 15.21 14.43 17.91
CA LYS B 314 15.04 14.08 19.32
C LYS B 314 16.10 14.69 20.21
N SER B 315 17.08 15.40 19.68
CA SER B 315 18.16 15.96 20.48
C SER B 315 18.05 17.46 20.67
N ARG B 316 16.98 18.08 20.18
CA ARG B 316 16.74 19.49 20.40
C ARG B 316 15.58 19.75 21.36
N ALA B 317 15.02 18.70 21.96
CA ALA B 317 13.94 18.86 22.91
C ALA B 317 14.42 19.55 24.17
N GLN B 318 13.56 20.42 24.73
CA GLN B 318 13.87 21.13 25.95
C GLN B 318 13.11 20.61 27.16
N TRP B 319 12.13 19.74 26.96
CA TRP B 319 11.50 18.99 28.03
C TRP B 319 10.93 17.72 27.42
N ARG B 320 10.73 16.72 28.26
CA ARG B 320 10.28 15.41 27.83
C ARG B 320 8.95 15.09 28.49
N ALA B 321 8.11 14.36 27.80
CA ALA B 321 6.82 13.96 28.35
C ALA B 321 6.86 12.49 28.74
N ILE B 322 6.59 12.19 30.00
CA ILE B 322 6.51 10.80 30.45
C ILE B 322 5.11 10.52 30.93
N ALA B 323 4.71 9.25 30.83
CA ALA B 323 3.40 8.78 31.25
C ALA B 323 3.50 7.30 31.58
N SER B 324 2.53 6.82 32.34
CA SER B 324 2.46 5.43 32.76
C SER B 324 1.04 5.12 33.22
N LYS B 325 0.75 3.84 33.35
CA LYS B 325 -0.52 3.35 33.86
C LYS B 325 -0.26 2.45 35.05
N ILE B 326 -1.08 2.59 36.08
CA ILE B 326 -0.96 1.79 37.30
C ILE B 326 -2.30 1.10 37.54
N PRO B 327 -2.34 -0.23 37.54
CA PRO B 327 -3.59 -0.92 37.89
C PRO B 327 -3.74 -1.06 39.40
N LEU B 328 -5.00 -1.05 39.84
CA LEU B 328 -5.34 -1.02 41.25
C LEU B 328 -6.34 -2.11 41.56
N GLN B 329 -6.14 -2.79 42.69
CA GLN B 329 -7.14 -3.72 43.22
C GLN B 329 -7.81 -3.00 44.38
N ILE B 330 -8.85 -2.24 44.05
CA ILE B 330 -9.56 -1.42 45.02
C ILE B 330 -11.04 -1.67 44.85
N ASP B 331 -11.74 -1.92 45.95
CA ASP B 331 -13.17 -2.18 45.92
C ASP B 331 -14.00 -0.97 46.27
N ASP B 332 -13.46 -0.05 47.07
CA ASP B 332 -14.16 1.15 47.49
C ASP B 332 -13.45 2.34 46.85
N LEU B 333 -14.06 2.91 45.82
CA LEU B 333 -13.41 3.91 45.00
C LEU B 333 -13.49 5.31 45.61
N ASP B 334 -14.06 5.45 46.80
CA ASP B 334 -14.14 6.76 47.45
C ASP B 334 -12.79 7.32 47.85
N MET B 335 -11.75 6.48 47.91
CA MET B 335 -10.38 6.94 48.13
C MET B 335 -9.65 7.32 46.84
N ILE B 336 -10.25 7.10 45.68
CA ILE B 336 -9.66 7.39 44.38
C ILE B 336 -9.33 8.87 44.15
N PRO B 337 -10.20 9.89 44.53
CA PRO B 337 -9.76 11.30 44.36
C PRO B 337 -8.53 11.69 45.14
N GLN B 338 -8.54 11.43 46.46
CA GLN B 338 -7.48 11.84 47.38
C GLN B 338 -6.12 11.34 46.93
N ILE B 339 -6.03 10.04 46.63
CA ILE B 339 -4.83 9.40 46.09
C ILE B 339 -4.32 10.16 44.88
N SER B 340 -5.22 10.44 43.93
CA SER B 340 -4.88 11.18 42.72
C SER B 340 -4.31 12.54 43.04
N ASN B 341 -4.95 13.26 43.97
CA ASN B 341 -4.46 14.57 44.39
C ASN B 341 -3.08 14.45 45.03
N GLU B 342 -2.91 13.42 45.87
CA GLU B 342 -1.63 13.13 46.50
C GLU B 342 -0.55 12.91 45.46
N ILE B 343 -0.88 12.13 44.42
CA ILE B 343 0.10 11.81 43.39
C ILE B 343 0.47 13.07 42.63
N LYS B 344 -0.51 13.95 42.41
CA LYS B 344 -0.22 15.20 41.71
C LYS B 344 0.68 16.09 42.55
N GLU B 345 0.48 16.08 43.88
CA GLU B 345 1.38 16.83 44.74
C GLU B 345 2.77 16.27 44.71
N MET B 346 2.89 14.93 44.61
CA MET B 346 4.20 14.30 44.49
C MET B 346 4.88 14.73 43.21
N LEU B 347 4.11 14.96 42.16
CA LEU B 347 4.71 15.35 40.91
C LEU B 347 4.99 16.83 40.82
N ARG B 348 4.56 17.63 41.81
CA ARG B 348 4.85 19.06 41.72
C ARG B 348 5.90 19.52 42.72
N SER B 349 5.96 18.90 43.90
CA SER B 349 7.06 19.15 44.82
C SER B 349 8.36 18.52 44.37
N ASN B 350 8.31 17.62 43.39
CA ASN B 350 9.49 16.95 42.87
C ASN B 350 10.28 17.90 42.00
N THR B 351 11.59 17.89 42.14
CA THR B 351 12.45 18.51 41.14
C THR B 351 12.51 17.62 39.91
N LYS B 352 13.24 18.08 38.89
CA LYS B 352 13.37 17.45 37.58
C LYS B 352 12.06 17.34 36.83
N VAL B 353 11.01 18.05 37.24
CA VAL B 353 9.78 18.13 36.47
C VAL B 353 9.62 19.58 36.00
N PHE B 354 8.84 19.75 34.94
CA PHE B 354 8.74 21.02 34.24
C PHE B 354 7.28 21.46 34.28
N LEU B 355 6.96 22.40 35.15
CA LEU B 355 5.60 22.89 35.31
C LEU B 355 5.32 24.10 34.43
N GLY B 356 6.07 24.28 33.35
CA GLY B 356 5.91 25.48 32.55
C GLY B 356 4.67 25.47 31.68
N LYS B 357 4.35 24.32 31.06
CA LYS B 357 3.26 24.28 30.09
C LYS B 357 2.08 23.45 30.56
N GLU B 358 2.29 22.19 30.91
CA GLU B 358 1.21 21.31 31.32
C GLU B 358 1.39 20.91 32.78
N ALA B 359 0.30 20.97 33.53
CA ALA B 359 0.32 20.46 34.89
C ALA B 359 0.40 18.94 34.86
N PRO B 360 1.03 18.33 35.86
CA PRO B 360 1.02 16.87 35.94
C PRO B 360 -0.37 16.34 36.19
N HIS B 361 -0.67 15.20 35.58
CA HIS B 361 -2.01 14.64 35.69
C HIS B 361 -1.94 13.22 36.24
N CYS B 362 -3.03 12.84 36.92
CA CYS B 362 -3.20 11.48 37.40
C CYS B 362 -4.69 11.25 37.51
N TYR B 363 -5.27 10.58 36.51
CA TYR B 363 -6.71 10.42 36.48
C TYR B 363 -7.07 8.96 36.32
N LEU B 364 -8.36 8.66 36.39
CA LEU B 364 -8.88 7.30 36.36
C LEU B 364 -9.43 7.01 34.97
N SER B 365 -8.80 6.07 34.27
CA SER B 365 -9.12 5.84 32.87
C SER B 365 -10.15 4.75 32.65
N ARG B 366 -10.16 3.72 33.48
CA ARG B 366 -11.11 2.62 33.30
C ARG B 366 -11.30 1.91 34.63
N VAL B 367 -12.45 1.26 34.76
CA VAL B 367 -12.84 0.59 36.00
C VAL B 367 -13.36 -0.79 35.64
N GLU B 368 -13.35 -1.69 36.62
CA GLU B 368 -13.71 -3.10 36.46
C GLU B 368 -13.87 -3.67 37.87
N LYS B 369 -14.25 -4.95 37.95
CA LYS B 369 -14.45 -5.60 39.25
C LYS B 369 -13.11 -5.77 39.98
N SER B 370 -13.03 -5.19 41.17
CA SER B 370 -11.83 -5.18 42.02
C SER B 370 -10.63 -4.64 41.25
N PHE B 371 -10.86 -3.61 40.46
CA PHE B 371 -9.86 -3.15 39.50
C PHE B 371 -10.14 -1.69 39.17
N ALA B 372 -9.06 -0.94 39.02
CA ALA B 372 -9.13 0.42 38.53
C ALA B 372 -7.81 0.67 37.80
N GLU B 373 -7.74 1.78 37.08
CA GLU B 373 -6.51 2.09 36.39
C GLU B 373 -6.25 3.59 36.45
N LEU B 374 -5.07 3.97 36.91
CA LEU B 374 -4.67 5.36 36.95
C LEU B 374 -3.70 5.64 35.80
N THR B 375 -3.92 6.75 35.13
CA THR B 375 -3.01 7.25 34.12
C THR B 375 -2.28 8.44 34.71
N ILE B 376 -0.96 8.33 34.79
CA ILE B 376 -0.09 9.30 35.43
C ILE B 376 0.83 9.89 34.37
N GLY B 377 1.06 11.19 34.44
CA GLY B 377 1.93 11.80 33.47
C GLY B 377 2.44 13.17 33.85
N CYS B 378 3.61 13.53 33.35
CA CYS B 378 4.21 14.82 33.63
C CYS B 378 5.23 15.14 32.55
N ASN B 379 5.79 16.34 32.64
CA ASN B 379 6.89 16.77 31.80
C ASN B 379 8.14 16.91 32.67
N LEU B 380 9.19 16.18 32.31
CA LEU B 380 10.47 16.31 32.95
C LEU B 380 11.32 17.34 32.21
N ILE B 381 12.27 17.94 32.93
CA ILE B 381 13.17 18.94 32.36
C ILE B 381 14.16 18.26 31.42
N ARG B 382 14.93 19.05 30.69
CA ARG B 382 15.92 18.51 29.76
C ARG B 382 17.04 17.81 30.52
N MET B 383 17.27 16.53 30.18
CA MET B 383 18.21 15.72 30.94
C MET B 383 18.76 14.62 30.03
N GLY B 384 19.80 13.97 30.51
CA GLY B 384 20.40 12.87 29.78
C GLY B 384 19.58 11.61 29.86
N LYS B 385 20.02 10.60 29.10
CA LYS B 385 19.25 9.36 28.97
C LYS B 385 19.37 8.45 30.18
N GLU B 386 20.25 8.74 31.13
CA GLU B 386 20.32 7.97 32.36
C GLU B 386 19.45 8.57 33.45
N GLU B 387 19.49 9.90 33.57
CA GLU B 387 18.61 10.61 34.49
C GLU B 387 17.15 10.41 34.13
N LEU B 388 16.85 10.27 32.83
CA LEU B 388 15.49 10.01 32.38
C LEU B 388 14.96 8.69 32.91
N TYR B 389 15.77 7.63 32.79
CA TYR B 389 15.37 6.31 33.27
C TYR B 389 15.25 6.29 34.79
N ASN B 390 16.20 6.92 35.48
CA ASN B 390 16.15 6.98 36.94
C ASN B 390 14.95 7.78 37.43
N THR B 391 14.57 8.84 36.71
CA THR B 391 13.42 9.63 37.11
C THR B 391 12.11 8.90 36.85
N GLN B 392 12.04 8.13 35.76
CA GLN B 392 10.88 7.27 35.51
C GLN B 392 10.70 6.26 36.63
N GLN B 393 11.79 5.57 37.02
CA GLN B 393 11.71 4.59 38.10
C GLN B 393 11.35 5.24 39.43
N GLU B 394 11.95 6.42 39.72
CA GLU B 394 11.68 7.12 40.97
C GLU B 394 10.24 7.58 41.08
N VAL B 395 9.69 8.12 39.97
CA VAL B 395 8.29 8.57 39.96
C VAL B 395 7.34 7.40 40.13
N LEU B 396 7.62 6.28 39.45
CA LEU B 396 6.78 5.09 39.59
C LEU B 396 6.82 4.54 41.02
N LEU B 397 7.99 4.50 41.64
CA LEU B 397 8.10 4.00 43.01
C LEU B 397 7.41 4.92 44.01
N GLU B 398 7.51 6.23 43.82
CA GLU B 398 6.83 7.16 44.72
C GLU B 398 5.32 7.07 44.58
N ALA B 399 4.83 6.90 43.34
CA ALA B 399 3.40 6.71 43.13
C ALA B 399 2.88 5.44 43.79
N VAL B 400 3.66 4.36 43.71
CA VAL B 400 3.23 3.11 44.34
C VAL B 400 3.30 3.23 45.87
N LYS B 401 4.27 3.98 46.41
CA LYS B 401 4.30 4.26 47.85
C LYS B 401 3.08 5.02 48.32
N ILE B 402 2.64 6.01 47.53
CA ILE B 402 1.45 6.78 47.87
C ILE B 402 0.20 5.91 47.80
N ILE B 403 0.11 5.06 46.77
CA ILE B 403 -1.08 4.20 46.60
C ILE B 403 -1.18 3.18 47.73
N LYS B 404 -0.07 2.50 48.05
CA LYS B 404 -0.10 1.54 49.15
C LYS B 404 -0.10 2.20 50.51
N LYS B 405 0.15 3.51 50.60
CA LYS B 405 0.05 4.19 51.89
C LYS B 405 -1.40 4.31 52.34
N HIS B 406 -2.33 4.44 51.39
CA HIS B 406 -3.76 4.51 51.67
C HIS B 406 -4.41 3.16 51.89
N GLY B 407 -3.62 2.10 52.07
CA GLY B 407 -4.16 0.77 52.25
C GLY B 407 -4.87 0.22 51.03
N VAL B 408 -4.26 0.41 49.85
CA VAL B 408 -4.80 -0.05 48.58
C VAL B 408 -3.72 -0.84 47.87
N SER B 409 -4.00 -2.11 47.57
CA SER B 409 -3.03 -2.94 46.88
C SER B 409 -3.14 -2.74 45.36
N LEU B 410 -2.13 -3.24 44.66
CA LEU B 410 -2.12 -3.15 43.20
C LEU B 410 -3.01 -4.22 42.59
N GLY B 411 -3.48 -3.97 41.37
CA GLY B 411 -4.34 -4.89 40.66
C GLY B 411 -3.59 -5.63 39.58
N THR B 412 -4.29 -6.59 38.99
CA THR B 412 -3.70 -7.46 37.97
C THR B 412 -4.47 -7.34 36.67
N THR B 413 -3.74 -7.40 35.56
CA THR B 413 -4.31 -7.27 34.22
C THR B 413 -4.14 -8.60 33.50
N SER C 126 48.38 8.10 2.96
CA SER C 126 47.64 9.35 2.92
C SER C 126 47.88 10.09 1.62
N PHE C 127 49.04 10.75 1.52
CA PHE C 127 49.40 11.44 0.29
C PHE C 127 49.79 10.45 -0.81
N TRP C 128 50.31 9.28 -0.40
CA TRP C 128 50.78 8.25 -1.33
C TRP C 128 49.66 7.79 -2.26
N GLY C 129 48.59 7.24 -1.68
CA GLY C 129 47.50 6.73 -2.50
C GLY C 129 46.71 7.84 -3.18
N ALA C 130 46.62 9.01 -2.54
CA ALA C 130 45.93 10.15 -3.12
C ALA C 130 46.60 10.67 -4.37
N LEU C 131 47.92 10.51 -4.49
CA LEU C 131 48.52 10.80 -5.79
C LEU C 131 48.61 9.56 -6.66
N GLU C 132 48.58 8.37 -6.05
CA GLU C 132 48.86 7.15 -6.78
C GLU C 132 47.69 6.69 -7.62
N ASP C 133 46.50 6.60 -7.03
CA ASP C 133 45.37 5.97 -7.72
C ASP C 133 44.84 6.79 -8.90
N PRO C 134 44.66 8.14 -8.82
CA PRO C 134 44.20 8.83 -10.04
C PRO C 134 45.25 8.91 -11.13
N ALA C 135 46.54 8.92 -10.77
CA ALA C 135 47.58 8.95 -11.79
C ALA C 135 47.64 7.64 -12.56
N ARG C 136 47.59 6.50 -11.84
CA ARG C 136 47.59 5.22 -12.53
C ARG C 136 46.30 5.01 -13.30
N TYR C 137 45.19 5.55 -12.80
CA TYR C 137 43.94 5.48 -13.53
C TYR C 137 43.99 6.32 -14.80
N LEU C 138 44.67 7.47 -14.74
CA LEU C 138 44.72 8.33 -15.92
C LEU C 138 45.66 7.76 -16.97
N VAL C 139 46.75 7.11 -16.56
CA VAL C 139 47.64 6.55 -17.58
C VAL C 139 47.02 5.29 -18.17
N THR C 140 46.23 4.57 -17.37
CA THR C 140 45.44 3.46 -17.91
C THR C 140 44.42 3.96 -18.92
N PHE C 141 43.80 5.11 -18.64
CA PHE C 141 42.81 5.68 -19.55
C PHE C 141 43.42 6.15 -20.85
N ILE C 142 44.57 6.84 -20.81
CA ILE C 142 45.14 7.34 -22.06
C ILE C 142 45.80 6.20 -22.83
N ALA C 143 46.27 5.16 -22.13
CA ALA C 143 46.76 3.97 -22.83
C ALA C 143 45.64 3.22 -23.51
N PHE C 144 44.43 3.27 -22.94
CA PHE C 144 43.27 2.73 -23.64
C PHE C 144 42.91 3.62 -24.83
N ALA C 145 43.02 4.93 -24.67
CA ALA C 145 42.61 5.84 -25.72
C ALA C 145 43.57 5.81 -26.91
N GLN C 146 44.83 5.44 -26.68
CA GLN C 146 45.79 5.33 -27.78
C GLN C 146 45.41 4.21 -28.73
N ILE C 147 45.03 3.04 -28.19
CA ILE C 147 44.55 1.96 -29.04
C ILE C 147 43.11 2.18 -29.47
N ALA C 148 42.37 3.07 -28.80
CA ALA C 148 41.10 3.52 -29.34
C ALA C 148 41.28 4.37 -30.58
N ALA C 149 42.39 5.12 -30.67
CA ALA C 149 42.71 5.89 -31.86
C ALA C 149 43.28 5.05 -32.98
N MET C 150 43.57 3.78 -32.72
CA MET C 150 44.05 2.87 -33.76
C MET C 150 42.92 2.52 -34.73
N VAL C 151 41.75 2.22 -34.19
CA VAL C 151 40.59 1.85 -35.00
C VAL C 151 39.64 3.03 -35.15
N ALA C 158 36.74 8.58 -34.65
CA ALA C 158 36.78 9.68 -33.69
C ALA C 158 38.21 10.16 -33.47
N GLN C 159 38.61 11.17 -34.23
CA GLN C 159 39.95 11.73 -34.12
C GLN C 159 39.89 13.00 -33.29
N TYR C 160 39.75 12.82 -31.98
CA TYR C 160 39.66 13.91 -31.02
C TYR C 160 40.66 13.68 -29.89
N PHE C 161 41.90 13.35 -30.27
CA PHE C 161 42.85 12.81 -29.30
C PHE C 161 43.30 13.85 -28.28
N SER C 162 43.92 14.94 -28.76
CA SER C 162 44.47 15.96 -27.87
C SER C 162 43.47 16.63 -26.93
N PRO C 163 42.23 16.98 -27.33
CA PRO C 163 41.30 17.51 -26.31
C PRO C 163 40.89 16.50 -25.26
N THR C 164 40.73 15.23 -25.63
CA THR C 164 40.38 14.22 -24.63
C THR C 164 41.52 13.94 -23.68
N VAL C 165 42.76 13.94 -24.16
CA VAL C 165 43.86 13.72 -23.21
C VAL C 165 44.07 14.96 -22.33
N LYS C 166 43.77 16.16 -22.83
CA LYS C 166 43.89 17.34 -21.97
C LYS C 166 42.79 17.35 -20.92
N GLY C 167 41.57 16.98 -21.32
CA GLY C 167 40.49 16.87 -20.35
C GLY C 167 40.70 15.77 -19.33
N ALA C 168 41.27 14.65 -19.77
CA ALA C 168 41.57 13.57 -18.84
C ALA C 168 42.67 13.95 -17.87
N VAL C 169 43.65 14.73 -18.34
CA VAL C 169 44.72 15.19 -17.47
C VAL C 169 44.18 16.12 -16.40
N ILE C 170 43.33 17.09 -16.78
CA ILE C 170 42.85 18.03 -15.78
C ILE C 170 41.85 17.38 -14.84
N LEU C 171 41.10 16.38 -15.35
CA LEU C 171 40.12 15.74 -14.49
C LEU C 171 40.79 14.80 -13.50
N SER C 172 41.89 14.15 -13.91
CA SER C 172 42.69 13.40 -12.94
C SER C 172 43.33 14.32 -11.92
N LEU C 173 43.73 15.51 -12.36
CA LEU C 173 44.29 16.51 -11.44
C LEU C 173 43.25 16.96 -10.42
N VAL C 174 42.00 17.11 -10.85
CA VAL C 174 40.98 17.57 -9.92
C VAL C 174 40.54 16.43 -9.00
N TRP C 175 40.66 15.17 -9.45
CA TRP C 175 40.37 14.04 -8.57
C TRP C 175 41.45 13.90 -7.51
N PHE C 176 42.71 14.12 -7.89
CA PHE C 176 43.80 14.14 -6.93
C PHE C 176 43.64 15.26 -5.92
N LEU C 177 43.25 16.45 -6.38
CA LEU C 177 43.08 17.57 -5.46
C LEU C 177 41.91 17.35 -4.51
N TYR C 178 40.85 16.69 -4.99
CA TYR C 178 39.72 16.37 -4.12
C TYR C 178 40.12 15.39 -3.03
N ARG C 179 40.90 14.35 -3.39
CA ARG C 179 41.35 13.38 -2.40
C ARG C 179 42.32 14.02 -1.40
N TRP C 180 43.20 14.90 -1.90
CA TRP C 180 44.12 15.61 -1.00
C TRP C 180 43.37 16.53 -0.06
N LYS C 181 42.28 17.14 -0.54
CA LYS C 181 41.55 18.09 0.27
C LYS C 181 40.77 17.38 1.37
N THR C 182 40.14 16.24 1.06
CA THR C 182 39.44 15.53 2.12
C THR C 182 40.44 14.92 3.11
N ASN C 183 41.65 14.58 2.65
CA ASN C 183 42.66 14.09 3.58
C ASN C 183 43.16 15.19 4.53
N VAL C 184 43.32 16.42 4.03
CA VAL C 184 43.84 17.46 4.90
C VAL C 184 42.72 18.04 5.77
N ILE C 185 41.45 17.86 5.39
CA ILE C 185 40.40 18.26 6.32
C ILE C 185 40.17 17.20 7.36
N THR C 186 40.41 15.92 7.04
CA THR C 186 40.27 14.94 8.12
C THR C 186 41.52 14.88 8.98
N ARG C 187 42.57 15.58 8.54
CA ARG C 187 43.82 15.72 9.32
C ARG C 187 43.60 16.82 10.36
N MET C 188 42.90 17.89 9.96
CA MET C 188 42.60 19.01 10.86
C MET C 188 41.45 18.69 11.81
N LEU C 189 40.60 17.74 11.44
CA LEU C 189 39.56 17.25 12.33
C LEU C 189 40.10 16.22 13.32
N SER C 190 41.37 15.84 13.19
CA SER C 190 42.06 15.00 14.16
C SER C 190 42.95 15.85 15.06
N ALA C 191 42.50 17.06 15.38
CA ALA C 191 43.27 17.97 16.22
C ALA C 191 42.33 18.89 16.99
N ASP C 198 33.63 27.35 15.41
CA ASP C 198 34.61 27.17 14.35
C ASP C 198 34.70 25.70 13.95
N ARG C 199 33.55 25.02 13.99
CA ARG C 199 33.45 23.58 13.64
C ARG C 199 32.49 23.42 12.45
N GLU C 200 31.28 23.98 12.56
CA GLU C 200 30.31 23.85 11.47
C GLU C 200 30.73 24.66 10.26
N LYS C 201 31.46 25.76 10.50
CA LYS C 201 31.99 26.57 9.41
C LYS C 201 33.00 25.77 8.59
N VAL C 202 33.78 24.91 9.24
CA VAL C 202 34.72 24.03 8.56
C VAL C 202 33.98 23.09 7.62
N LEU C 203 32.88 22.51 8.09
CA LEU C 203 32.15 21.53 7.30
C LEU C 203 31.45 22.18 6.12
N THR C 204 30.77 23.30 6.34
CA THR C 204 30.13 23.96 5.20
C THR C 204 31.17 24.53 4.23
N LEU C 205 32.34 24.91 4.75
CA LEU C 205 33.38 25.50 3.91
C LEU C 205 34.00 24.46 3.01
N ASP C 206 34.39 23.30 3.55
CA ASP C 206 35.04 22.34 2.67
C ASP C 206 34.02 21.58 1.82
N LYS C 207 32.73 21.60 2.20
CA LYS C 207 31.72 21.08 1.28
C LYS C 207 31.52 21.99 0.08
N VAL C 208 31.39 23.31 0.30
CA VAL C 208 31.22 24.18 -0.85
C VAL C 208 32.53 24.30 -1.63
N SER C 209 33.67 24.09 -0.97
CA SER C 209 34.94 24.03 -1.66
C SER C 209 35.09 22.79 -2.51
N SER C 210 34.56 21.64 -2.05
CA SER C 210 34.54 20.44 -2.87
C SER C 210 33.69 20.63 -4.12
N VAL C 211 32.48 21.20 -3.95
CA VAL C 211 31.63 21.39 -5.11
C VAL C 211 32.16 22.49 -6.03
N GLY C 212 32.88 23.47 -5.49
CA GLY C 212 33.45 24.50 -6.35
C GLY C 212 34.69 24.01 -7.07
N LEU C 213 35.45 23.11 -6.44
CA LEU C 213 36.61 22.53 -7.11
C LEU C 213 36.16 21.60 -8.22
N PHE C 214 35.06 20.87 -8.00
CA PHE C 214 34.47 20.07 -9.08
C PHE C 214 33.96 20.95 -10.22
N ALA C 215 33.34 22.09 -9.88
CA ALA C 215 32.87 23.02 -10.90
C ALA C 215 34.02 23.62 -11.71
N ILE C 216 35.12 24.00 -11.04
CA ILE C 216 36.23 24.61 -11.77
C ILE C 216 36.99 23.56 -12.57
N GLY C 217 36.92 22.29 -12.15
CA GLY C 217 37.44 21.22 -12.98
C GLY C 217 36.64 21.03 -14.24
N LEU C 218 35.31 21.12 -14.14
CA LEU C 218 34.49 20.96 -15.33
C LEU C 218 34.62 22.16 -16.26
N MET C 219 34.76 23.36 -15.69
CA MET C 219 34.97 24.53 -16.55
C MET C 219 36.39 24.64 -17.06
N ALA C 220 37.34 23.86 -16.52
CA ALA C 220 38.61 23.68 -17.20
C ALA C 220 38.53 22.64 -18.30
N SER C 221 37.67 21.64 -18.15
CA SER C 221 37.42 20.69 -19.24
C SER C 221 36.66 21.31 -20.39
N ALA C 222 35.85 22.34 -20.13
CA ALA C 222 35.14 23.01 -21.20
C ALA C 222 36.06 23.92 -22.02
N GLU C 223 37.22 24.29 -21.47
CA GLU C 223 38.15 25.14 -22.19
C GLU C 223 38.83 24.39 -23.33
N ALA C 224 39.18 23.13 -23.10
CA ALA C 224 39.82 22.31 -24.13
C ALA C 224 38.87 21.20 -24.58
N VAL C 235 25.98 21.58 -22.29
CA VAL C 235 26.00 21.18 -20.89
C VAL C 235 25.49 19.75 -20.74
N GLY C 236 24.90 19.22 -21.81
CA GLY C 236 24.37 17.88 -21.79
C GLY C 236 22.89 17.78 -21.51
N GLY C 237 22.27 18.85 -21.00
CA GLY C 237 20.85 18.87 -20.78
C GLY C 237 20.38 18.55 -19.37
N VAL C 238 21.28 18.58 -18.38
CA VAL C 238 20.85 18.32 -17.01
C VAL C 238 20.23 19.55 -16.37
N GLY C 239 20.40 20.73 -16.99
CA GLY C 239 20.04 21.97 -16.33
C GLY C 239 18.55 22.15 -16.20
N GLY C 240 17.80 21.80 -17.25
CA GLY C 240 16.36 21.89 -17.17
C GLY C 240 15.78 20.94 -16.15
N VAL C 241 16.40 19.77 -15.99
CA VAL C 241 15.93 18.80 -15.02
C VAL C 241 16.16 19.30 -13.60
N VAL C 242 17.36 19.81 -13.33
CA VAL C 242 17.62 20.23 -11.95
C VAL C 242 16.92 21.54 -11.60
N THR C 243 16.70 22.42 -12.57
CA THR C 243 15.90 23.59 -12.23
C THR C 243 14.43 23.25 -12.11
N ALA C 244 13.96 22.22 -12.83
CA ALA C 244 12.59 21.76 -12.62
C ALA C 244 12.41 21.20 -11.23
N PHE C 245 13.38 20.40 -10.77
CA PHE C 245 13.27 19.79 -9.45
C PHE C 245 13.40 20.83 -8.35
N ALA C 246 14.37 21.73 -8.47
CA ALA C 246 14.57 22.75 -7.45
C ALA C 246 13.43 23.75 -7.42
N ALA C 247 12.90 24.09 -8.59
CA ALA C 247 11.76 25.00 -8.65
C ALA C 247 10.53 24.36 -8.02
N ARG C 248 10.31 23.07 -8.29
CA ARG C 248 9.22 22.34 -7.68
C ARG C 248 9.31 22.35 -6.16
N ASP C 249 10.47 21.95 -5.62
CA ASP C 249 10.65 21.87 -4.18
C ASP C 249 10.54 23.24 -3.51
N ILE C 250 11.38 24.19 -3.92
CA ILE C 250 11.46 25.48 -3.24
C ILE C 250 10.17 26.28 -3.45
N LEU C 251 9.72 26.39 -4.69
CA LEU C 251 8.55 27.21 -4.91
C LEU C 251 7.26 26.53 -4.45
N GLY C 252 7.20 25.19 -4.40
CA GLY C 252 6.05 24.57 -3.78
C GLY C 252 5.99 24.84 -2.29
N ASN C 253 7.15 24.85 -1.63
CA ASN C 253 7.16 25.17 -0.23
C ASN C 253 6.76 26.61 0.03
N VAL C 254 7.26 27.56 -0.77
CA VAL C 254 6.91 28.95 -0.50
C VAL C 254 5.47 29.26 -0.93
N LEU C 255 4.98 28.57 -1.95
CA LEU C 255 3.59 28.75 -2.36
C LEU C 255 2.63 28.27 -1.29
N SER C 256 2.90 27.09 -0.71
CA SER C 256 2.03 26.63 0.36
C SER C 256 2.21 27.49 1.60
N GLY C 257 3.41 28.03 1.81
CA GLY C 257 3.63 28.88 2.95
C GLY C 257 2.90 30.21 2.86
N LEU C 258 2.60 30.65 1.65
CA LEU C 258 1.75 31.83 1.53
C LEU C 258 0.26 31.51 1.50
N SER C 259 -0.14 30.41 0.87
CA SER C 259 -1.56 30.06 0.85
C SER C 259 -2.06 29.70 2.24
N MET C 260 -1.20 29.15 3.09
CA MET C 260 -1.58 29.00 4.49
C MET C 260 -1.58 30.32 5.23
N GLN C 261 -0.89 31.33 4.74
CA GLN C 261 -0.94 32.63 5.39
C GLN C 261 -2.18 33.40 5.03
N PHE C 262 -2.75 33.16 3.86
CA PHE C 262 -4.00 33.83 3.55
C PHE C 262 -5.16 33.15 4.23
N SER C 263 -5.42 31.89 3.87
CA SER C 263 -6.59 31.18 4.36
C SER C 263 -6.15 30.30 5.53
N ARG C 264 -6.10 30.89 6.72
CA ARG C 264 -5.40 30.33 7.87
C ARG C 264 -6.04 29.06 8.39
N PRO C 265 -5.40 27.91 8.29
CA PRO C 265 -5.99 26.71 8.86
C PRO C 265 -5.65 26.52 10.32
N PHE C 266 -4.58 27.27 11.01
CA PHE C 266 -4.17 27.16 12.40
C PHE C 266 -3.35 28.40 12.75
N SER C 267 -3.05 28.54 14.03
CA SER C 267 -2.25 29.65 14.53
C SER C 267 -1.19 29.10 15.47
N MET C 268 -0.36 29.99 15.97
CA MET C 268 0.73 29.60 16.87
C MET C 268 0.17 29.12 18.20
N GLY C 269 0.52 27.89 18.59
CA GLY C 269 0.04 27.30 19.82
C GLY C 269 -1.06 26.28 19.63
N ASP C 270 -1.66 26.21 18.45
CA ASP C 270 -2.75 25.28 18.22
C ASP C 270 -2.22 23.86 18.09
N THR C 271 -3.00 22.90 18.59
CA THR C 271 -2.70 21.48 18.43
C THR C 271 -3.38 20.99 17.17
N ILE C 272 -2.60 20.55 16.20
CA ILE C 272 -3.14 20.12 14.92
C ILE C 272 -2.77 18.68 14.66
N LYS C 273 -3.47 18.09 13.69
CA LYS C 273 -3.12 16.80 13.12
C LYS C 273 -3.31 16.91 11.62
N ALA C 274 -2.26 16.68 10.85
CA ALA C 274 -2.32 16.80 9.39
C ALA C 274 -1.73 15.55 8.77
N GLY C 275 -2.55 14.53 8.60
CA GLY C 275 -2.08 13.28 8.04
C GLY C 275 -1.20 12.51 9.01
N SER C 276 0.09 12.46 8.73
CA SER C 276 1.01 11.70 9.55
C SER C 276 1.51 12.47 10.76
N VAL C 277 1.52 13.79 10.72
CA VAL C 277 2.08 14.60 11.78
C VAL C 277 0.97 15.06 12.71
N GLU C 278 1.34 15.32 13.96
CA GLU C 278 0.40 15.71 15.00
C GLU C 278 1.13 16.34 16.16
N GLY C 279 0.67 17.50 16.62
CA GLY C 279 1.28 18.14 17.77
C GLY C 279 0.98 19.62 17.78
N GLN C 280 1.65 20.31 18.71
CA GLN C 280 1.48 21.75 18.83
C GLN C 280 2.29 22.47 17.77
N VAL C 281 1.84 23.67 17.42
CA VAL C 281 2.52 24.50 16.43
C VAL C 281 3.38 25.50 17.18
N ILE C 282 4.71 25.34 17.10
CA ILE C 282 5.61 26.21 17.85
C ILE C 282 6.32 27.23 16.99
N GLU C 283 6.33 27.06 15.67
CA GLU C 283 7.03 27.99 14.78
C GLU C 283 6.44 27.86 13.38
N MET C 284 5.75 28.90 12.92
CA MET C 284 5.27 28.96 11.54
C MET C 284 6.29 29.73 10.72
N GLY C 285 7.01 29.03 9.85
CA GLY C 285 8.09 29.62 9.08
C GLY C 285 7.73 29.84 7.62
N LEU C 286 8.74 30.25 6.87
CA LEU C 286 8.54 30.58 5.46
C LEU C 286 8.51 29.33 4.58
N THR C 287 9.36 28.35 4.88
CA THR C 287 9.40 27.10 4.14
C THR C 287 9.07 25.88 4.98
N THR C 288 9.21 25.96 6.30
CA THR C 288 8.92 24.83 7.19
C THR C 288 8.15 25.32 8.40
N THR C 289 7.12 24.55 8.77
CA THR C 289 6.47 24.68 10.06
C THR C 289 7.19 23.77 11.06
N SER C 290 7.16 24.16 12.33
CA SER C 290 7.75 23.35 13.38
C SER C 290 6.66 22.97 14.37
N LEU C 291 6.52 21.68 14.63
CA LEU C 291 5.57 21.16 15.58
C LEU C 291 6.31 20.57 16.77
N LEU C 292 5.54 20.26 17.80
CA LEU C 292 6.02 19.59 19.01
C LEU C 292 5.07 18.42 19.22
N ASN C 293 5.56 17.20 19.02
CA ASN C 293 4.68 16.05 18.96
C ASN C 293 4.31 15.58 20.37
N ALA C 294 3.74 14.37 20.46
CA ALA C 294 3.21 13.88 21.73
C ALA C 294 4.29 13.58 22.75
N GLU C 295 5.50 13.27 22.31
CA GLU C 295 6.63 13.08 23.20
C GLU C 295 7.48 14.32 23.33
N LYS C 296 6.97 15.47 22.85
CA LYS C 296 7.57 16.79 22.99
C LYS C 296 8.95 16.88 22.30
N PHE C 297 9.07 16.19 21.17
CA PHE C 297 10.19 16.30 20.25
C PHE C 297 9.85 17.31 19.16
N PRO C 298 10.77 18.17 18.75
CA PRO C 298 10.47 19.11 17.67
C PRO C 298 10.48 18.42 16.30
N VAL C 299 9.33 18.45 15.64
CA VAL C 299 9.16 17.93 14.28
C VAL C 299 9.27 19.09 13.31
N LEU C 300 9.88 18.85 12.15
CA LEU C 300 10.09 19.87 11.14
C LEU C 300 9.35 19.46 9.87
N VAL C 301 8.24 20.11 9.59
CA VAL C 301 7.33 19.75 8.50
C VAL C 301 7.49 20.77 7.38
N PRO C 302 7.71 20.35 6.14
CA PRO C 302 7.65 21.31 5.02
C PRO C 302 6.23 21.74 4.73
N ASN C 303 6.08 23.00 4.30
CA ASN C 303 4.76 23.61 4.13
C ASN C 303 3.94 22.92 3.04
N SER C 304 4.60 22.35 2.04
CA SER C 304 3.90 21.71 0.92
C SER C 304 3.14 20.45 1.32
N LEU C 305 3.32 19.96 2.54
CA LEU C 305 2.54 18.86 3.07
C LEU C 305 1.21 19.31 3.65
N PHE C 306 0.93 20.62 3.66
CA PHE C 306 -0.36 21.14 4.05
C PHE C 306 -1.17 21.65 2.86
N SER C 307 -0.84 21.21 1.64
CA SER C 307 -1.40 21.86 0.45
C SER C 307 -2.84 21.44 0.21
N SER C 308 -3.10 20.15 0.06
CA SER C 308 -4.45 19.66 -0.17
C SER C 308 -4.73 18.47 0.73
N GLN C 309 -4.37 18.60 2.01
CA GLN C 309 -4.62 17.58 3.01
C GLN C 309 -5.64 18.09 4.01
N VAL C 310 -6.25 17.16 4.72
CA VAL C 310 -7.18 17.50 5.78
C VAL C 310 -6.40 17.85 7.04
N ILE C 311 -6.84 18.90 7.72
CA ILE C 311 -6.16 19.41 8.89
C ILE C 311 -7.18 19.43 10.02
N VAL C 312 -6.98 18.58 11.01
CA VAL C 312 -7.80 18.56 12.20
C VAL C 312 -7.21 19.54 13.20
N ASN C 313 -8.01 20.50 13.64
CA ASN C 313 -7.54 21.54 14.55
C ASN C 313 -8.20 21.30 15.91
N LYS C 314 -7.45 20.68 16.82
CA LYS C 314 -7.98 20.28 18.11
C LYS C 314 -8.11 21.42 19.10
N SER C 315 -7.67 22.63 18.75
CA SER C 315 -7.70 23.75 19.67
C SER C 315 -8.79 24.76 19.36
N ARG C 316 -9.62 24.49 18.35
CA ARG C 316 -10.75 25.35 18.04
C ARG C 316 -12.09 24.72 18.41
N ALA C 317 -12.07 23.55 19.05
CA ALA C 317 -13.30 22.91 19.47
C ALA C 317 -14.01 23.71 20.54
N GLN C 318 -15.35 23.73 20.48
CA GLN C 318 -16.15 24.43 21.46
C GLN C 318 -16.86 23.51 22.42
N TRP C 319 -16.87 22.20 22.14
CA TRP C 319 -17.30 21.20 23.11
C TRP C 319 -16.60 19.90 22.75
N ARG C 320 -16.50 19.01 23.73
CA ARG C 320 -15.78 17.76 23.58
C ARG C 320 -16.74 16.60 23.80
N ALA C 321 -16.51 15.50 23.10
CA ALA C 321 -17.33 14.32 23.26
C ALA C 321 -16.57 13.27 24.05
N ILE C 322 -17.15 12.83 25.17
CA ILE C 322 -16.54 11.75 25.95
C ILE C 322 -17.50 10.58 25.98
N ALA C 323 -16.92 9.39 26.13
CA ALA C 323 -17.65 8.14 26.18
C ALA C 323 -16.83 7.12 26.94
N SER C 324 -17.52 6.08 27.42
CA SER C 324 -16.89 5.01 28.19
C SER C 324 -17.82 3.81 28.20
N LYS C 325 -17.26 2.67 28.59
CA LYS C 325 -18.01 1.43 28.74
C LYS C 325 -17.84 0.93 30.16
N ILE C 326 -18.93 0.44 30.75
CA ILE C 326 -18.93 -0.10 32.10
C ILE C 326 -19.46 -1.52 32.05
N PRO C 327 -18.67 -2.52 32.44
CA PRO C 327 -19.19 -3.89 32.51
C PRO C 327 -19.91 -4.13 33.83
N LEU C 328 -20.91 -4.99 33.78
CA LEU C 328 -21.80 -5.24 34.90
C LEU C 328 -21.91 -6.74 35.16
N GLN C 329 -21.89 -7.13 36.43
CA GLN C 329 -22.20 -8.49 36.83
C GLN C 329 -23.61 -8.46 37.40
N ILE C 330 -24.59 -8.61 36.51
CA ILE C 330 -25.99 -8.53 36.88
C ILE C 330 -26.71 -9.73 36.28
N ASP C 331 -27.50 -10.41 37.10
CA ASP C 331 -28.23 -11.58 36.64
C ASP C 331 -29.69 -11.28 36.29
N ASP C 332 -30.27 -10.26 36.91
CA ASP C 332 -31.66 -9.87 36.67
C ASP C 332 -31.64 -8.51 36.00
N LEU C 333 -31.89 -8.49 34.69
CA LEU C 333 -31.72 -7.28 33.90
C LEU C 333 -32.92 -6.34 34.00
N ASP C 334 -33.93 -6.67 34.81
CA ASP C 334 -35.08 -5.78 34.96
C ASP C 334 -34.75 -4.45 35.62
N MET C 335 -33.60 -4.35 36.29
CA MET C 335 -33.11 -3.09 36.83
C MET C 335 -32.29 -2.28 35.83
N ILE C 336 -31.99 -2.82 34.66
CA ILE C 336 -31.19 -2.16 33.63
C ILE C 336 -31.79 -0.86 33.10
N PRO C 337 -33.14 -0.72 32.81
CA PRO C 337 -33.65 0.60 32.40
C PRO C 337 -33.48 1.72 33.41
N GLN C 338 -33.94 1.48 34.65
CA GLN C 338 -33.94 2.49 35.71
C GLN C 338 -32.56 3.08 35.94
N ILE C 339 -31.56 2.19 36.11
CA ILE C 339 -30.15 2.56 36.23
C ILE C 339 -29.73 3.49 35.12
N SER C 340 -30.04 3.10 33.87
CA SER C 340 -29.71 3.91 32.70
C SER C 340 -30.34 5.29 32.79
N ASN C 341 -31.62 5.34 33.17
CA ASN C 341 -32.32 6.62 33.32
C ASN C 341 -31.66 7.45 34.40
N GLU C 342 -31.31 6.81 35.52
CA GLU C 342 -30.60 7.46 36.61
C GLU C 342 -29.29 8.06 36.14
N ILE C 343 -28.53 7.30 35.33
CA ILE C 343 -27.24 7.77 34.86
C ILE C 343 -27.42 8.95 33.94
N LYS C 344 -28.49 8.93 33.13
CA LYS C 344 -28.75 10.05 32.24
C LYS C 344 -29.12 11.29 33.04
N GLU C 345 -29.86 11.12 34.15
CA GLU C 345 -30.16 12.25 35.00
C GLU C 345 -28.90 12.81 35.63
N MET C 346 -27.96 11.92 35.98
CA MET C 346 -26.68 12.35 36.53
C MET C 346 -25.92 13.17 35.50
N LEU C 347 -26.07 12.83 34.23
CA LEU C 347 -25.34 13.56 33.22
C LEU C 347 -26.04 14.84 32.79
N ARG C 348 -27.26 15.10 33.28
CA ARG C 348 -27.91 16.35 32.87
C ARG C 348 -27.99 17.37 34.00
N SER C 349 -28.12 16.93 35.24
CA SER C 349 -28.01 17.85 36.37
C SER C 349 -26.57 18.28 36.62
N ASN C 350 -25.60 17.62 36.01
CA ASN C 350 -24.20 17.96 36.17
C ASN C 350 -23.88 19.21 35.38
N THR C 351 -23.09 20.10 35.98
CA THR C 351 -22.47 21.17 35.21
C THR C 351 -21.31 20.58 34.40
N LYS C 352 -20.66 21.45 33.62
CA LYS C 352 -19.58 21.12 32.70
C LYS C 352 -20.00 20.15 31.60
N VAL C 353 -21.29 19.94 31.38
CA VAL C 353 -21.78 19.18 30.24
C VAL C 353 -22.55 20.13 29.34
N PHE C 354 -22.66 19.75 28.08
CA PHE C 354 -23.18 20.62 27.03
C PHE C 354 -24.40 19.94 26.41
N LEU C 355 -25.59 20.37 26.80
CA LEU C 355 -26.83 19.80 26.30
C LEU C 355 -27.36 20.51 25.06
N GLY C 356 -26.49 21.18 24.31
CA GLY C 356 -26.95 21.97 23.18
C GLY C 356 -27.33 21.13 21.98
N LYS C 357 -26.55 20.10 21.67
CA LYS C 357 -26.76 19.35 20.44
C LYS C 357 -27.23 17.92 20.70
N GLU C 358 -26.47 17.14 21.45
CA GLU C 358 -26.81 15.75 21.71
C GLU C 358 -27.12 15.54 23.17
N ALA C 359 -28.20 14.83 23.44
CA ALA C 359 -28.51 14.43 24.80
C ALA C 359 -27.50 13.38 25.26
N PRO C 360 -27.19 13.34 26.55
CA PRO C 360 -26.33 12.27 27.07
C PRO C 360 -27.01 10.92 26.96
N HIS C 361 -26.22 9.90 26.65
CA HIS C 361 -26.77 8.57 26.44
C HIS C 361 -26.11 7.58 27.39
N CYS C 362 -26.87 6.54 27.72
CA CYS C 362 -26.36 5.42 28.49
C CYS C 362 -27.23 4.22 28.13
N TYR C 363 -26.73 3.36 27.25
CA TYR C 363 -27.53 2.26 26.75
C TYR C 363 -26.78 0.95 26.93
N LEU C 364 -27.46 -0.15 26.62
CA LEU C 364 -26.94 -1.49 26.83
C LEU C 364 -26.46 -2.04 25.49
N SER C 365 -25.15 -2.28 25.36
CA SER C 365 -24.58 -2.63 24.08
C SER C 365 -24.45 -4.12 23.85
N ARG C 366 -24.20 -4.91 24.89
CA ARG C 366 -24.05 -6.34 24.74
C ARG C 366 -24.34 -7.03 26.05
N VAL C 367 -24.75 -8.29 25.97
CA VAL C 367 -25.14 -9.08 27.12
C VAL C 367 -24.46 -10.43 27.04
N GLU C 368 -24.35 -11.11 28.18
CA GLU C 368 -23.63 -12.37 28.34
C GLU C 368 -24.04 -12.94 29.70
N LYS C 369 -23.54 -14.12 30.03
CA LYS C 369 -23.86 -14.77 31.31
C LYS C 369 -23.24 -14.00 32.47
N SER C 370 -24.10 -13.54 33.39
CA SER C 370 -23.72 -12.74 34.55
C SER C 370 -22.94 -11.50 34.13
N PHE C 371 -23.36 -10.90 33.03
CA PHE C 371 -22.56 -9.85 32.41
C PHE C 371 -23.49 -8.98 31.58
N ALA C 372 -23.20 -7.68 31.59
CA ALA C 372 -23.85 -6.72 30.72
C ALA C 372 -22.83 -5.62 30.47
N GLU C 373 -23.13 -4.74 29.52
CA GLU C 373 -22.22 -3.65 29.24
C GLU C 373 -23.00 -2.39 28.94
N LEU C 374 -22.71 -1.32 29.66
CA LEU C 374 -23.32 -0.03 29.41
C LEU C 374 -22.36 0.86 28.66
N THR C 375 -22.87 1.54 27.64
CA THR C 375 -22.14 2.55 26.92
C THR C 375 -22.67 3.90 27.35
N ILE C 376 -21.79 4.72 27.91
CA ILE C 376 -22.14 6.01 28.50
C ILE C 376 -21.43 7.10 27.71
N GLY C 377 -22.11 8.20 27.46
CA GLY C 377 -21.48 9.27 26.71
C GLY C 377 -22.18 10.59 26.82
N CYS C 378 -21.42 11.68 26.68
CA CYS C 378 -21.97 13.02 26.75
C CYS C 378 -21.02 13.98 26.07
N ASN C 379 -21.44 15.24 25.98
CA ASN C 379 -20.61 16.33 25.50
C ASN C 379 -20.30 17.25 26.66
N LEU C 380 -19.02 17.46 26.93
CA LEU C 380 -18.58 18.43 27.92
C LEU C 380 -18.33 19.77 27.24
N ILE C 381 -18.43 20.83 28.03
CA ILE C 381 -18.20 22.20 27.55
C ILE C 381 -16.72 22.40 27.27
N ARG C 382 -16.39 23.53 26.65
CA ARG C 382 -14.99 23.82 26.34
C ARG C 382 -14.20 24.07 27.62
N MET C 383 -13.12 23.31 27.79
CA MET C 383 -12.36 23.34 29.03
C MET C 383 -10.91 22.96 28.75
N GLY C 384 -10.06 23.17 29.74
CA GLY C 384 -8.66 22.81 29.64
C GLY C 384 -8.44 21.32 29.80
N LYS C 385 -7.20 20.91 29.58
CA LYS C 385 -6.87 19.49 29.57
C LYS C 385 -6.79 18.86 30.95
N GLU C 386 -6.85 19.66 32.01
CA GLU C 386 -6.89 19.11 33.36
C GLU C 386 -8.32 18.93 33.85
N GLU C 387 -9.17 19.92 33.57
CA GLU C 387 -10.60 19.80 33.86
C GLU C 387 -11.24 18.67 33.08
N LEU C 388 -10.74 18.40 31.87
CA LEU C 388 -11.24 17.28 31.07
C LEU C 388 -11.00 15.95 31.76
N TYR C 389 -9.78 15.73 32.24
CA TYR C 389 -9.45 14.48 32.92
C TYR C 389 -10.20 14.35 34.24
N ASN C 390 -10.30 15.45 35.00
CA ASN C 390 -11.06 15.41 36.26
C ASN C 390 -12.54 15.17 36.03
N THR C 391 -13.10 15.69 34.93
CA THR C 391 -14.51 15.47 34.65
C THR C 391 -14.77 14.05 34.17
N GLN C 392 -13.83 13.47 33.41
CA GLN C 392 -13.93 12.05 33.05
C GLN C 392 -13.95 11.17 34.28
N GLN C 393 -13.00 11.40 35.21
CA GLN C 393 -12.95 10.61 36.44
C GLN C 393 -14.20 10.80 37.29
N GLU C 394 -14.67 12.05 37.41
CA GLU C 394 -15.85 12.36 38.21
C GLU C 394 -17.11 11.70 37.65
N VAL C 395 -17.28 11.73 36.33
CA VAL C 395 -18.44 11.12 35.69
C VAL C 395 -18.40 9.60 35.85
N LEU C 396 -17.22 9.00 35.70
CA LEU C 396 -17.08 7.55 35.88
C LEU C 396 -17.38 7.13 37.31
N LEU C 397 -16.90 7.90 38.29
CA LEU C 397 -17.16 7.58 39.69
C LEU C 397 -18.63 7.75 40.06
N GLU C 398 -19.28 8.77 39.53
CA GLU C 398 -20.71 8.97 39.81
C GLU C 398 -21.55 7.86 39.18
N ALA C 399 -21.18 7.43 37.97
CA ALA C 399 -21.88 6.32 37.32
C ALA C 399 -21.73 5.03 38.10
N VAL C 400 -20.52 4.77 38.64
CA VAL C 400 -20.32 3.56 39.44
C VAL C 400 -21.07 3.64 40.77
N LYS C 401 -21.15 4.85 41.35
CA LYS C 401 -21.96 5.04 42.56
C LYS C 401 -23.43 4.74 42.31
N ILE C 402 -23.96 5.18 41.17
CA ILE C 402 -25.36 4.91 40.82
C ILE C 402 -25.58 3.42 40.58
N ILE C 403 -24.64 2.77 39.89
CA ILE C 403 -24.78 1.34 39.58
C ILE C 403 -24.74 0.49 40.85
N LYS C 404 -23.77 0.76 41.72
CA LYS C 404 -23.70 0.00 42.98
C LYS C 404 -24.74 0.45 44.00
N LYS C 405 -25.42 1.57 43.77
CA LYS C 405 -26.50 1.96 44.66
C LYS C 405 -27.72 1.04 44.52
N HIS C 406 -27.95 0.52 43.32
CA HIS C 406 -29.04 -0.40 43.03
C HIS C 406 -28.71 -1.84 43.41
N GLY C 407 -27.64 -2.09 44.16
CA GLY C 407 -27.25 -3.42 44.53
C GLY C 407 -26.79 -4.27 43.36
N VAL C 408 -25.98 -3.68 42.48
CA VAL C 408 -25.45 -4.36 41.31
C VAL C 408 -23.95 -4.18 41.29
N SER C 409 -23.21 -5.28 41.31
CA SER C 409 -21.75 -5.20 41.29
C SER C 409 -21.25 -5.10 39.85
N LEU C 410 -19.97 -4.75 39.72
CA LEU C 410 -19.34 -4.63 38.41
C LEU C 410 -18.96 -6.02 37.88
N GLY C 411 -18.87 -6.12 36.56
CA GLY C 411 -18.52 -7.36 35.90
C GLY C 411 -17.07 -7.36 35.43
N THR C 412 -16.65 -8.53 34.94
CA THR C 412 -15.28 -8.72 34.51
C THR C 412 -15.23 -9.14 33.05
N THR C 413 -14.22 -8.64 32.34
CA THR C 413 -14.04 -8.90 30.92
C THR C 413 -12.79 -9.75 30.74
N SER D 126 24.78 38.84 16.18
CA SER D 126 23.54 39.23 15.52
C SER D 126 23.83 39.96 14.22
N PHE D 127 24.21 41.23 14.32
CA PHE D 127 24.57 42.01 13.13
C PHE D 127 25.93 41.56 12.58
N TRP D 128 26.80 41.06 13.47
CA TRP D 128 28.16 40.65 13.10
C TRP D 128 28.14 39.57 12.03
N GLY D 129 27.52 38.42 12.36
CA GLY D 129 27.51 37.31 11.41
C GLY D 129 26.62 37.58 10.21
N ALA D 130 25.54 38.36 10.41
CA ALA D 130 24.65 38.72 9.32
C ALA D 130 25.32 39.58 8.27
N LEU D 131 26.33 40.37 8.65
CA LEU D 131 27.11 41.02 7.60
C LEU D 131 28.33 40.18 7.22
N GLU D 132 28.78 39.30 8.12
CA GLU D 132 30.05 38.62 7.92
C GLU D 132 29.95 37.49 6.91
N ASP D 133 28.97 36.59 7.08
CA ASP D 133 28.95 35.38 6.27
C ASP D 133 28.61 35.61 4.78
N PRO D 134 27.63 36.46 4.40
CA PRO D 134 27.45 36.67 2.95
C PRO D 134 28.57 37.47 2.31
N ALA D 135 29.24 38.36 3.06
CA ALA D 135 30.35 39.11 2.48
C ALA D 135 31.54 38.21 2.20
N ARG D 136 31.89 37.34 3.16
CA ARG D 136 33.00 36.42 2.94
C ARG D 136 32.64 35.39 1.88
N TYR D 137 31.36 35.01 1.79
CA TYR D 137 30.93 34.11 0.74
C TYR D 137 31.02 34.77 -0.62
N LEU D 138 30.72 36.07 -0.69
CA LEU D 138 30.73 36.74 -1.98
C LEU D 138 32.16 37.00 -2.45
N VAL D 139 33.09 37.27 -1.51
CA VAL D 139 34.46 37.49 -1.96
C VAL D 139 35.11 36.15 -2.32
N THR D 140 34.69 35.08 -1.65
CA THR D 140 35.10 33.73 -2.06
C THR D 140 34.59 33.41 -3.46
N PHE D 141 33.35 33.81 -3.76
CA PHE D 141 32.77 33.56 -5.08
C PHE D 141 33.46 34.35 -6.18
N ILE D 142 33.76 35.63 -5.95
CA ILE D 142 34.38 36.40 -7.03
C ILE D 142 35.85 36.04 -7.16
N ALA D 143 36.48 35.60 -6.07
CA ALA D 143 37.85 35.09 -6.17
C ALA D 143 37.89 33.77 -6.93
N PHE D 144 36.83 32.97 -6.84
CA PHE D 144 36.73 31.80 -7.70
C PHE D 144 36.48 32.20 -9.15
N ALA D 145 35.66 33.23 -9.35
CA ALA D 145 35.31 33.63 -10.72
C ALA D 145 36.48 34.28 -11.44
N GLN D 146 37.42 34.87 -10.70
CA GLN D 146 38.59 35.47 -11.33
C GLN D 146 39.48 34.41 -11.98
N ILE D 147 39.71 33.29 -11.27
CA ILE D 147 40.45 32.18 -11.87
C ILE D 147 39.58 31.36 -12.80
N ALA D 148 38.25 31.49 -12.70
CA ALA D 148 37.40 30.95 -13.75
C ALA D 148 37.54 31.71 -15.06
N ALA D 149 37.83 33.01 -14.99
CA ALA D 149 38.09 33.82 -16.18
C ALA D 149 39.49 33.60 -16.73
N MET D 150 40.35 32.88 -16.01
CA MET D 150 41.68 32.57 -16.52
C MET D 150 41.60 31.55 -17.66
N VAL D 151 40.80 30.52 -17.48
CA VAL D 151 40.64 29.47 -18.48
C VAL D 151 39.37 29.68 -19.28
N ALA D 158 33.83 31.70 -21.47
CA ALA D 158 32.74 32.51 -20.92
C ALA D 158 33.27 33.83 -20.39
N GLN D 159 33.24 34.87 -21.24
CA GLN D 159 33.71 36.20 -20.87
C GLN D 159 32.51 37.06 -20.52
N TYR D 160 31.95 36.81 -19.34
CA TYR D 160 30.78 37.53 -18.84
C TYR D 160 31.07 38.04 -17.43
N PHE D 161 32.23 38.65 -17.25
CA PHE D 161 32.76 38.90 -15.91
C PHE D 161 31.94 39.94 -15.16
N SER D 162 31.88 41.17 -15.71
CA SER D 162 31.21 42.28 -15.03
C SER D 162 29.72 42.06 -14.73
N PRO D 163 28.88 41.47 -15.61
CA PRO D 163 27.50 41.20 -15.17
C PRO D 163 27.39 40.16 -14.06
N THR D 164 28.25 39.14 -14.06
CA THR D 164 28.19 38.15 -12.99
C THR D 164 28.68 38.72 -11.66
N VAL D 165 29.69 39.59 -11.68
CA VAL D 165 30.11 40.17 -10.41
C VAL D 165 29.09 41.20 -9.92
N LYS D 166 28.37 41.87 -10.83
CA LYS D 166 27.33 42.79 -10.37
C LYS D 166 26.14 42.04 -9.80
N GLY D 167 25.76 40.94 -10.45
CA GLY D 167 24.70 40.09 -9.92
C GLY D 167 25.06 39.44 -8.60
N ALA D 168 26.33 39.01 -8.46
CA ALA D 168 26.77 38.42 -7.22
C ALA D 168 26.80 39.45 -6.09
N VAL D 169 27.17 40.69 -6.42
CA VAL D 169 27.18 41.75 -5.42
C VAL D 169 25.78 42.04 -4.92
N ILE D 170 24.81 42.16 -5.83
CA ILE D 170 23.46 42.51 -5.38
C ILE D 170 22.79 41.32 -4.69
N LEU D 171 23.16 40.09 -5.09
CA LEU D 171 22.54 38.94 -4.46
C LEU D 171 23.12 38.70 -3.06
N SER D 172 24.40 39.00 -2.87
CA SER D 172 24.96 38.99 -1.51
C SER D 172 24.34 40.08 -0.67
N LEU D 173 24.05 41.23 -1.28
CA LEU D 173 23.39 42.32 -0.58
C LEU D 173 21.98 41.92 -0.14
N VAL D 174 21.27 41.17 -0.98
CA VAL D 174 19.91 40.79 -0.63
C VAL D 174 19.93 39.65 0.39
N TRP D 175 20.98 38.83 0.39
CA TRP D 175 21.11 37.80 1.42
C TRP D 175 21.40 38.42 2.77
N PHE D 176 22.25 39.46 2.79
CA PHE D 176 22.52 40.21 4.01
C PHE D 176 21.27 40.90 4.52
N LEU D 177 20.48 41.50 3.62
CA LEU D 177 19.26 42.18 4.05
C LEU D 177 18.23 41.20 4.57
N TYR D 178 18.17 40.00 3.99
CA TYR D 178 17.25 38.98 4.49
C TYR D 178 17.63 38.53 5.89
N ARG D 179 18.93 38.32 6.13
CA ARG D 179 19.38 37.91 7.47
C ARG D 179 19.16 39.03 8.49
N TRP D 180 19.41 40.27 8.08
CA TRP D 180 19.16 41.41 8.97
C TRP D 180 17.68 41.55 9.28
N LYS D 181 16.83 41.26 8.30
CA LYS D 181 15.40 41.43 8.51
C LYS D 181 14.84 40.35 9.44
N THR D 182 15.27 39.11 9.29
CA THR D 182 14.79 38.09 10.23
C THR D 182 15.37 38.32 11.63
N ASN D 183 16.56 38.91 11.72
CA ASN D 183 17.11 39.25 13.03
C ASN D 183 16.32 40.37 13.72
N VAL D 184 15.89 41.37 12.96
CA VAL D 184 15.18 42.47 13.60
C VAL D 184 13.71 42.12 13.83
N ILE D 185 13.19 41.12 13.12
CA ILE D 185 11.83 40.68 13.48
C ILE D 185 11.88 39.73 14.66
N THR D 186 12.96 38.97 14.83
CA THR D 186 13.01 38.15 16.03
C THR D 186 13.47 38.95 17.25
N ARG D 187 13.90 40.19 16.99
CA ARG D 187 14.28 41.15 18.07
C ARG D 187 12.98 41.76 18.59
N MET D 188 12.05 42.08 17.68
CA MET D 188 10.76 42.67 18.05
C MET D 188 9.80 41.64 18.61
N LEU D 189 9.99 40.37 18.28
CA LEU D 189 9.23 39.28 18.88
C LEU D 189 9.77 38.89 20.25
N SER D 190 10.88 39.49 20.67
CA SER D 190 11.42 39.34 22.02
C SER D 190 11.06 40.57 22.87
N ALA D 191 9.88 41.12 22.65
CA ALA D 191 9.42 42.29 23.38
C ALA D 191 7.90 42.31 23.49
N ASP D 198 -2.23 42.50 16.63
CA ASP D 198 -1.01 43.05 16.06
C ASP D 198 0.14 42.04 16.18
N ARG D 199 -0.21 40.76 16.03
CA ARG D 199 0.78 39.65 16.11
C ARG D 199 0.79 38.89 14.79
N GLU D 200 -0.38 38.46 14.30
CA GLU D 200 -0.44 37.72 13.05
C GLU D 200 -0.13 38.62 11.86
N LYS D 201 -0.44 39.91 11.99
CA LYS D 201 -0.11 40.87 10.95
C LYS D 201 1.39 41.01 10.79
N VAL D 202 2.14 40.90 11.90
CA VAL D 202 3.60 40.93 11.86
C VAL D 202 4.13 39.74 11.06
N LEU D 203 3.56 38.55 11.28
CA LEU D 203 4.06 37.35 10.63
C LEU D 203 3.73 37.36 9.14
N THR D 204 2.50 37.71 8.77
CA THR D 204 2.19 37.76 7.34
C THR D 204 2.94 38.90 6.66
N LEU D 205 3.22 39.98 7.40
CA LEU D 205 3.90 41.13 6.83
C LEU D 205 5.36 40.82 6.54
N ASP D 206 6.08 40.24 7.49
CA ASP D 206 7.49 39.99 7.21
C ASP D 206 7.68 38.75 6.33
N LYS D 207 6.67 37.88 6.25
CA LYS D 207 6.76 36.81 5.24
C LYS D 207 6.60 37.36 3.83
N VAL D 208 5.60 38.22 3.59
CA VAL D 208 5.46 38.76 2.24
C VAL D 208 6.58 39.75 1.95
N SER D 209 7.14 40.38 2.98
CA SER D 209 8.32 41.21 2.80
C SER D 209 9.56 40.42 2.46
N SER D 210 9.73 39.23 3.03
CA SER D 210 10.83 38.36 2.65
C SER D 210 10.72 37.92 1.20
N VAL D 211 9.51 37.51 0.79
CA VAL D 211 9.37 37.06 -0.60
C VAL D 211 9.44 38.24 -1.58
N GLY D 212 9.05 39.45 -1.15
CA GLY D 212 9.16 40.60 -2.02
C GLY D 212 10.59 41.10 -2.12
N LEU D 213 11.35 40.97 -1.03
CA LEU D 213 12.75 41.35 -1.06
C LEU D 213 13.54 40.37 -1.93
N PHE D 214 13.19 39.09 -1.88
CA PHE D 214 13.80 38.13 -2.81
C PHE D 214 13.42 38.43 -4.26
N ALA D 215 12.17 38.82 -4.50
CA ALA D 215 11.74 39.18 -5.85
C ALA D 215 12.48 40.42 -6.36
N ILE D 216 12.66 41.44 -5.52
CA ILE D 216 13.32 42.66 -5.98
C ILE D 216 14.81 42.43 -6.13
N GLY D 217 15.37 41.46 -5.39
CA GLY D 217 16.74 41.06 -5.65
C GLY D 217 16.91 40.38 -6.98
N LEU D 218 15.96 39.53 -7.36
CA LEU D 218 16.06 38.86 -8.64
C LEU D 218 15.81 39.84 -9.79
N MET D 219 14.90 40.80 -9.60
CA MET D 219 14.70 41.80 -10.64
C MET D 219 15.78 42.87 -10.66
N ALA D 220 16.63 42.94 -9.64
CA ALA D 220 17.87 43.70 -9.76
C ALA D 220 18.95 42.91 -10.47
N SER D 221 18.94 41.58 -10.32
CA SER D 221 19.86 40.74 -11.09
C SER D 221 19.50 40.69 -12.56
N ALA D 222 18.23 40.87 -12.90
CA ALA D 222 17.83 40.89 -14.30
C ALA D 222 18.23 42.19 -14.99
N GLU D 223 18.50 43.24 -14.22
CA GLU D 223 18.90 44.51 -14.81
C GLU D 223 20.31 44.45 -15.38
N ALA D 224 21.22 43.78 -14.68
CA ALA D 224 22.59 43.64 -15.15
C ALA D 224 22.88 42.19 -15.53
N VAL D 235 13.30 33.56 -17.90
CA VAL D 235 12.93 33.26 -16.52
C VAL D 235 13.43 31.87 -16.14
N GLY D 236 13.86 31.11 -17.12
CA GLY D 236 14.33 29.76 -16.88
C GLY D 236 13.31 28.67 -17.09
N GLY D 237 12.03 29.00 -17.17
CA GLY D 237 11.00 28.03 -17.45
C GLY D 237 10.27 27.47 -16.25
N VAL D 238 10.38 28.10 -15.09
CA VAL D 238 9.65 27.60 -13.91
C VAL D 238 8.20 28.05 -13.93
N GLY D 239 7.86 29.04 -14.77
CA GLY D 239 6.57 29.68 -14.67
C GLY D 239 5.44 28.77 -15.10
N GLY D 240 5.65 28.03 -16.18
CA GLY D 240 4.61 27.10 -16.63
C GLY D 240 4.37 26.00 -15.62
N VAL D 241 5.42 25.57 -14.92
CA VAL D 241 5.28 24.52 -13.92
C VAL D 241 4.49 25.03 -12.72
N VAL D 242 4.83 26.23 -12.23
CA VAL D 242 4.12 26.68 -11.04
C VAL D 242 2.70 27.15 -11.36
N THR D 243 2.45 27.65 -12.56
CA THR D 243 1.05 27.94 -12.87
C THR D 243 0.26 26.68 -13.16
N ALA D 244 0.92 25.63 -13.65
CA ALA D 244 0.24 24.34 -13.78
C ALA D 244 -0.17 23.80 -12.42
N PHE D 245 0.75 23.87 -11.46
CA PHE D 245 0.48 23.34 -10.12
C PHE D 245 -0.60 24.17 -9.41
N ALA D 246 -0.47 25.50 -9.46
CA ALA D 246 -1.42 26.36 -8.78
C ALA D 246 -2.79 26.30 -9.45
N ALA D 247 -2.83 26.20 -10.77
CA ALA D 247 -4.09 26.07 -11.48
C ALA D 247 -4.77 24.76 -11.14
N ARG D 248 -4.00 23.67 -11.06
CA ARG D 248 -4.52 22.38 -10.67
C ARG D 248 -5.14 22.43 -9.27
N ASP D 249 -4.39 22.93 -8.29
CA ASP D 249 -4.88 22.98 -6.91
C ASP D 249 -6.09 23.88 -6.76
N ILE D 250 -5.95 25.15 -7.13
CA ILE D 250 -7.01 26.13 -6.88
C ILE D 250 -8.24 25.83 -7.74
N LEU D 251 -8.04 25.61 -9.03
CA LEU D 251 -9.21 25.41 -9.86
C LEU D 251 -9.82 24.02 -9.68
N GLY D 252 -9.06 23.01 -9.25
CA GLY D 252 -9.69 21.76 -8.89
C GLY D 252 -10.56 21.90 -7.67
N ASN D 253 -10.12 22.69 -6.70
CA ASN D 253 -10.94 22.91 -5.52
C ASN D 253 -12.20 23.69 -5.87
N VAL D 254 -12.12 24.72 -6.70
CA VAL D 254 -13.32 25.49 -6.99
C VAL D 254 -14.25 24.74 -7.94
N LEU D 255 -13.67 23.90 -8.82
CA LEU D 255 -14.50 23.09 -9.70
C LEU D 255 -15.30 22.06 -8.91
N SER D 256 -14.66 21.38 -7.96
CA SER D 256 -15.41 20.44 -7.15
C SER D 256 -16.38 21.16 -6.24
N GLY D 257 -16.04 22.37 -5.82
CA GLY D 257 -16.94 23.13 -4.98
C GLY D 257 -18.19 23.59 -5.69
N LEU D 258 -18.12 23.73 -7.02
CA LEU D 258 -19.33 24.00 -7.77
C LEU D 258 -20.08 22.75 -8.19
N SER D 259 -19.38 21.68 -8.55
CA SER D 259 -20.07 20.46 -8.94
C SER D 259 -20.80 19.84 -7.76
N MET D 260 -20.29 20.00 -6.55
CA MET D 260 -21.06 19.62 -5.37
C MET D 260 -22.21 20.56 -5.10
N GLN D 261 -22.16 21.78 -5.61
CA GLN D 261 -23.29 22.67 -5.44
C GLN D 261 -24.41 22.39 -6.40
N PHE D 262 -24.11 21.84 -7.57
CA PHE D 262 -25.19 21.48 -8.47
C PHE D 262 -25.81 20.16 -8.04
N SER D 263 -25.05 19.08 -8.09
CA SER D 263 -25.58 17.75 -7.81
C SER D 263 -25.27 17.40 -6.36
N ARG D 264 -26.14 17.84 -5.46
CA ARG D 264 -25.86 17.91 -4.02
C ARG D 264 -25.72 16.53 -3.39
N PRO D 265 -24.55 16.15 -2.92
CA PRO D 265 -24.43 14.85 -2.26
C PRO D 265 -24.76 14.94 -0.77
N PHE D 266 -24.83 16.20 -0.03
CA PHE D 266 -25.13 16.39 1.38
C PHE D 266 -25.51 17.85 1.59
N SER D 267 -26.00 18.13 2.80
CA SER D 267 -26.39 19.48 3.18
C SER D 267 -25.78 19.80 4.54
N MET D 268 -26.03 21.01 5.00
CA MET D 268 -25.48 21.46 6.28
C MET D 268 -26.14 20.72 7.43
N GLY D 269 -25.34 20.06 8.25
CA GLY D 269 -25.82 19.29 9.37
C GLY D 269 -25.82 17.79 9.15
N ASP D 270 -25.63 17.34 7.91
CA ASP D 270 -25.65 15.92 7.62
C ASP D 270 -24.38 15.25 8.11
N THR D 271 -24.51 14.02 8.58
CA THR D 271 -23.37 13.20 8.96
C THR D 271 -22.94 12.38 7.76
N ILE D 272 -21.72 12.61 7.29
CA ILE D 272 -21.23 11.95 6.08
C ILE D 272 -19.99 11.16 6.40
N LYS D 273 -19.63 10.27 5.48
CA LYS D 273 -18.36 9.59 5.47
C LYS D 273 -17.88 9.55 4.03
N ALA D 274 -16.71 10.12 3.77
CA ALA D 274 -16.18 10.19 2.41
C ALA D 274 -14.73 9.69 2.43
N GLY D 275 -14.56 8.40 2.30
CA GLY D 275 -13.23 7.82 2.34
C GLY D 275 -12.63 7.84 3.73
N SER D 276 -11.63 8.70 3.92
CA SER D 276 -10.94 8.77 5.20
C SER D 276 -11.64 9.66 6.21
N VAL D 277 -12.43 10.63 5.77
CA VAL D 277 -13.04 11.58 6.67
C VAL D 277 -14.46 11.14 6.99
N GLU D 278 -14.95 11.56 8.16
CA GLU D 278 -16.25 11.18 8.65
C GLU D 278 -16.70 12.13 9.75
N GLY D 279 -17.91 12.64 9.66
CA GLY D 279 -18.43 13.51 10.70
C GLY D 279 -19.55 14.39 10.17
N GLN D 280 -19.96 15.33 11.01
CA GLN D 280 -21.02 16.26 10.63
C GLN D 280 -20.47 17.35 9.74
N VAL D 281 -21.34 17.92 8.92
CA VAL D 281 -20.98 18.99 8.01
C VAL D 281 -21.37 20.31 8.67
N ILE D 282 -20.39 21.11 9.09
CA ILE D 282 -20.68 22.35 9.80
C ILE D 282 -20.46 23.59 8.96
N GLU D 283 -19.76 23.49 7.83
CA GLU D 283 -19.50 24.66 6.99
C GLU D 283 -19.16 24.18 5.59
N MET D 284 -20.04 24.47 4.63
CA MET D 284 -19.78 24.21 3.22
C MET D 284 -19.22 25.48 2.60
N GLY D 285 -17.94 25.48 2.26
CA GLY D 285 -17.26 26.65 1.77
C GLY D 285 -16.97 26.58 0.28
N LEU D 286 -16.25 27.59 -0.18
CA LEU D 286 -15.95 27.71 -1.60
C LEU D 286 -14.81 26.80 -2.03
N THR D 287 -13.78 26.66 -1.18
CA THR D 287 -12.64 25.80 -1.46
C THR D 287 -12.48 24.67 -0.45
N THR D 288 -13.03 24.80 0.76
CA THR D 288 -12.92 23.78 1.78
C THR D 288 -14.26 23.57 2.47
N THR D 289 -14.61 22.31 2.69
CA THR D 289 -15.68 21.93 3.58
C THR D 289 -15.11 21.76 4.98
N SER D 290 -15.93 22.00 5.99
CA SER D 290 -15.53 21.81 7.38
C SER D 290 -16.44 20.77 8.02
N LEU D 291 -15.84 19.74 8.59
CA LEU D 291 -16.56 18.69 9.28
C LEU D 291 -16.25 18.75 10.76
N LEU D 292 -17.02 17.99 11.51
CA LEU D 292 -16.84 17.81 12.95
C LEU D 292 -16.82 16.31 13.18
N ASN D 293 -15.65 15.77 13.53
CA ASN D 293 -15.47 14.32 13.52
C ASN D 293 -16.06 13.71 14.80
N ALA D 294 -15.72 12.44 15.06
CA ALA D 294 -16.33 11.69 16.15
C ALA D 294 -15.90 12.22 17.52
N GLU D 295 -14.72 12.82 17.62
CA GLU D 295 -14.28 13.45 18.86
C GLU D 295 -14.56 14.94 18.89
N LYS D 296 -15.38 15.42 17.94
CA LYS D 296 -15.87 16.80 17.87
C LYS D 296 -14.74 17.80 17.68
N PHE D 297 -13.73 17.41 16.92
CA PHE D 297 -12.66 18.28 16.43
C PHE D 297 -13.01 18.78 15.05
N PRO D 298 -12.77 20.07 14.73
CA PRO D 298 -13.07 20.55 13.38
C PRO D 298 -12.03 20.06 12.38
N VAL D 299 -12.48 19.32 11.38
CA VAL D 299 -11.66 18.84 10.28
C VAL D 299 -11.87 19.77 9.10
N LEU D 300 -10.81 20.03 8.34
CA LEU D 300 -10.86 20.93 7.19
C LEU D 300 -10.51 20.13 5.94
N VAL D 301 -11.51 19.85 5.12
CA VAL D 301 -11.37 18.98 3.95
C VAL D 301 -11.41 19.84 2.70
N PRO D 302 -10.44 19.70 1.78
CA PRO D 302 -10.58 20.37 0.49
C PRO D 302 -11.63 19.71 -0.38
N ASN D 303 -12.32 20.54 -1.18
CA ASN D 303 -13.46 20.06 -1.98
C ASN D 303 -13.08 19.02 -3.01
N SER D 304 -11.85 19.08 -3.52
CA SER D 304 -11.40 18.15 -4.56
C SER D 304 -11.29 16.71 -4.07
N LEU D 305 -11.42 16.46 -2.77
CA LEU D 305 -11.48 15.11 -2.24
C LEU D 305 -12.88 14.51 -2.30
N PHE D 306 -13.87 15.27 -2.77
CA PHE D 306 -15.21 14.76 -3.01
C PHE D 306 -15.51 14.59 -4.51
N SER D 307 -14.48 14.51 -5.35
CA SER D 307 -14.70 14.61 -6.79
C SER D 307 -15.26 13.32 -7.37
N SER D 308 -14.56 12.21 -7.20
CA SER D 308 -15.04 10.93 -7.70
C SER D 308 -14.88 9.86 -6.63
N GLN D 309 -15.30 10.19 -5.41
CA GLN D 309 -15.28 9.26 -4.30
C GLN D 309 -16.70 8.91 -3.90
N VAL D 310 -16.83 7.80 -3.18
CA VAL D 310 -18.11 7.39 -2.65
C VAL D 310 -18.40 8.17 -1.37
N ILE D 311 -19.64 8.61 -1.23
CA ILE D 311 -20.04 9.44 -0.10
C ILE D 311 -21.21 8.75 0.56
N VAL D 312 -21.00 8.25 1.77
CA VAL D 312 -22.06 7.65 2.56
C VAL D 312 -22.72 8.75 3.35
N ASN D 313 -24.03 8.90 3.21
CA ASN D 313 -24.78 9.96 3.86
C ASN D 313 -25.67 9.32 4.93
N LYS D 314 -25.21 9.37 6.17
CA LYS D 314 -25.88 8.69 7.28
C LYS D 314 -27.11 9.42 7.78
N SER D 315 -27.42 10.60 7.24
CA SER D 315 -28.55 11.39 7.73
C SER D 315 -29.73 11.37 6.77
N ARG D 316 -29.66 10.61 5.68
CA ARG D 316 -30.78 10.47 4.77
C ARG D 316 -31.40 9.09 4.84
N ALA D 317 -30.97 8.25 5.78
CA ALA D 317 -31.55 6.92 5.92
C ALA D 317 -32.98 7.00 6.42
N GLN D 318 -33.82 6.10 5.90
CA GLN D 318 -35.22 6.05 6.29
C GLN D 318 -35.53 4.86 7.20
N TRP D 319 -34.62 3.92 7.34
CA TRP D 319 -34.70 2.88 8.36
C TRP D 319 -33.28 2.43 8.65
N ARG D 320 -33.11 1.84 9.83
CA ARG D 320 -31.79 1.43 10.31
C ARG D 320 -31.79 -0.07 10.53
N ALA D 321 -30.65 -0.71 10.32
CA ALA D 321 -30.52 -2.14 10.54
C ALA D 321 -29.74 -2.38 11.82
N ILE D 322 -30.34 -3.11 12.75
CA ILE D 322 -29.64 -3.49 13.97
C ILE D 322 -29.53 -5.00 14.04
N ALA D 323 -28.48 -5.46 14.72
CA ALA D 323 -28.20 -6.88 14.90
C ALA D 323 -27.39 -7.06 16.16
N SER D 324 -27.40 -8.29 16.66
CA SER D 324 -26.67 -8.65 17.88
C SER D 324 -26.54 -10.16 17.94
N LYS D 325 -25.65 -10.62 18.81
CA LYS D 325 -25.43 -12.04 19.06
C LYS D 325 -25.64 -12.30 20.55
N ILE D 326 -26.30 -13.41 20.85
CA ILE D 326 -26.58 -13.81 22.23
C ILE D 326 -26.02 -15.22 22.44
N PRO D 327 -25.06 -15.41 23.34
CA PRO D 327 -24.59 -16.76 23.64
C PRO D 327 -25.49 -17.45 24.66
N LEU D 328 -25.58 -18.76 24.53
CA LEU D 328 -26.50 -19.58 25.31
C LEU D 328 -25.76 -20.73 25.95
N GLN D 329 -26.07 -21.01 27.21
CA GLN D 329 -25.61 -22.23 27.87
C GLN D 329 -26.79 -23.18 27.90
N ILE D 330 -26.93 -23.95 26.83
CA ILE D 330 -28.05 -24.86 26.66
C ILE D 330 -27.50 -26.21 26.24
N ASP D 331 -27.95 -27.26 26.91
CA ASP D 331 -27.49 -28.62 26.61
C ASP D 331 -28.46 -29.39 25.72
N ASP D 332 -29.75 -29.06 25.78
CA ASP D 332 -30.77 -29.73 24.99
C ASP D 332 -31.31 -28.71 23.99
N LEU D 333 -30.90 -28.86 22.73
CA LEU D 333 -31.18 -27.86 21.71
C LEU D 333 -32.57 -27.99 21.12
N ASP D 334 -33.39 -28.94 21.61
CA ASP D 334 -34.75 -29.10 21.09
C ASP D 334 -35.65 -27.90 21.39
N MET D 335 -35.28 -27.06 22.35
CA MET D 335 -35.98 -25.81 22.62
C MET D 335 -35.52 -24.64 21.76
N ILE D 336 -34.46 -24.82 20.97
CA ILE D 336 -33.89 -23.77 20.11
C ILE D 336 -34.85 -23.23 19.05
N PRO D 337 -35.68 -24.06 18.30
CA PRO D 337 -36.64 -23.46 17.37
C PRO D 337 -37.67 -22.53 18.00
N GLN D 338 -38.37 -23.03 19.03
CA GLN D 338 -39.47 -22.32 19.66
C GLN D 338 -39.05 -20.94 20.17
N ILE D 339 -37.93 -20.90 20.92
CA ILE D 339 -37.30 -19.66 21.38
C ILE D 339 -37.12 -18.68 20.25
N SER D 340 -36.52 -19.17 19.14
CA SER D 340 -36.28 -18.34 17.97
C SER D 340 -37.58 -17.76 17.42
N ASN D 341 -38.61 -18.62 17.31
CA ASN D 341 -39.91 -18.17 16.84
C ASN D 341 -40.50 -17.12 17.77
N GLU D 342 -40.36 -17.38 19.09
CA GLU D 342 -40.80 -16.42 20.10
C GLU D 342 -40.12 -15.08 19.93
N ILE D 343 -38.80 -15.11 19.69
CA ILE D 343 -38.05 -13.87 19.57
C ILE D 343 -38.48 -13.12 18.33
N LYS D 344 -38.80 -13.86 17.26
CA LYS D 344 -39.26 -13.21 16.03
C LYS D 344 -40.62 -12.57 16.25
N GLU D 345 -41.49 -13.22 17.04
CA GLU D 345 -42.77 -12.62 17.36
C GLU D 345 -42.58 -11.36 18.20
N MET D 346 -41.58 -11.37 19.09
CA MET D 346 -41.27 -10.18 19.87
C MET D 346 -40.83 -9.05 18.97
N LEU D 347 -40.15 -9.38 17.88
CA LEU D 347 -39.67 -8.33 16.99
C LEU D 347 -40.73 -7.88 16.01
N ARG D 348 -41.90 -8.53 15.95
CA ARG D 348 -42.90 -8.08 15.00
C ARG D 348 -44.09 -7.41 15.67
N SER D 349 -44.46 -7.83 16.87
CA SER D 349 -45.46 -7.10 17.65
C SER D 349 -44.92 -5.79 18.22
N ASN D 350 -43.61 -5.61 18.18
CA ASN D 350 -42.98 -4.40 18.70
C ASN D 350 -43.20 -3.25 17.73
N THR D 351 -43.52 -2.08 18.25
CA THR D 351 -43.43 -0.87 17.46
C THR D 351 -41.96 -0.48 17.30
N LYS D 352 -41.73 0.61 16.56
CA LYS D 352 -40.41 1.13 16.20
C LYS D 352 -39.58 0.15 15.36
N VAL D 353 -40.19 -0.90 14.79
CA VAL D 353 -39.52 -1.76 13.83
C VAL D 353 -40.21 -1.60 12.49
N PHE D 354 -39.48 -1.93 11.44
CA PHE D 354 -39.89 -1.64 10.06
C PHE D 354 -39.97 -2.97 9.32
N LEU D 355 -41.18 -3.47 9.13
CA LEU D 355 -41.41 -4.74 8.45
C LEU D 355 -41.63 -4.56 6.95
N GLY D 356 -41.15 -3.47 6.38
CA GLY D 356 -41.43 -3.20 4.98
C GLY D 356 -40.61 -4.05 4.02
N LYS D 357 -39.33 -4.26 4.32
CA LYS D 357 -38.45 -4.93 3.37
C LYS D 357 -37.98 -6.29 3.87
N GLU D 358 -37.34 -6.36 5.03
CA GLU D 358 -36.82 -7.60 5.55
C GLU D 358 -37.56 -7.98 6.83
N ALA D 359 -37.93 -9.24 6.92
CA ALA D 359 -38.48 -9.76 8.15
C ALA D 359 -37.38 -9.85 9.22
N PRO D 360 -37.74 -9.67 10.49
CA PRO D 360 -36.76 -9.86 11.56
C PRO D 360 -36.30 -11.31 11.63
N HIS D 361 -35.03 -11.50 11.93
CA HIS D 361 -34.47 -12.85 11.96
C HIS D 361 -33.85 -13.13 13.31
N CYS D 362 -33.85 -14.41 13.67
CA CYS D 362 -33.17 -14.88 14.87
C CYS D 362 -32.83 -16.34 14.62
N TYR D 363 -31.57 -16.60 14.25
CA TYR D 363 -31.18 -17.95 13.87
C TYR D 363 -29.97 -18.39 14.67
N LEU D 364 -29.59 -19.65 14.49
CA LEU D 364 -28.51 -20.26 15.26
C LEU D 364 -27.27 -20.31 14.38
N SER D 365 -26.23 -19.59 14.79
CA SER D 365 -25.06 -19.43 13.93
C SER D 365 -23.95 -20.43 14.21
N ARG D 366 -23.77 -20.83 15.46
CA ARG D 366 -22.71 -21.77 15.80
C ARG D 366 -23.06 -22.49 17.09
N VAL D 367 -22.50 -23.69 17.25
CA VAL D 367 -22.79 -24.54 18.38
C VAL D 367 -21.47 -25.04 18.94
N GLU D 368 -21.50 -25.49 20.20
CA GLU D 368 -20.33 -25.91 20.96
C GLU D 368 -20.85 -26.62 22.22
N LYS D 369 -19.93 -27.15 23.03
CA LYS D 369 -20.31 -27.85 24.26
C LYS D 369 -20.90 -26.88 25.26
N SER D 370 -22.15 -27.16 25.67
CA SER D 370 -22.94 -26.33 26.59
C SER D 370 -23.00 -24.88 26.12
N PHE D 371 -23.17 -24.71 24.81
CA PHE D 371 -23.02 -23.41 24.20
C PHE D 371 -23.79 -23.38 22.89
N ALA D 372 -24.40 -22.25 22.61
CA ALA D 372 -25.03 -21.99 21.33
C ALA D 372 -24.94 -20.49 21.12
N GLU D 373 -25.25 -20.05 19.90
CA GLU D 373 -25.22 -18.62 19.63
C GLU D 373 -26.37 -18.24 18.72
N LEU D 374 -27.16 -17.27 19.14
CA LEU D 374 -28.24 -16.76 18.34
C LEU D 374 -27.84 -15.44 17.72
N THR D 375 -28.14 -15.28 16.44
CA THR D 375 -27.96 -14.03 15.73
C THR D 375 -29.34 -13.42 15.53
N ILE D 376 -29.54 -12.22 16.09
CA ILE D 376 -30.82 -11.54 16.10
C ILE D 376 -30.68 -10.25 15.31
N GLY D 377 -31.68 -9.91 14.53
CA GLY D 377 -31.61 -8.70 13.76
C GLY D 377 -32.94 -8.22 13.22
N CYS D 378 -33.05 -6.91 13.03
CA CYS D 378 -34.27 -6.31 12.50
C CYS D 378 -33.94 -4.95 11.91
N ASN D 379 -34.96 -4.33 11.33
CA ASN D 379 -34.88 -2.97 10.84
C ASN D 379 -35.77 -2.10 11.71
N LEU D 380 -35.20 -1.07 12.32
CA LEU D 380 -35.95 -0.08 13.06
C LEU D 380 -36.32 1.08 12.13
N ILE D 381 -37.41 1.77 12.49
CA ILE D 381 -37.89 2.92 11.73
C ILE D 381 -36.94 4.09 11.91
N ARG D 382 -37.13 5.16 11.13
CA ARG D 382 -36.29 6.34 11.23
C ARG D 382 -36.49 7.03 12.56
N MET D 383 -35.41 7.23 13.31
CA MET D 383 -35.49 7.75 14.66
C MET D 383 -34.20 8.47 15.00
N GLY D 384 -34.23 9.20 16.11
CA GLY D 384 -33.05 9.90 16.59
C GLY D 384 -32.06 8.97 17.26
N LYS D 385 -30.90 9.53 17.60
CA LYS D 385 -29.80 8.73 18.12
C LYS D 385 -29.99 8.31 19.57
N GLU D 386 -31.00 8.84 20.27
CA GLU D 386 -31.28 8.39 21.62
C GLU D 386 -32.31 7.26 21.63
N GLU D 387 -33.35 7.40 20.80
CA GLU D 387 -34.33 6.33 20.62
C GLU D 387 -33.69 5.08 20.05
N LEU D 388 -32.66 5.24 19.22
CA LEU D 388 -31.93 4.10 18.67
C LEU D 388 -31.25 3.28 19.76
N TYR D 389 -30.56 3.97 20.67
CA TYR D 389 -29.88 3.28 21.77
C TYR D 389 -30.86 2.64 22.73
N ASN D 390 -31.96 3.35 23.04
CA ASN D 390 -32.97 2.79 23.92
C ASN D 390 -33.68 1.60 23.29
N THR D 391 -33.87 1.61 21.97
CA THR D 391 -34.52 0.49 21.31
C THR D 391 -33.60 -0.72 21.24
N GLN D 392 -32.29 -0.48 21.03
CA GLN D 392 -31.32 -1.57 21.10
C GLN D 392 -31.32 -2.24 22.46
N GLN D 393 -31.28 -1.44 23.53
CA GLN D 393 -31.30 -2.00 24.89
C GLN D 393 -32.61 -2.72 25.18
N GLU D 394 -33.74 -2.15 24.75
CA GLU D 394 -35.05 -2.75 24.99
C GLU D 394 -35.20 -4.08 24.26
N VAL D 395 -34.74 -4.16 23.01
CA VAL D 395 -34.82 -5.39 22.24
C VAL D 395 -33.93 -6.46 22.85
N LEU D 396 -32.72 -6.09 23.29
CA LEU D 396 -31.82 -7.05 23.92
C LEU D 396 -32.40 -7.58 25.24
N LEU D 397 -33.01 -6.71 26.03
CA LEU D 397 -33.59 -7.13 27.31
C LEU D 397 -34.80 -8.03 27.10
N GLU D 398 -35.64 -7.72 26.10
CA GLU D 398 -36.79 -8.57 25.82
C GLU D 398 -36.37 -9.94 25.29
N ALA D 399 -35.33 -9.98 24.46
CA ALA D 399 -34.81 -11.26 23.99
C ALA D 399 -34.25 -12.10 25.13
N VAL D 400 -33.55 -11.48 26.08
CA VAL D 400 -33.03 -12.23 27.22
C VAL D 400 -34.16 -12.69 28.13
N LYS D 401 -35.22 -11.89 28.27
CA LYS D 401 -36.40 -12.32 29.03
C LYS D 401 -37.06 -13.55 28.40
N ILE D 402 -37.15 -13.58 27.07
CA ILE D 402 -37.73 -14.73 26.38
C ILE D 402 -36.84 -15.96 26.53
N ILE D 403 -35.52 -15.78 26.43
CA ILE D 403 -34.59 -16.91 26.52
C ILE D 403 -34.62 -17.50 27.93
N LYS D 404 -34.54 -16.66 28.96
CA LYS D 404 -34.60 -17.18 30.32
C LYS D 404 -36.00 -17.58 30.75
N LYS D 405 -37.03 -17.24 29.99
CA LYS D 405 -38.38 -17.71 30.31
C LYS D 405 -38.51 -19.20 30.05
N HIS D 406 -37.79 -19.73 29.05
CA HIS D 406 -37.81 -21.14 28.71
C HIS D 406 -36.88 -21.97 29.58
N GLY D 407 -36.37 -21.42 30.69
CA GLY D 407 -35.45 -22.12 31.56
C GLY D 407 -34.11 -22.41 30.91
N VAL D 408 -33.55 -21.42 30.22
CA VAL D 408 -32.27 -21.53 29.55
C VAL D 408 -31.40 -20.36 29.98
N SER D 409 -30.25 -20.65 30.59
CA SER D 409 -29.36 -19.60 31.02
C SER D 409 -28.45 -19.15 29.87
N LEU D 410 -27.78 -18.02 30.08
CA LEU D 410 -26.87 -17.49 29.09
C LEU D 410 -25.53 -18.22 29.14
N GLY D 411 -24.81 -18.21 28.03
CA GLY D 411 -23.52 -18.85 27.93
C GLY D 411 -22.37 -17.87 27.99
N THR D 412 -21.16 -18.40 28.04
CA THR D 412 -19.96 -17.60 28.18
C THR D 412 -19.02 -17.85 27.01
N THR D 413 -18.36 -16.79 26.57
CA THR D 413 -17.44 -16.83 25.44
C THR D 413 -16.04 -16.58 25.93
N SER E 126 -16.29 44.99 11.25
CA SER E 126 -17.01 44.44 10.11
C SER E 126 -16.69 45.19 8.83
N PHE E 127 -17.29 46.37 8.66
CA PHE E 127 -17.00 47.20 7.51
C PHE E 127 -15.62 47.84 7.62
N TRP E 128 -15.16 48.07 8.86
CA TRP E 128 -13.89 48.73 9.13
C TRP E 128 -12.73 47.96 8.51
N GLY E 129 -12.54 46.71 8.93
CA GLY E 129 -11.42 45.92 8.43
C GLY E 129 -11.59 45.53 6.97
N ALA E 130 -12.84 45.35 6.54
CA ALA E 130 -13.13 44.99 5.15
C ALA E 130 -12.76 46.12 4.19
N LEU E 131 -12.79 47.37 4.64
CA LEU E 131 -12.22 48.41 3.79
C LEU E 131 -10.76 48.66 4.12
N GLU E 132 -10.34 48.31 5.35
CA GLU E 132 -9.03 48.71 5.83
C GLU E 132 -7.91 47.86 5.24
N ASP E 133 -8.05 46.54 5.31
CA ASP E 133 -6.92 45.67 4.95
C ASP E 133 -6.59 45.65 3.46
N PRO E 134 -7.56 45.57 2.52
CA PRO E 134 -7.14 45.64 1.10
C PRO E 134 -6.65 47.01 0.68
N ALA E 135 -7.13 48.09 1.30
CA ALA E 135 -6.64 49.42 0.94
C ALA E 135 -5.19 49.61 1.40
N ARG E 136 -4.87 49.20 2.62
CA ARG E 136 -3.50 49.32 3.10
C ARG E 136 -2.59 48.36 2.36
N TYR E 137 -3.12 47.21 1.95
CA TYR E 137 -2.34 46.28 1.14
C TYR E 137 -2.07 46.84 -0.24
N LEU E 138 -3.04 47.57 -0.80
CA LEU E 138 -2.84 48.11 -2.15
C LEU E 138 -1.90 49.29 -2.14
N VAL E 139 -1.92 50.11 -1.08
CA VAL E 139 -0.98 51.23 -1.06
C VAL E 139 0.42 50.74 -0.74
N THR E 140 0.53 49.66 0.03
CA THR E 140 1.81 48.99 0.22
C THR E 140 2.34 48.44 -1.10
N PHE E 141 1.45 47.88 -1.92
CA PHE E 141 1.85 47.31 -3.21
C PHE E 141 2.31 48.39 -4.19
N ILE E 142 1.57 49.51 -4.29
CA ILE E 142 1.99 50.53 -5.26
C ILE E 142 3.21 51.30 -4.75
N ALA E 143 3.37 51.39 -3.42
CA ALA E 143 4.59 51.98 -2.88
C ALA E 143 5.80 51.08 -3.15
N PHE E 144 5.59 49.77 -3.18
CA PHE E 144 6.65 48.87 -3.63
C PHE E 144 6.91 49.03 -5.11
N ALA E 145 5.85 49.20 -5.89
CA ALA E 145 6.00 49.28 -7.35
C ALA E 145 6.68 50.58 -7.78
N GLN E 146 6.55 51.64 -6.99
CA GLN E 146 7.21 52.90 -7.31
C GLN E 146 8.72 52.77 -7.26
N ILE E 147 9.24 52.11 -6.21
CA ILE E 147 10.68 51.85 -6.15
C ILE E 147 11.07 50.67 -7.02
N ALA E 148 10.11 49.84 -7.44
CA ALA E 148 10.40 48.88 -8.50
C ALA E 148 10.62 49.56 -9.84
N ALA E 149 9.95 50.70 -10.08
CA ALA E 149 10.17 51.49 -11.28
C ALA E 149 11.43 52.32 -11.22
N MET E 150 12.09 52.39 -10.07
CA MET E 150 13.36 53.10 -9.96
C MET E 150 14.47 52.35 -10.69
N VAL E 151 14.53 51.03 -10.49
CA VAL E 151 15.55 50.20 -11.11
C VAL E 151 14.99 49.49 -12.32
N ALA E 158 11.26 47.14 -16.81
CA ALA E 158 9.81 46.95 -16.94
C ALA E 158 9.07 48.26 -16.70
N GLN E 159 8.79 48.99 -17.77
CA GLN E 159 8.10 50.26 -17.69
C GLN E 159 6.63 50.03 -18.07
N TYR E 160 5.89 49.43 -17.14
CA TYR E 160 4.48 49.13 -17.32
C TYR E 160 3.69 49.66 -16.13
N PHE E 161 3.95 50.91 -15.75
CA PHE E 161 3.50 51.41 -14.45
C PHE E 161 1.99 51.58 -14.40
N SER E 162 1.43 52.43 -15.26
CA SER E 162 0.01 52.74 -15.25
C SER E 162 -0.93 51.54 -15.42
N PRO E 163 -0.68 50.56 -16.31
CA PRO E 163 -1.58 49.38 -16.32
C PRO E 163 -1.51 48.54 -15.07
N THR E 164 -0.33 48.41 -14.45
CA THR E 164 -0.25 47.63 -13.22
C THR E 164 -0.90 48.35 -12.05
N VAL E 165 -0.80 49.67 -11.97
CA VAL E 165 -1.50 50.34 -10.88
C VAL E 165 -3.01 50.36 -11.12
N LYS E 166 -3.46 50.37 -12.38
CA LYS E 166 -4.90 50.30 -12.61
C LYS E 166 -5.44 48.90 -12.29
N GLY E 167 -4.69 47.86 -12.66
CA GLY E 167 -5.07 46.51 -12.31
C GLY E 167 -5.03 46.26 -10.81
N ALA E 168 -4.04 46.83 -10.12
CA ALA E 168 -3.97 46.68 -8.68
C ALA E 168 -5.10 47.41 -7.98
N VAL E 169 -5.51 48.57 -8.53
CA VAL E 169 -6.62 49.31 -7.96
C VAL E 169 -7.92 48.52 -8.09
N ILE E 170 -8.18 47.96 -9.28
CA ILE E 170 -9.46 47.26 -9.45
C ILE E 170 -9.44 45.93 -8.70
N LEU E 171 -8.27 45.32 -8.55
CA LEU E 171 -8.22 44.03 -7.86
C LEU E 171 -8.36 44.23 -6.35
N SER E 172 -7.83 45.34 -5.82
CA SER E 172 -8.09 45.68 -4.43
C SER E 172 -9.56 46.02 -4.23
N LEU E 173 -10.18 46.66 -5.22
CA LEU E 173 -11.61 46.96 -5.16
C LEU E 173 -12.44 45.68 -5.14
N VAL E 174 -12.03 44.67 -5.91
CA VAL E 174 -12.80 43.44 -5.94
C VAL E 174 -12.55 42.61 -4.70
N TRP E 175 -11.38 42.75 -4.07
CA TRP E 175 -11.13 42.08 -2.79
C TRP E 175 -11.96 42.69 -1.68
N PHE E 176 -12.08 44.03 -1.70
CA PHE E 176 -12.94 44.72 -0.75
C PHE E 176 -14.40 44.33 -0.94
N LEU E 177 -14.85 44.24 -2.20
CA LEU E 177 -16.24 43.87 -2.44
C LEU E 177 -16.52 42.43 -2.05
N TYR E 178 -15.54 41.54 -2.21
CA TYR E 178 -15.71 40.16 -1.78
C TYR E 178 -15.84 40.06 -0.26
N ARG E 179 -14.99 40.80 0.47
CA ARG E 179 -15.08 40.80 1.93
C ARG E 179 -16.38 41.41 2.42
N TRP E 180 -16.82 42.50 1.76
CA TRP E 180 -18.09 43.11 2.11
C TRP E 180 -19.26 42.18 1.84
N LYS E 181 -19.16 41.40 0.76
CA LYS E 181 -20.26 40.52 0.39
C LYS E 181 -20.38 39.34 1.35
N THR E 182 -19.25 38.75 1.76
CA THR E 182 -19.35 37.66 2.73
C THR E 182 -19.78 38.19 4.10
N ASN E 183 -19.44 39.45 4.42
CA ASN E 183 -19.92 40.03 5.67
C ASN E 183 -21.42 40.27 5.65
N VAL E 184 -21.98 40.71 4.52
CA VAL E 184 -23.41 40.98 4.52
C VAL E 184 -24.21 39.71 4.32
N ILE E 185 -23.59 38.65 3.81
CA ILE E 185 -24.32 37.38 3.78
C ILE E 185 -24.25 36.69 5.14
N THR E 186 -23.18 36.89 5.90
CA THR E 186 -23.19 36.32 7.24
C THR E 186 -23.97 37.17 8.23
N ARG E 187 -24.34 38.38 7.77
CA ARG E 187 -25.21 39.30 8.56
C ARG E 187 -26.65 38.83 8.39
N MET E 188 -27.02 38.42 7.16
CA MET E 188 -28.35 37.94 6.86
C MET E 188 -28.58 36.51 7.33
N LEU E 189 -27.50 35.75 7.50
CA LEU E 189 -27.59 34.42 8.10
C LEU E 189 -27.63 34.49 9.62
N SER E 190 -27.51 35.68 10.20
CA SER E 190 -27.70 35.91 11.62
C SER E 190 -29.08 36.51 11.88
N ALA E 191 -30.07 36.10 11.10
CA ALA E 191 -31.42 36.61 11.24
C ALA E 191 -32.44 35.55 10.79
N ASP E 198 -35.76 28.81 1.15
CA ASP E 198 -35.07 30.07 0.90
C ASP E 198 -33.77 30.14 1.70
N ARG E 199 -33.13 28.98 1.85
CA ARG E 199 -31.85 28.87 2.60
C ARG E 199 -30.74 28.37 1.66
N GLU E 200 -30.99 27.26 0.96
CA GLU E 200 -29.98 26.71 0.05
C GLU E 200 -29.81 27.61 -1.16
N LYS E 201 -30.87 28.31 -1.56
CA LYS E 201 -30.79 29.27 -2.66
C LYS E 201 -29.85 30.41 -2.32
N VAL E 202 -29.83 30.83 -1.05
CA VAL E 202 -28.91 31.86 -0.58
C VAL E 202 -27.47 31.41 -0.74
N LEU E 203 -27.19 30.15 -0.38
CA LEU E 203 -25.82 29.65 -0.43
C LEU E 203 -25.33 29.46 -1.86
N THR E 204 -26.16 28.86 -2.72
CA THR E 204 -25.73 28.73 -4.11
C THR E 204 -25.66 30.08 -4.80
N LEU E 205 -26.49 31.03 -4.38
CA LEU E 205 -26.52 32.34 -5.00
C LEU E 205 -25.27 33.14 -4.66
N ASP E 206 -24.89 33.20 -3.38
CA ASP E 206 -23.73 34.01 -3.07
C ASP E 206 -22.43 33.29 -3.40
N LYS E 207 -22.48 31.96 -3.57
CA LYS E 207 -21.30 31.28 -4.10
C LYS E 207 -21.08 31.60 -5.57
N VAL E 208 -22.14 31.53 -6.39
CA VAL E 208 -21.94 31.86 -7.80
C VAL E 208 -21.72 33.35 -7.98
N SER E 209 -22.24 34.16 -7.05
CA SER E 209 -21.94 35.59 -7.07
C SER E 209 -20.51 35.89 -6.69
N SER E 210 -19.92 35.13 -5.76
CA SER E 210 -18.50 35.29 -5.44
C SER E 210 -17.63 34.93 -6.64
N VAL E 211 -17.94 33.81 -7.30
CA VAL E 211 -17.11 33.42 -8.44
C VAL E 211 -17.35 34.35 -9.65
N GLY E 212 -18.55 34.92 -9.77
CA GLY E 212 -18.79 35.86 -10.86
C GLY E 212 -18.17 37.22 -10.59
N LEU E 213 -18.12 37.62 -9.33
CA LEU E 213 -17.45 38.86 -8.99
C LEU E 213 -15.94 38.74 -9.18
N PHE E 214 -15.38 37.57 -8.87
CA PHE E 214 -13.98 37.33 -9.18
C PHE E 214 -13.73 37.31 -10.69
N ALA E 215 -14.65 36.73 -11.47
CA ALA E 215 -14.52 36.74 -12.92
C ALA E 215 -14.60 38.15 -13.50
N ILE E 216 -15.51 38.98 -13.00
CA ILE E 216 -15.65 40.33 -13.56
C ILE E 216 -14.49 41.21 -13.09
N GLY E 217 -13.88 40.88 -11.95
CA GLY E 217 -12.66 41.56 -11.57
C GLY E 217 -11.50 41.22 -12.49
N LEU E 218 -11.40 39.96 -12.90
CA LEU E 218 -10.32 39.58 -13.80
C LEU E 218 -10.56 40.13 -15.20
N MET E 219 -11.81 40.19 -15.64
CA MET E 219 -12.08 40.79 -16.94
C MET E 219 -12.07 42.31 -16.92
N ALA E 220 -12.05 42.93 -15.74
CA ALA E 220 -11.70 44.34 -15.64
C ALA E 220 -10.19 44.54 -15.65
N SER E 221 -9.44 43.58 -15.11
CA SER E 221 -7.97 43.63 -15.22
C SER E 221 -7.49 43.38 -16.63
N ALA E 222 -8.25 42.63 -17.43
CA ALA E 222 -7.85 42.42 -18.82
C ALA E 222 -8.10 43.63 -19.69
N GLU E 223 -8.94 44.57 -19.24
CA GLU E 223 -9.23 45.77 -20.01
C GLU E 223 -8.03 46.72 -20.00
N ALA E 224 -7.37 46.85 -18.86
CA ALA E 224 -6.20 47.71 -18.76
C ALA E 224 -4.94 46.88 -18.56
N VAL E 235 -4.45 34.09 -21.34
CA VAL E 235 -5.15 33.59 -20.15
C VAL E 235 -4.14 32.93 -19.22
N GLY E 236 -2.93 32.69 -19.71
CA GLY E 236 -1.90 32.06 -18.93
C GLY E 236 -1.76 30.57 -19.13
N GLY E 237 -2.74 29.93 -19.74
CA GLY E 237 -2.65 28.52 -20.06
C GLY E 237 -3.31 27.57 -19.08
N VAL E 238 -4.18 28.07 -18.20
CA VAL E 238 -4.86 27.17 -17.26
C VAL E 238 -6.05 26.49 -17.91
N GLY E 239 -6.49 26.98 -19.07
CA GLY E 239 -7.75 26.54 -19.63
C GLY E 239 -7.70 25.12 -20.14
N GLY E 240 -6.59 24.75 -20.78
CA GLY E 240 -6.45 23.38 -21.26
C GLY E 240 -6.38 22.39 -20.12
N VAL E 241 -5.78 22.80 -19.00
CA VAL E 241 -5.67 21.93 -17.84
C VAL E 241 -7.04 21.71 -17.21
N VAL E 242 -7.81 22.78 -17.03
CA VAL E 242 -9.08 22.59 -16.35
C VAL E 242 -10.13 21.95 -17.27
N THR E 243 -10.05 22.16 -18.58
CA THR E 243 -10.96 21.41 -19.42
C THR E 243 -10.53 19.96 -19.56
N ALA E 244 -9.23 19.68 -19.46
CA ALA E 244 -8.80 18.28 -19.42
C ALA E 244 -9.34 17.57 -18.18
N PHE E 245 -9.26 18.23 -17.03
CA PHE E 245 -9.72 17.63 -15.78
C PHE E 245 -11.22 17.47 -15.78
N ALA E 246 -11.95 18.50 -16.18
CA ALA E 246 -13.41 18.44 -16.18
C ALA E 246 -13.92 17.46 -17.22
N ALA E 247 -13.27 17.40 -18.38
CA ALA E 247 -13.65 16.45 -19.40
C ALA E 247 -13.42 15.03 -18.94
N ARG E 248 -12.29 14.78 -18.27
CA ARG E 248 -11.99 13.48 -17.70
C ARG E 248 -13.05 13.05 -16.70
N ASP E 249 -13.35 13.91 -15.72
CA ASP E 249 -14.33 13.56 -14.69
C ASP E 249 -15.73 13.36 -15.24
N ILE E 250 -16.26 14.38 -15.92
CA ILE E 250 -17.65 14.34 -16.37
C ILE E 250 -17.85 13.29 -17.45
N LEU E 251 -16.99 13.31 -18.48
CA LEU E 251 -17.21 12.36 -19.55
C LEU E 251 -16.81 10.95 -19.18
N GLY E 252 -15.89 10.74 -18.23
CA GLY E 252 -15.66 9.39 -17.74
C GLY E 252 -16.87 8.85 -17.01
N ASN E 253 -17.53 9.71 -16.23
CA ASN E 253 -18.74 9.26 -15.55
C ASN E 253 -19.86 8.95 -16.51
N VAL E 254 -20.06 9.78 -17.54
CA VAL E 254 -21.17 9.49 -18.46
C VAL E 254 -20.83 8.33 -19.39
N LEU E 255 -19.56 8.16 -19.72
CA LEU E 255 -19.14 7.02 -20.53
C LEU E 255 -19.37 5.70 -19.80
N SER E 256 -18.99 5.64 -18.53
CA SER E 256 -19.25 4.42 -17.78
C SER E 256 -20.73 4.24 -17.54
N GLY E 257 -21.47 5.33 -17.41
CA GLY E 257 -22.90 5.23 -17.21
C GLY E 257 -23.64 4.71 -18.42
N LEU E 258 -23.07 4.89 -19.60
CA LEU E 258 -23.66 4.25 -20.78
C LEU E 258 -23.14 2.84 -21.03
N SER E 259 -21.87 2.58 -20.78
CA SER E 259 -21.36 1.23 -20.99
C SER E 259 -21.96 0.25 -20.00
N MET E 260 -22.31 0.70 -18.80
CA MET E 260 -23.09 -0.14 -17.92
C MET E 260 -24.53 -0.29 -18.36
N GLN E 261 -25.04 0.64 -19.17
CA GLN E 261 -26.38 0.49 -19.68
C GLN E 261 -26.46 -0.47 -20.85
N PHE E 262 -25.39 -0.62 -21.60
CA PHE E 262 -25.42 -1.61 -22.67
C PHE E 262 -25.20 -3.01 -22.10
N SER E 263 -24.02 -3.25 -21.54
CA SER E 263 -23.65 -4.58 -21.07
C SER E 263 -23.90 -4.65 -19.58
N ARG E 264 -25.14 -4.96 -19.22
CA ARG E 264 -25.66 -4.75 -17.87
C ARG E 264 -25.01 -5.66 -16.83
N PRO E 265 -24.26 -5.13 -15.89
CA PRO E 265 -23.68 -5.99 -14.87
C PRO E 265 -24.62 -6.20 -13.69
N PHE E 266 -25.80 -5.37 -13.45
CA PHE E 266 -26.76 -5.48 -12.36
C PHE E 266 -28.01 -4.70 -12.74
N SER E 267 -29.05 -4.86 -11.93
CA SER E 267 -30.32 -4.17 -12.14
C SER E 267 -30.76 -3.57 -10.83
N MET E 268 -31.89 -2.87 -10.87
CA MET E 268 -32.42 -2.20 -9.68
C MET E 268 -32.90 -3.23 -8.67
N GLY E 269 -32.36 -3.16 -7.46
CA GLY E 269 -32.70 -4.09 -6.40
C GLY E 269 -31.65 -5.14 -6.13
N ASP E 270 -30.69 -5.31 -7.03
CA ASP E 270 -29.67 -6.33 -6.86
C ASP E 270 -28.69 -5.94 -5.78
N THR E 271 -28.22 -6.93 -5.03
CA THR E 271 -27.16 -6.72 -4.05
C THR E 271 -25.82 -6.98 -4.72
N ILE E 272 -24.98 -5.96 -4.79
CA ILE E 272 -23.70 -6.06 -5.49
C ILE E 272 -22.57 -5.77 -4.52
N LYS E 273 -21.38 -6.15 -4.94
CA LYS E 273 -20.13 -5.74 -4.30
C LYS E 273 -19.14 -5.40 -5.39
N ALA E 274 -18.64 -4.17 -5.40
CA ALA E 274 -17.73 -3.72 -6.44
C ALA E 274 -16.52 -3.07 -5.77
N GLY E 275 -15.54 -3.88 -5.42
CA GLY E 275 -14.36 -3.37 -4.75
C GLY E 275 -14.64 -2.97 -3.33
N SER E 276 -14.64 -1.66 -3.07
CA SER E 276 -14.83 -1.15 -1.72
C SER E 276 -16.30 -1.03 -1.33
N VAL E 277 -17.20 -0.88 -2.29
CA VAL E 277 -18.59 -0.65 -2.00
C VAL E 277 -19.36 -1.96 -2.08
N GLU E 278 -20.46 -2.02 -1.34
CA GLU E 278 -21.28 -3.22 -1.24
C GLU E 278 -22.66 -2.87 -0.72
N GLY E 279 -23.70 -3.35 -1.36
CA GLY E 279 -25.05 -3.12 -0.89
C GLY E 279 -26.06 -3.25 -2.01
N GLN E 280 -27.29 -2.88 -1.70
CA GLN E 280 -28.37 -2.94 -2.68
C GLN E 280 -28.29 -1.75 -3.62
N VAL E 281 -28.83 -1.93 -4.83
CA VAL E 281 -28.84 -0.88 -5.83
C VAL E 281 -30.22 -0.23 -5.79
N ILE E 282 -30.30 1.01 -5.32
CA ILE E 282 -31.58 1.68 -5.17
C ILE E 282 -31.84 2.76 -6.22
N GLU E 283 -30.81 3.19 -6.95
CA GLU E 283 -30.98 4.24 -7.95
C GLU E 283 -29.83 4.16 -8.93
N MET E 284 -30.12 3.78 -10.18
CA MET E 284 -29.14 3.82 -11.24
C MET E 284 -29.30 5.13 -12.00
N GLY E 285 -28.33 6.03 -11.85
CA GLY E 285 -28.41 7.36 -12.41
C GLY E 285 -27.50 7.55 -13.61
N LEU E 286 -27.47 8.79 -14.08
CA LEU E 286 -26.70 9.11 -15.27
C LEU E 286 -25.21 9.27 -14.97
N THR E 287 -24.87 9.87 -13.82
CA THR E 287 -23.50 10.04 -13.41
C THR E 287 -23.15 9.32 -12.12
N THR E 288 -24.13 9.00 -11.28
CA THR E 288 -23.90 8.33 -10.02
C THR E 288 -24.92 7.22 -9.81
N THR E 289 -24.46 6.06 -9.35
CA THR E 289 -25.31 5.02 -8.81
C THR E 289 -25.48 5.26 -7.32
N SER E 290 -26.62 4.85 -6.78
CA SER E 290 -26.89 4.95 -5.35
C SER E 290 -27.10 3.55 -4.80
N LEU E 291 -26.35 3.21 -3.77
CA LEU E 291 -26.46 1.94 -3.08
C LEU E 291 -26.99 2.16 -1.68
N LEU E 292 -27.35 1.05 -1.05
CA LEU E 292 -27.78 1.02 0.34
C LEU E 292 -26.94 -0.04 1.02
N ASN E 293 -26.03 0.37 1.89
CA ASN E 293 -25.01 -0.55 2.39
C ASN E 293 -25.57 -1.43 3.51
N ALA E 294 -24.69 -2.10 4.24
CA ALA E 294 -25.11 -3.09 5.23
C ALA E 294 -25.80 -2.46 6.43
N GLU E 295 -25.49 -1.21 6.75
CA GLU E 295 -26.17 -0.48 7.80
C GLU E 295 -27.30 0.39 7.28
N LYS E 296 -27.68 0.19 6.02
CA LYS E 296 -28.81 0.84 5.36
C LYS E 296 -28.65 2.36 5.27
N PHE E 297 -27.42 2.80 5.07
CA PHE E 297 -27.06 4.18 4.75
C PHE E 297 -26.96 4.33 3.24
N PRO E 298 -27.46 5.42 2.65
CA PRO E 298 -27.33 5.60 1.20
C PRO E 298 -25.91 6.01 0.82
N VAL E 299 -25.26 5.17 0.01
CA VAL E 299 -23.94 5.43 -0.54
C VAL E 299 -24.11 5.98 -1.94
N LEU E 300 -23.26 6.93 -2.32
CA LEU E 300 -23.32 7.57 -3.63
C LEU E 300 -22.03 7.28 -4.38
N VAL E 301 -22.09 6.40 -5.38
CA VAL E 301 -20.92 5.89 -6.09
C VAL E 301 -20.90 6.53 -7.47
N PRO E 302 -19.79 7.11 -7.91
CA PRO E 302 -19.70 7.54 -9.31
C PRO E 302 -19.55 6.36 -10.24
N ASN E 303 -20.12 6.48 -11.45
CA ASN E 303 -20.18 5.37 -12.40
C ASN E 303 -18.81 4.92 -12.87
N SER E 304 -17.83 5.83 -12.91
CA SER E 304 -16.49 5.49 -13.39
C SER E 304 -15.74 4.53 -12.48
N LEU E 305 -16.28 4.22 -11.30
CA LEU E 305 -15.71 3.20 -10.43
C LEU E 305 -16.19 1.80 -10.79
N PHE E 306 -17.06 1.66 -11.79
CA PHE E 306 -17.47 0.37 -12.31
C PHE E 306 -16.87 0.09 -13.68
N SER E 307 -15.78 0.77 -14.05
CA SER E 307 -15.32 0.72 -15.43
C SER E 307 -14.59 -0.58 -15.75
N SER E 308 -13.54 -0.90 -15.02
CA SER E 308 -12.80 -2.14 -15.23
C SER E 308 -12.53 -2.82 -13.90
N GLN E 309 -13.55 -2.91 -13.07
CA GLN E 309 -13.48 -3.59 -11.79
C GLN E 309 -14.35 -4.83 -11.82
N VAL E 310 -14.06 -5.74 -10.89
CA VAL E 310 -14.86 -6.94 -10.75
C VAL E 310 -16.11 -6.62 -9.94
N ILE E 311 -17.23 -7.16 -10.38
CA ILE E 311 -18.53 -6.88 -9.78
C ILE E 311 -19.13 -8.21 -9.38
N VAL E 312 -19.25 -8.45 -8.09
CA VAL E 312 -19.90 -9.64 -7.57
C VAL E 312 -21.38 -9.32 -7.43
N ASN E 313 -22.22 -10.13 -8.07
CA ASN E 313 -23.67 -9.92 -8.07
C ASN E 313 -24.31 -11.01 -7.24
N LYS E 314 -24.62 -10.69 -5.99
CA LYS E 314 -25.14 -11.67 -5.04
C LYS E 314 -26.60 -12.01 -5.26
N SER E 315 -27.28 -11.37 -6.19
CA SER E 315 -28.71 -11.61 -6.39
C SER E 315 -29.00 -12.42 -7.64
N ARG E 316 -27.98 -12.88 -8.36
CA ARG E 316 -28.16 -13.74 -9.51
C ARG E 316 -27.74 -15.17 -9.24
N ALA E 317 -27.35 -15.50 -8.00
CA ALA E 317 -26.96 -16.86 -7.66
C ALA E 317 -28.14 -17.80 -7.76
N GLN E 318 -27.87 -19.02 -8.23
CA GLN E 318 -28.89 -20.05 -8.35
C GLN E 318 -28.77 -21.13 -7.30
N TRP E 319 -27.67 -21.17 -6.56
CA TRP E 319 -27.53 -22.01 -5.37
C TRP E 319 -26.50 -21.35 -4.47
N ARG E 320 -26.56 -21.68 -3.20
CA ARG E 320 -25.71 -21.08 -2.19
C ARG E 320 -24.87 -22.16 -1.53
N ALA E 321 -23.66 -21.81 -1.13
CA ALA E 321 -22.78 -22.76 -0.45
C ALA E 321 -22.72 -22.42 1.03
N ILE E 322 -23.07 -23.38 1.87
CA ILE E 322 -22.96 -23.19 3.31
C ILE E 322 -21.97 -24.21 3.87
N ALA E 323 -21.34 -23.82 4.98
CA ALA E 323 -20.37 -24.66 5.67
C ALA E 323 -20.31 -24.25 7.13
N SER E 324 -19.79 -25.15 7.95
CA SER E 324 -19.68 -24.94 9.39
C SER E 324 -18.67 -25.92 9.94
N LYS E 325 -18.23 -25.66 11.16
CA LYS E 325 -17.32 -26.53 11.90
C LYS E 325 -17.97 -26.90 13.22
N ILE E 326 -17.84 -28.17 13.60
CA ILE E 326 -18.38 -28.69 14.84
C ILE E 326 -17.26 -29.31 15.66
N PRO E 327 -16.96 -28.80 16.84
CA PRO E 327 -15.95 -29.45 17.69
C PRO E 327 -16.55 -30.59 18.49
N LEU E 328 -15.73 -31.60 18.75
CA LEU E 328 -16.16 -32.84 19.37
C LEU E 328 -15.26 -33.17 20.54
N GLN E 329 -15.86 -33.62 21.64
CA GLN E 329 -15.12 -34.19 22.76
C GLN E 329 -15.28 -35.70 22.66
N ILE E 330 -14.40 -36.32 21.90
CA ILE E 330 -14.46 -37.75 21.64
C ILE E 330 -13.06 -38.32 21.88
N ASP E 331 -12.99 -39.41 22.63
CA ASP E 331 -11.72 -40.05 22.93
C ASP E 331 -11.44 -41.26 22.05
N ASP E 332 -12.48 -41.92 21.56
CA ASP E 332 -12.34 -43.09 20.70
C ASP E 332 -12.85 -42.72 19.31
N LEU E 333 -11.92 -42.50 18.39
CA LEU E 333 -12.25 -41.96 17.08
C LEU E 333 -12.77 -43.00 16.12
N ASP E 334 -12.91 -44.26 16.55
CA ASP E 334 -13.43 -45.31 15.67
C ASP E 334 -14.88 -45.09 15.26
N MET E 335 -15.62 -44.25 15.98
CA MET E 335 -16.97 -43.85 15.59
C MET E 335 -17.01 -42.66 14.64
N ILE E 336 -15.87 -42.04 14.36
CA ILE E 336 -15.77 -40.86 13.48
C ILE E 336 -16.22 -41.12 12.05
N PRO E 337 -15.88 -42.27 11.34
CA PRO E 337 -16.44 -42.48 9.98
C PRO E 337 -17.95 -42.55 9.91
N GLN E 338 -18.56 -43.42 10.73
CA GLN E 338 -19.99 -43.69 10.70
C GLN E 338 -20.81 -42.42 10.87
N ILE E 339 -20.48 -41.64 11.91
CA ILE E 339 -21.08 -40.33 12.16
C ILE E 339 -21.05 -39.46 10.91
N SER E 340 -19.86 -39.36 10.29
CA SER E 340 -19.68 -38.57 9.08
C SER E 340 -20.61 -39.05 7.97
N ASN E 341 -20.67 -40.38 7.78
CA ASN E 341 -21.55 -40.95 6.77
C ASN E 341 -23.00 -40.63 7.07
N GLU E 342 -23.37 -40.75 8.36
CA GLU E 342 -24.71 -40.41 8.82
C GLU E 342 -25.04 -38.96 8.49
N ILE E 343 -24.09 -38.06 8.75
CA ILE E 343 -24.33 -36.64 8.52
C ILE E 343 -24.50 -36.37 7.04
N LYS E 344 -23.74 -37.10 6.20
CA LYS E 344 -23.88 -36.92 4.77
C LYS E 344 -25.23 -37.41 4.29
N GLU E 345 -25.74 -38.51 4.90
CA GLU E 345 -27.07 -38.98 4.55
C GLU E 345 -28.12 -37.96 4.97
N MET E 346 -27.91 -37.30 6.10
CA MET E 346 -28.81 -36.24 6.55
C MET E 346 -28.82 -35.10 5.55
N LEU E 347 -27.69 -34.84 4.92
CA LEU E 347 -27.64 -33.73 3.99
C LEU E 347 -28.12 -34.12 2.60
N ARG E 348 -28.42 -35.40 2.35
CA ARG E 348 -28.90 -35.75 1.02
C ARG E 348 -30.37 -36.10 0.99
N SER E 349 -30.90 -36.70 2.06
CA SER E 349 -32.34 -36.89 2.18
C SER E 349 -33.07 -35.59 2.47
N ASN E 350 -32.36 -34.54 2.85
CA ASN E 350 -32.96 -33.26 3.15
C ASN E 350 -33.37 -32.56 1.85
N THR E 351 -34.55 -31.95 1.86
CA THR E 351 -34.88 -31.01 0.81
C THR E 351 -34.12 -29.70 1.06
N LYS E 352 -34.32 -28.74 0.15
CA LYS E 352 -33.64 -27.44 0.13
C LYS E 352 -32.13 -27.55 -0.02
N VAL E 353 -31.60 -28.71 -0.42
CA VAL E 353 -30.19 -28.83 -0.77
C VAL E 353 -30.11 -29.16 -2.25
N PHE E 354 -28.96 -28.86 -2.84
CA PHE E 354 -28.76 -28.90 -4.27
C PHE E 354 -27.63 -29.89 -4.56
N LEU E 355 -27.99 -31.10 -5.00
CA LEU E 355 -27.02 -32.14 -5.29
C LEU E 355 -26.59 -32.14 -6.75
N GLY E 356 -26.70 -31.00 -7.44
CA GLY E 356 -26.39 -30.96 -8.85
C GLY E 356 -24.90 -30.99 -9.16
N LYS E 357 -24.10 -30.25 -8.39
CA LYS E 357 -22.69 -30.09 -8.72
C LYS E 357 -21.78 -30.76 -7.69
N GLU E 358 -21.88 -30.39 -6.41
CA GLU E 358 -21.01 -30.93 -5.39
C GLU E 358 -21.83 -31.74 -4.40
N ALA E 359 -21.30 -32.92 -4.06
CA ALA E 359 -21.90 -33.71 -3.00
C ALA E 359 -21.65 -33.03 -1.66
N PRO E 360 -22.57 -33.19 -0.70
CA PRO E 360 -22.33 -32.66 0.65
C PRO E 360 -21.18 -33.39 1.31
N HIS E 361 -20.38 -32.64 2.08
CA HIS E 361 -19.22 -33.22 2.70
C HIS E 361 -19.27 -33.02 4.21
N CYS E 362 -18.63 -33.96 4.92
CA CYS E 362 -18.47 -33.85 6.36
C CYS E 362 -17.21 -34.65 6.69
N TYR E 363 -16.10 -33.96 6.89
CA TYR E 363 -14.83 -34.64 7.09
C TYR E 363 -14.17 -34.14 8.36
N LEU E 364 -13.06 -34.77 8.73
CA LEU E 364 -12.35 -34.48 9.96
C LEU E 364 -11.13 -33.63 9.64
N SER E 365 -11.12 -32.40 10.13
CA SER E 365 -10.09 -31.44 9.73
C SER E 365 -8.90 -31.40 10.67
N ARG E 366 -9.11 -31.59 11.97
CA ARG E 366 -8.01 -31.54 12.92
C ARG E 366 -8.38 -32.34 14.16
N VAL E 367 -7.35 -32.80 14.86
CA VAL E 367 -7.53 -33.65 16.04
C VAL E 367 -6.63 -33.11 17.15
N GLU E 368 -6.96 -33.47 18.38
CA GLU E 368 -6.31 -32.98 19.59
C GLU E 368 -6.77 -33.88 20.74
N LYS E 369 -6.24 -33.64 21.94
CA LYS E 369 -6.61 -34.44 23.12
C LYS E 369 -8.05 -34.19 23.51
N SER E 370 -8.85 -35.26 23.52
CA SER E 370 -10.29 -35.24 23.81
C SER E 370 -11.02 -34.24 22.92
N PHE E 371 -10.61 -34.19 21.65
CA PHE E 371 -11.06 -33.13 20.76
C PHE E 371 -10.95 -33.62 19.34
N ALA E 372 -11.92 -33.23 18.53
CA ALA E 372 -11.89 -33.45 17.09
C ALA E 372 -12.67 -32.31 16.46
N GLU E 373 -12.58 -32.18 15.16
CA GLU E 373 -13.33 -31.12 14.49
C GLU E 373 -13.87 -31.63 13.16
N LEU E 374 -15.18 -31.49 12.97
CA LEU E 374 -15.80 -31.86 11.72
C LEU E 374 -16.09 -30.61 10.91
N THR E 375 -15.78 -30.68 9.62
CA THR E 375 -16.12 -29.63 8.67
C THR E 375 -17.27 -30.15 7.83
N ILE E 376 -18.41 -29.45 7.89
CA ILE E 376 -19.65 -29.85 7.25
C ILE E 376 -20.00 -28.80 6.21
N GLY E 377 -20.48 -29.25 5.05
CA GLY E 377 -20.84 -28.30 4.03
C GLY E 377 -21.73 -28.87 2.95
N CYS E 378 -22.52 -28.00 2.33
CA CYS E 378 -23.43 -28.42 1.27
C CYS E 378 -23.80 -27.19 0.45
N ASN E 379 -24.56 -27.43 -0.63
CA ASN E 379 -25.14 -26.38 -1.45
C ASN E 379 -26.65 -26.41 -1.26
N LEU E 380 -27.20 -25.29 -0.83
CA LEU E 380 -28.64 -25.13 -0.74
C LEU E 380 -29.17 -24.52 -2.03
N ILE E 381 -30.45 -24.79 -2.30
CA ILE E 381 -31.13 -24.27 -3.50
C ILE E 381 -31.34 -22.77 -3.37
N ARG E 382 -31.77 -22.14 -4.46
CA ARG E 382 -32.02 -20.70 -4.43
C ARG E 382 -33.21 -20.38 -3.53
N MET E 383 -32.99 -19.50 -2.56
CA MET E 383 -34.00 -19.21 -1.55
C MET E 383 -33.78 -17.81 -1.00
N GLY E 384 -34.77 -17.34 -0.26
CA GLY E 384 -34.70 -16.04 0.36
C GLY E 384 -33.80 -16.03 1.58
N LYS E 385 -33.58 -14.83 2.12
CA LYS E 385 -32.63 -14.65 3.20
C LYS E 385 -33.16 -15.12 4.55
N GLU E 386 -34.44 -15.46 4.66
CA GLU E 386 -34.97 -16.02 5.89
C GLU E 386 -34.91 -17.54 5.89
N GLU E 387 -35.26 -18.14 4.75
CA GLU E 387 -35.13 -19.58 4.57
C GLU E 387 -33.68 -20.02 4.69
N LEU E 388 -32.74 -19.17 4.25
CA LEU E 388 -31.32 -19.47 4.35
C LEU E 388 -30.89 -19.61 5.81
N TYR E 389 -31.29 -18.66 6.65
CA TYR E 389 -30.95 -18.70 8.07
C TYR E 389 -31.61 -19.88 8.77
N ASN E 390 -32.89 -20.13 8.46
CA ASN E 390 -33.58 -21.27 9.06
C ASN E 390 -32.99 -22.59 8.62
N THR E 391 -32.52 -22.69 7.38
CA THR E 391 -31.91 -23.93 6.91
C THR E 391 -30.54 -24.15 7.53
N GLN E 392 -29.78 -23.06 7.74
CA GLN E 392 -28.50 -23.17 8.46
C GLN E 392 -28.72 -23.70 9.88
N GLN E 393 -29.70 -23.11 10.60
CA GLN E 393 -29.98 -23.56 11.96
C GLN E 393 -30.49 -25.00 11.98
N GLU E 394 -31.35 -25.37 11.03
CA GLU E 394 -31.91 -26.71 10.97
C GLU E 394 -30.84 -27.76 10.68
N VAL E 395 -29.92 -27.46 9.75
CA VAL E 395 -28.85 -28.38 9.42
C VAL E 395 -27.89 -28.55 10.60
N LEU E 396 -27.58 -27.45 11.29
CA LEU E 396 -26.70 -27.53 12.46
C LEU E 396 -27.34 -28.34 13.58
N LEU E 397 -28.63 -28.16 13.82
CA LEU E 397 -29.32 -28.91 14.87
C LEU E 397 -29.43 -30.39 14.54
N GLU E 398 -29.68 -30.72 13.27
CA GLU E 398 -29.75 -32.13 12.88
C GLU E 398 -28.38 -32.80 12.98
N ALA E 399 -27.32 -32.08 12.62
CA ALA E 399 -25.96 -32.62 12.76
C ALA E 399 -25.62 -32.87 14.23
N VAL E 400 -26.01 -31.96 15.12
CA VAL E 400 -25.74 -32.16 16.54
C VAL E 400 -26.59 -33.31 17.11
N LYS E 401 -27.82 -33.48 16.62
CA LYS E 401 -28.64 -34.64 17.01
C LYS E 401 -27.98 -35.95 16.60
N ILE E 402 -27.42 -36.00 15.39
CA ILE E 402 -26.74 -37.21 14.93
C ILE E 402 -25.48 -37.48 15.76
N ILE E 403 -24.72 -36.43 16.06
CA ILE E 403 -23.47 -36.59 16.81
C ILE E 403 -23.76 -37.07 18.24
N LYS E 404 -24.72 -36.44 18.92
CA LYS E 404 -25.06 -36.88 20.27
C LYS E 404 -25.88 -38.17 20.29
N LYS E 405 -26.40 -38.62 19.14
CA LYS E 405 -27.10 -39.90 19.10
C LYS E 405 -26.12 -41.06 19.28
N HIS E 406 -24.89 -40.91 18.80
CA HIS E 406 -23.85 -41.92 18.94
C HIS E 406 -23.15 -41.89 20.29
N GLY E 407 -23.68 -41.18 21.27
CA GLY E 407 -23.07 -41.06 22.57
C GLY E 407 -21.75 -40.32 22.56
N VAL E 408 -21.71 -39.19 21.84
CA VAL E 408 -20.51 -38.36 21.72
C VAL E 408 -20.90 -36.94 22.04
N SER E 409 -20.28 -36.36 23.07
CA SER E 409 -20.58 -34.99 23.45
C SER E 409 -19.75 -34.01 22.60
N LEU E 410 -20.14 -32.74 22.68
CA LEU E 410 -19.43 -31.70 21.95
C LEU E 410 -18.17 -31.29 22.70
N GLY E 411 -17.21 -30.75 21.95
CA GLY E 411 -15.95 -30.32 22.51
C GLY E 411 -15.88 -28.81 22.66
N THR E 412 -14.80 -28.36 23.29
CA THR E 412 -14.62 -26.94 23.58
C THR E 412 -13.33 -26.44 22.95
N THR E 413 -13.37 -25.21 22.46
CA THR E 413 -12.24 -24.58 21.79
C THR E 413 -11.76 -23.42 22.64
N SER F 126 -44.17 20.27 -9.65
CA SER F 126 -43.71 19.41 -10.74
C SER F 126 -43.38 20.23 -11.98
N PHE F 127 -44.42 20.66 -12.72
CA PHE F 127 -44.20 21.50 -13.88
C PHE F 127 -43.82 22.93 -13.48
N TRP F 128 -44.28 23.35 -12.29
CA TRP F 128 -44.04 24.70 -11.78
C TRP F 128 -42.55 24.99 -11.67
N GLY F 129 -41.84 24.21 -10.84
CA GLY F 129 -40.43 24.45 -10.64
C GLY F 129 -39.58 24.11 -11.85
N ALA F 130 -40.02 23.12 -12.63
CA ALA F 130 -39.33 22.73 -13.85
C ALA F 130 -39.34 23.83 -14.90
N LEU F 131 -40.37 24.68 -14.91
CA LEU F 131 -40.26 25.85 -15.77
C LEU F 131 -39.69 27.04 -15.02
N GLU F 132 -39.79 27.04 -13.68
CA GLU F 132 -39.47 28.22 -12.91
C GLU F 132 -37.97 28.42 -12.76
N ASP F 133 -37.25 27.38 -12.32
CA ASP F 133 -35.85 27.56 -11.96
C ASP F 133 -34.92 27.84 -13.15
N PRO F 134 -35.01 27.15 -14.31
CA PRO F 134 -34.13 27.54 -15.41
C PRO F 134 -34.48 28.88 -16.03
N ALA F 135 -35.74 29.29 -15.99
CA ALA F 135 -36.11 30.60 -16.53
C ALA F 135 -35.56 31.73 -15.67
N ARG F 136 -35.70 31.61 -14.35
CA ARG F 136 -35.16 32.65 -13.48
C ARG F 136 -33.63 32.62 -13.50
N TYR F 137 -33.04 31.43 -13.69
CA TYR F 137 -31.59 31.36 -13.83
C TYR F 137 -31.12 32.01 -15.12
N LEU F 138 -31.91 31.87 -16.20
CA LEU F 138 -31.48 32.43 -17.47
C LEU F 138 -31.65 33.95 -17.48
N VAL F 139 -32.69 34.47 -16.80
CA VAL F 139 -32.82 35.93 -16.80
C VAL F 139 -31.81 36.55 -15.85
N THR F 140 -31.43 35.82 -14.80
CA THR F 140 -30.31 36.24 -13.96
C THR F 140 -29.01 36.26 -14.76
N PHE F 141 -28.82 35.27 -15.62
CA PHE F 141 -27.60 35.20 -16.43
C PHE F 141 -27.53 36.32 -17.46
N ILE F 142 -28.64 36.62 -18.15
CA ILE F 142 -28.56 37.67 -19.18
C ILE F 142 -28.54 39.04 -18.52
N ALA F 143 -29.12 39.18 -17.32
CA ALA F 143 -29.01 40.43 -16.59
C ALA F 143 -27.58 40.64 -16.10
N PHE F 144 -26.87 39.56 -15.81
CA PHE F 144 -25.44 39.68 -15.52
C PHE F 144 -24.66 40.04 -16.79
N ALA F 145 -25.05 39.45 -17.91
CA ALA F 145 -24.31 39.67 -19.16
C ALA F 145 -24.51 41.08 -19.70
N GLN F 146 -25.63 41.72 -19.37
CA GLN F 146 -25.87 43.10 -19.81
C GLN F 146 -24.89 44.06 -19.16
N ILE F 147 -24.65 43.91 -17.85
CA ILE F 147 -23.64 44.73 -17.19
C ILE F 147 -22.24 44.20 -17.45
N ALA F 148 -22.10 42.96 -17.91
CA ALA F 148 -20.82 42.51 -18.44
C ALA F 148 -20.47 43.21 -19.75
N ALA F 149 -21.48 43.56 -20.55
CA ALA F 149 -21.27 44.32 -21.78
C ALA F 149 -21.04 45.80 -21.53
N MET F 150 -21.23 46.26 -20.28
CA MET F 150 -20.95 47.65 -19.94
C MET F 150 -19.45 47.92 -19.95
N VAL F 151 -18.69 47.02 -19.34
CA VAL F 151 -17.24 47.16 -19.26
C VAL F 151 -16.55 46.31 -20.31
N ALA F 158 -15.23 42.20 -24.89
CA ALA F 158 -15.93 41.06 -25.47
C ALA F 158 -17.33 41.47 -25.93
N GLN F 159 -17.44 41.84 -27.20
CA GLN F 159 -18.72 42.26 -27.78
C GLN F 159 -19.29 41.09 -28.57
N TYR F 160 -19.81 40.10 -27.84
CA TYR F 160 -20.40 38.90 -28.43
C TYR F 160 -21.78 38.68 -27.83
N PHE F 161 -22.59 39.74 -27.78
CA PHE F 161 -23.80 39.73 -26.97
C PHE F 161 -24.86 38.79 -27.52
N SER F 162 -25.32 39.04 -28.76
CA SER F 162 -26.40 38.27 -29.36
C SER F 162 -26.14 36.76 -29.48
N PRO F 163 -24.94 36.26 -29.86
CA PRO F 163 -24.75 34.80 -29.84
C PRO F 163 -24.78 34.20 -28.45
N THR F 164 -24.26 34.90 -27.44
CA THR F 164 -24.30 34.36 -26.09
C THR F 164 -25.72 34.36 -25.52
N VAL F 165 -26.53 35.37 -25.83
CA VAL F 165 -27.90 35.32 -25.33
C VAL F 165 -28.73 34.29 -26.09
N LYS F 166 -28.41 34.04 -27.37
CA LYS F 166 -29.14 32.98 -28.08
C LYS F 166 -28.74 31.61 -27.57
N GLY F 167 -27.44 31.39 -27.29
CA GLY F 167 -27.01 30.15 -26.71
C GLY F 167 -27.54 29.94 -25.29
N ALA F 168 -27.62 31.01 -24.51
CA ALA F 168 -28.17 30.89 -23.16
C ALA F 168 -29.66 30.59 -23.20
N VAL F 169 -30.37 31.15 -24.18
CA VAL F 169 -31.80 30.89 -24.33
C VAL F 169 -32.02 29.42 -24.67
N ILE F 170 -31.27 28.88 -25.63
CA ILE F 170 -31.53 27.50 -26.03
C ILE F 170 -31.04 26.53 -24.96
N LEU F 171 -30.00 26.90 -24.21
CA LEU F 171 -29.50 26.00 -23.19
C LEU F 171 -30.43 25.98 -21.98
N SER F 172 -31.05 27.12 -21.66
CA SER F 172 -32.09 27.12 -20.64
C SER F 172 -33.31 26.33 -21.10
N LEU F 173 -33.61 26.39 -22.39
CA LEU F 173 -34.71 25.60 -22.95
C LEU F 173 -34.42 24.11 -22.84
N VAL F 174 -33.17 23.71 -23.05
CA VAL F 174 -32.85 22.29 -22.99
C VAL F 174 -32.77 21.82 -21.55
N TRP F 175 -32.43 22.73 -20.61
CA TRP F 175 -32.47 22.36 -19.20
C TRP F 175 -33.90 22.19 -18.71
N PHE F 176 -34.80 23.04 -19.18
CA PHE F 176 -36.22 22.90 -18.88
C PHE F 176 -36.78 21.61 -19.47
N LEU F 177 -36.40 21.27 -20.70
CA LEU F 177 -36.90 20.04 -21.31
C LEU F 177 -36.36 18.81 -20.61
N TYR F 178 -35.11 18.87 -20.13
CA TYR F 178 -34.56 17.76 -19.38
C TYR F 178 -35.30 17.53 -18.07
N ARG F 179 -35.60 18.62 -17.35
CA ARG F 179 -36.34 18.50 -16.09
C ARG F 179 -37.76 18.01 -16.33
N TRP F 180 -38.39 18.50 -17.40
CA TRP F 180 -39.74 18.03 -17.75
C TRP F 180 -39.73 16.56 -18.13
N LYS F 181 -38.67 16.11 -18.80
CA LYS F 181 -38.61 14.73 -19.25
C LYS F 181 -38.40 13.77 -18.09
N THR F 182 -37.53 14.13 -17.13
CA THR F 182 -37.37 13.24 -15.99
C THR F 182 -38.62 13.26 -15.10
N ASN F 183 -39.35 14.39 -15.09
CA ASN F 183 -40.61 14.42 -14.34
C ASN F 183 -41.68 13.53 -14.98
N VAL F 184 -41.75 13.51 -16.31
CA VAL F 184 -42.81 12.70 -16.93
C VAL F 184 -42.40 11.23 -17.00
N ILE F 185 -41.11 10.93 -16.88
CA ILE F 185 -40.75 9.52 -16.79
C ILE F 185 -40.92 9.03 -15.36
N THR F 186 -40.75 9.90 -14.36
CA THR F 186 -41.03 9.42 -13.01
C THR F 186 -42.52 9.45 -12.69
N ARG F 187 -43.29 10.05 -13.61
CA ARG F 187 -44.77 10.08 -13.50
C ARG F 187 -45.28 8.74 -14.04
N MET F 188 -44.66 8.24 -15.12
CA MET F 188 -45.04 6.97 -15.74
C MET F 188 -44.51 5.78 -14.95
N LEU F 189 -43.45 5.97 -14.18
CA LEU F 189 -42.95 4.95 -13.27
C LEU F 189 -43.74 4.90 -11.97
N SER F 190 -44.69 5.81 -11.79
CA SER F 190 -45.64 5.79 -10.69
C SER F 190 -46.98 5.25 -11.14
N ALA F 191 -46.96 4.29 -12.07
CA ALA F 191 -48.17 3.70 -12.60
C ALA F 191 -47.92 2.26 -13.03
N ASP F 198 -41.11 -4.50 -20.63
CA ASP F 198 -41.37 -3.10 -20.99
C ASP F 198 -41.00 -2.18 -19.83
N ARG F 199 -39.95 -2.55 -19.12
CA ARG F 199 -39.45 -1.77 -17.95
C ARG F 199 -38.02 -1.31 -18.21
N GLU F 200 -37.12 -2.25 -18.58
CA GLU F 200 -35.74 -1.90 -18.84
C GLU F 200 -35.60 -1.09 -20.12
N LYS F 201 -36.52 -1.31 -21.07
CA LYS F 201 -36.55 -0.54 -22.29
C LYS F 201 -36.85 0.93 -22.01
N VAL F 202 -37.70 1.19 -21.02
CA VAL F 202 -38.01 2.54 -20.59
C VAL F 202 -36.76 3.24 -20.06
N LEU F 203 -35.97 2.53 -19.25
CA LEU F 203 -34.80 3.13 -18.63
C LEU F 203 -33.71 3.39 -19.66
N THR F 204 -33.42 2.42 -20.54
CA THR F 204 -32.40 2.68 -21.55
C THR F 204 -32.88 3.72 -22.56
N LEU F 205 -34.20 3.80 -22.78
CA LEU F 205 -34.73 4.74 -23.75
C LEU F 205 -34.64 6.17 -23.24
N ASP F 206 -35.06 6.42 -21.99
CA ASP F 206 -35.00 7.81 -21.54
C ASP F 206 -33.59 8.21 -21.14
N LYS F 207 -32.70 7.23 -20.89
CA LYS F 207 -31.29 7.60 -20.72
C LYS F 207 -30.65 8.04 -22.03
N VAL F 208 -30.87 7.28 -23.11
CA VAL F 208 -30.28 7.70 -24.38
C VAL F 208 -31.00 8.93 -24.91
N SER F 209 -32.27 9.12 -24.55
CA SER F 209 -32.99 10.35 -24.88
C SER F 209 -32.48 11.55 -24.12
N SER F 210 -32.09 11.38 -22.86
CA SER F 210 -31.46 12.46 -22.12
C SER F 210 -30.12 12.87 -22.74
N VAL F 211 -29.30 11.88 -23.08
CA VAL F 211 -28.00 12.24 -23.66
C VAL F 211 -28.15 12.77 -25.09
N GLY F 212 -29.20 12.35 -25.81
CA GLY F 212 -29.41 12.89 -27.15
C GLY F 212 -30.01 14.28 -27.11
N LEU F 213 -30.83 14.56 -26.11
CA LEU F 213 -31.37 15.90 -25.95
C LEU F 213 -30.28 16.87 -25.53
N PHE F 214 -29.35 16.42 -24.69
CA PHE F 214 -28.19 17.24 -24.38
C PHE F 214 -27.30 17.47 -25.61
N ALA F 215 -27.14 16.44 -26.44
CA ALA F 215 -26.37 16.59 -27.67
C ALA F 215 -27.02 17.56 -28.65
N ILE F 216 -28.34 17.50 -28.81
CA ILE F 216 -29.01 18.39 -29.75
C ILE F 216 -29.08 19.81 -29.20
N GLY F 217 -29.03 19.96 -27.87
CA GLY F 217 -28.89 21.28 -27.30
C GLY F 217 -27.53 21.89 -27.58
N LEU F 218 -26.48 21.07 -27.51
CA LEU F 218 -25.15 21.58 -27.79
C LEU F 218 -24.98 21.88 -29.28
N MET F 219 -25.57 21.05 -30.13
CA MET F 219 -25.50 21.34 -31.57
C MET F 219 -26.46 22.44 -32.01
N ALA F 220 -27.41 22.84 -31.15
CA ALA F 220 -28.11 24.09 -31.39
C ALA F 220 -27.31 25.29 -30.90
N SER F 221 -26.50 25.12 -29.85
CA SER F 221 -25.59 26.17 -29.43
C SER F 221 -24.45 26.40 -30.41
N ALA F 222 -24.07 25.37 -31.16
CA ALA F 222 -23.03 25.54 -32.17
C ALA F 222 -23.54 26.27 -33.41
N GLU F 223 -24.85 26.32 -33.60
CA GLU F 223 -25.41 27.02 -34.76
C GLU F 223 -25.28 28.53 -34.61
N ALA F 224 -25.50 29.04 -33.40
CA ALA F 224 -25.37 30.48 -33.15
C ALA F 224 -24.17 30.76 -32.26
N VAL F 235 -14.50 22.08 -30.57
CA VAL F 235 -15.17 21.19 -29.62
C VAL F 235 -14.58 21.39 -28.23
N GLY F 236 -13.46 22.09 -28.15
CA GLY F 236 -12.81 22.33 -26.88
C GLY F 236 -11.69 21.37 -26.55
N GLY F 237 -11.59 20.25 -27.25
CA GLY F 237 -10.49 19.32 -27.06
C GLY F 237 -10.78 18.15 -26.15
N VAL F 238 -12.04 17.85 -25.84
CA VAL F 238 -12.35 16.71 -24.99
C VAL F 238 -12.33 15.41 -25.79
N GLY F 239 -12.36 15.50 -27.12
CA GLY F 239 -12.59 14.33 -27.93
C GLY F 239 -11.42 13.37 -27.92
N GLY F 240 -10.20 13.90 -27.98
CA GLY F 240 -9.03 13.04 -27.92
C GLY F 240 -8.90 12.34 -26.58
N VAL F 241 -9.32 13.01 -25.51
CA VAL F 241 -9.27 12.41 -24.18
C VAL F 241 -10.27 11.28 -24.05
N VAL F 242 -11.51 11.50 -24.51
CA VAL F 242 -12.49 10.44 -24.33
C VAL F 242 -12.29 9.29 -25.31
N THR F 243 -11.74 9.55 -26.50
CA THR F 243 -11.43 8.41 -27.34
C THR F 243 -10.19 7.69 -26.86
N ALA F 244 -9.26 8.38 -26.20
CA ALA F 244 -8.14 7.69 -25.58
C ALA F 244 -8.61 6.77 -24.48
N PHE F 245 -9.53 7.25 -23.63
CA PHE F 245 -10.03 6.45 -22.52
C PHE F 245 -10.86 5.26 -23.02
N ALA F 246 -11.75 5.51 -23.96
CA ALA F 246 -12.61 4.45 -24.47
C ALA F 246 -11.82 3.43 -25.27
N ALA F 247 -10.83 3.89 -26.03
CA ALA F 247 -9.97 2.98 -26.77
C ALA F 247 -9.16 2.10 -25.84
N ARG F 248 -8.63 2.71 -24.77
CA ARG F 248 -7.90 1.96 -23.76
C ARG F 248 -8.76 0.88 -23.13
N ASP F 249 -9.95 1.23 -22.65
CA ASP F 249 -10.82 0.26 -21.98
C ASP F 249 -11.28 -0.83 -22.93
N ILE F 250 -11.93 -0.46 -24.03
CA ILE F 250 -12.54 -1.43 -24.91
C ILE F 250 -11.49 -2.27 -25.62
N LEU F 251 -10.49 -1.63 -26.20
CA LEU F 251 -9.52 -2.41 -26.93
C LEU F 251 -8.56 -3.15 -26.03
N GLY F 252 -8.31 -2.70 -24.79
CA GLY F 252 -7.56 -3.52 -23.87
C GLY F 252 -8.31 -4.78 -23.49
N ASN F 253 -9.63 -4.67 -23.32
CA ASN F 253 -10.42 -5.85 -23.02
C ASN F 253 -10.44 -6.82 -24.19
N VAL F 254 -10.60 -6.34 -25.42
CA VAL F 254 -10.67 -7.27 -26.53
C VAL F 254 -9.28 -7.83 -26.87
N LEU F 255 -8.23 -7.05 -26.64
CA LEU F 255 -6.87 -7.54 -26.86
C LEU F 255 -6.53 -8.66 -25.89
N SER F 256 -6.87 -8.49 -24.61
CA SER F 256 -6.61 -9.57 -23.68
C SER F 256 -7.52 -10.75 -23.94
N GLY F 257 -8.73 -10.49 -24.44
CA GLY F 257 -9.63 -11.57 -24.75
C GLY F 257 -9.19 -12.41 -25.92
N LEU F 258 -8.39 -11.84 -26.82
CA LEU F 258 -7.78 -12.66 -27.87
C LEU F 258 -6.46 -13.29 -27.46
N SER F 259 -5.63 -12.60 -26.69
CA SER F 259 -4.37 -13.19 -26.27
C SER F 259 -4.59 -14.36 -25.33
N MET F 260 -5.66 -14.33 -24.54
CA MET F 260 -6.03 -15.52 -23.78
C MET F 260 -6.62 -16.60 -24.67
N GLN F 261 -7.12 -16.27 -25.85
CA GLN F 261 -7.62 -17.29 -26.74
C GLN F 261 -6.51 -17.99 -27.49
N PHE F 262 -5.39 -17.31 -27.71
CA PHE F 262 -4.28 -18.01 -28.35
C PHE F 262 -3.54 -18.86 -27.34
N SER F 263 -2.93 -18.23 -26.35
CA SER F 263 -2.08 -18.93 -25.40
C SER F 263 -2.91 -19.22 -24.15
N ARG F 264 -3.65 -20.33 -24.19
CA ARG F 264 -4.74 -20.60 -23.26
C ARG F 264 -4.25 -20.83 -21.84
N PRO F 265 -4.58 -19.96 -20.90
CA PRO F 265 -4.17 -20.22 -19.51
C PRO F 265 -5.18 -21.07 -18.77
N PHE F 266 -6.55 -21.31 -19.24
CA PHE F 266 -7.58 -22.11 -18.60
C PHE F 266 -8.65 -22.41 -19.64
N SER F 267 -9.58 -23.29 -19.26
CA SER F 267 -10.68 -23.67 -20.12
C SER F 267 -11.97 -23.60 -19.30
N MET F 268 -13.09 -23.89 -19.97
CA MET F 268 -14.39 -23.84 -19.34
C MET F 268 -14.53 -24.95 -18.30
N GLY F 269 -14.82 -24.57 -17.06
CA GLY F 269 -14.95 -25.50 -15.97
C GLY F 269 -13.77 -25.55 -15.03
N ASP F 270 -12.64 -24.94 -15.41
CA ASP F 270 -11.45 -24.97 -14.57
C ASP F 270 -11.61 -24.05 -13.39
N THR F 271 -11.06 -24.45 -12.25
CA THR F 271 -11.01 -23.61 -11.07
C THR F 271 -9.70 -22.83 -11.09
N ILE F 272 -9.79 -21.51 -11.16
CA ILE F 272 -8.62 -20.66 -11.27
C ILE F 272 -8.58 -19.70 -10.10
N LYS F 273 -7.39 -19.11 -9.92
CA LYS F 273 -7.19 -17.98 -9.02
C LYS F 273 -6.28 -17.00 -9.73
N ALA F 274 -6.74 -15.78 -9.93
CA ALA F 274 -5.97 -14.77 -10.64
C ALA F 274 -5.95 -13.48 -9.82
N GLY F 275 -5.01 -13.39 -8.89
CA GLY F 275 -4.92 -12.22 -8.04
C GLY F 275 -6.03 -12.18 -7.02
N SER F 276 -6.97 -11.27 -7.20
CA SER F 276 -8.05 -11.10 -6.24
C SER F 276 -9.21 -12.05 -6.46
N VAL F 277 -9.41 -12.53 -7.68
CA VAL F 277 -10.55 -13.36 -8.01
C VAL F 277 -10.16 -14.83 -7.95
N GLU F 278 -11.15 -15.67 -7.69
CA GLU F 278 -10.95 -17.11 -7.53
C GLU F 278 -12.27 -17.85 -7.68
N GLY F 279 -12.29 -18.90 -8.49
CA GLY F 279 -13.49 -19.68 -8.64
C GLY F 279 -13.49 -20.44 -9.95
N GLN F 280 -14.62 -21.05 -10.24
CA GLN F 280 -14.78 -21.80 -11.48
C GLN F 280 -15.04 -20.87 -12.64
N VAL F 281 -14.68 -21.32 -13.83
CA VAL F 281 -14.87 -20.55 -15.05
C VAL F 281 -16.14 -21.05 -15.71
N ILE F 282 -17.20 -20.23 -15.72
CA ILE F 282 -18.48 -20.67 -16.26
C ILE F 282 -18.81 -20.04 -17.61
N GLU F 283 -18.11 -18.97 -18.00
CA GLU F 283 -18.39 -18.31 -19.27
C GLU F 283 -17.16 -17.52 -19.69
N MET F 284 -16.52 -17.94 -20.77
CA MET F 284 -15.41 -17.18 -21.36
C MET F 284 -15.99 -16.33 -22.49
N GLY F 285 -16.03 -15.02 -22.28
CA GLY F 285 -16.65 -14.11 -23.21
C GLY F 285 -15.63 -13.28 -23.99
N LEU F 286 -16.17 -12.35 -24.78
CA LEU F 286 -15.34 -11.53 -25.65
C LEU F 286 -14.66 -10.40 -24.88
N THR F 287 -15.38 -9.79 -23.94
CA THR F 287 -14.84 -8.71 -23.12
C THR F 287 -14.79 -9.03 -21.64
N THR F 288 -15.60 -9.98 -21.17
CA THR F 288 -15.63 -10.35 -19.76
C THR F 288 -15.66 -11.87 -19.62
N THR F 289 -14.87 -12.38 -18.69
CA THR F 289 -14.99 -13.74 -18.20
C THR F 289 -15.96 -13.75 -17.03
N SER F 290 -16.65 -14.88 -16.85
CA SER F 290 -17.56 -15.04 -15.72
C SER F 290 -17.08 -16.21 -14.88
N LEU F 291 -16.90 -15.96 -13.59
CA LEU F 291 -16.49 -16.98 -12.64
C LEU F 291 -17.62 -17.25 -11.67
N LEU F 292 -17.45 -18.30 -10.90
CA LEU F 292 -18.36 -18.69 -9.84
C LEU F 292 -17.48 -18.89 -8.60
N ASN F 293 -17.60 -17.99 -7.62
CA ASN F 293 -16.65 -17.95 -6.52
C ASN F 293 -16.97 -19.02 -5.48
N ALA F 294 -16.36 -18.91 -4.31
CA ALA F 294 -16.47 -19.96 -3.29
C ALA F 294 -17.86 -20.04 -2.68
N GLU F 295 -18.60 -18.93 -2.68
CA GLU F 295 -19.99 -18.93 -2.23
C GLU F 295 -20.96 -19.09 -3.37
N LYS F 296 -20.47 -19.44 -4.56
CA LYS F 296 -21.27 -19.75 -5.76
C LYS F 296 -22.08 -18.55 -6.23
N PHE F 297 -21.50 -17.36 -6.10
CA PHE F 297 -22.00 -16.11 -6.68
C PHE F 297 -21.32 -15.88 -8.01
N PRO F 298 -22.03 -15.42 -9.04
CA PRO F 298 -21.36 -15.15 -10.33
C PRO F 298 -20.57 -13.85 -10.27
N VAL F 299 -19.26 -13.96 -10.48
CA VAL F 299 -18.36 -12.83 -10.56
C VAL F 299 -18.13 -12.50 -12.03
N LEU F 300 -18.02 -11.21 -12.35
CA LEU F 300 -17.84 -10.74 -13.72
C LEU F 300 -16.50 -10.02 -13.81
N VAL F 301 -15.53 -10.65 -14.43
CA VAL F 301 -14.14 -10.16 -14.47
C VAL F 301 -13.87 -9.64 -15.87
N PRO F 302 -13.35 -8.43 -16.04
CA PRO F 302 -12.89 -8.00 -17.37
C PRO F 302 -11.61 -8.70 -17.77
N ASN F 303 -11.47 -8.97 -19.08
CA ASN F 303 -10.35 -9.76 -19.59
C ASN F 303 -8.99 -9.11 -19.35
N SER F 304 -8.95 -7.78 -19.31
CA SER F 304 -7.70 -7.06 -19.15
C SER F 304 -7.06 -7.26 -17.78
N LEU F 305 -7.75 -7.89 -16.83
CA LEU F 305 -7.19 -8.26 -15.56
C LEU F 305 -6.42 -9.58 -15.60
N PHE F 306 -6.40 -10.25 -16.76
CA PHE F 306 -5.58 -11.43 -16.97
C PHE F 306 -4.38 -11.16 -17.86
N SER F 307 -3.96 -9.90 -18.00
CA SER F 307 -2.99 -9.56 -19.03
C SER F 307 -1.58 -9.96 -18.65
N SER F 308 -1.08 -9.48 -17.51
CA SER F 308 0.25 -9.83 -17.05
C SER F 308 0.22 -10.19 -15.57
N GLN F 309 -0.76 -11.00 -15.19
CA GLN F 309 -0.89 -11.49 -13.83
C GLN F 309 -0.62 -12.98 -13.79
N VAL F 310 -0.32 -13.46 -12.59
CA VAL F 310 -0.12 -14.88 -12.38
C VAL F 310 -1.48 -15.56 -12.24
N ILE F 311 -1.63 -16.72 -12.86
CA ILE F 311 -2.88 -17.44 -12.89
C ILE F 311 -2.61 -18.84 -12.35
N VAL F 312 -3.14 -19.13 -11.18
CA VAL F 312 -3.04 -20.46 -10.60
C VAL F 312 -4.21 -21.29 -11.12
N ASN F 313 -3.91 -22.42 -11.74
CA ASN F 313 -4.93 -23.27 -12.33
C ASN F 313 -5.04 -24.53 -11.50
N LYS F 314 -6.03 -24.58 -10.62
CA LYS F 314 -6.17 -25.68 -9.67
C LYS F 314 -6.76 -26.94 -10.28
N SER F 315 -7.14 -26.92 -11.55
CA SER F 315 -7.77 -28.08 -12.18
C SER F 315 -6.84 -28.81 -13.13
N ARG F 316 -5.59 -28.40 -13.24
CA ARG F 316 -4.61 -29.10 -14.05
C ARG F 316 -3.57 -29.82 -13.22
N ALA F 317 -3.72 -29.85 -11.90
CA ALA F 317 -2.79 -30.54 -11.03
C ALA F 317 -2.87 -32.04 -11.25
N GLN F 318 -1.71 -32.71 -11.18
CA GLN F 318 -1.64 -34.15 -11.36
C GLN F 318 -1.38 -34.88 -10.04
N TRP F 319 -1.03 -34.16 -8.98
CA TRP F 319 -0.99 -34.72 -7.64
C TRP F 319 -1.20 -33.56 -6.67
N ARG F 320 -1.64 -33.89 -5.47
CA ARG F 320 -1.97 -32.91 -4.46
C ARG F 320 -1.09 -33.11 -3.24
N ALA F 321 -0.76 -32.03 -2.55
CA ALA F 321 0.04 -32.11 -1.35
C ALA F 321 -0.84 -31.90 -0.13
N ILE F 322 -0.85 -32.86 0.78
CA ILE F 322 -1.58 -32.71 2.02
C ILE F 322 -0.60 -32.77 3.19
N ALA F 323 -0.99 -32.10 4.28
CA ALA F 323 -0.19 -32.03 5.49
C ALA F 323 -1.11 -31.76 6.67
N SER F 324 -0.61 -32.08 7.86
CA SER F 324 -1.36 -31.90 9.10
C SER F 324 -0.39 -31.92 10.26
N LYS F 325 -0.87 -31.46 11.41
CA LYS F 325 -0.12 -31.49 12.66
C LYS F 325 -0.91 -32.27 13.70
N ILE F 326 -0.21 -33.09 14.47
CA ILE F 326 -0.82 -33.89 15.52
C ILE F 326 -0.12 -33.57 16.84
N PRO F 327 -0.81 -33.04 17.84
CA PRO F 327 -0.20 -32.84 19.14
C PRO F 327 -0.23 -34.11 19.98
N LEU F 328 0.78 -34.26 20.82
CA LEU F 328 1.01 -35.47 21.59
C LEU F 328 1.20 -35.13 23.06
N GLN F 329 0.59 -35.92 23.94
CA GLN F 329 0.87 -35.84 25.37
C GLN F 329 1.77 -37.03 25.69
N ILE F 330 3.07 -36.82 25.54
CA ILE F 330 4.05 -37.87 25.74
C ILE F 330 5.16 -37.32 26.63
N ASP F 331 5.53 -38.08 27.65
CA ASP F 331 6.57 -37.66 28.58
C ASP F 331 7.92 -38.28 28.27
N ASP F 332 7.93 -39.46 27.66
CA ASP F 332 9.16 -40.16 27.33
C ASP F 332 9.28 -40.20 25.81
N LEU F 333 10.16 -39.36 25.27
CA LEU F 333 10.22 -39.14 23.83
C LEU F 333 11.03 -40.22 23.12
N ASP F 334 11.52 -41.24 23.83
CA ASP F 334 12.28 -42.31 23.20
C ASP F 334 11.46 -43.16 22.24
N MET F 335 10.13 -43.10 22.33
CA MET F 335 9.23 -43.74 21.38
C MET F 335 8.92 -42.88 20.16
N ILE F 336 9.36 -41.62 20.14
CA ILE F 336 9.10 -40.69 19.05
C ILE F 336 9.66 -41.13 17.70
N PRO F 337 10.94 -41.68 17.56
CA PRO F 337 11.37 -42.16 16.24
C PRO F 337 10.52 -43.27 15.63
N GLN F 338 10.32 -44.35 16.41
CA GLN F 338 9.62 -45.54 15.94
C GLN F 338 8.24 -45.22 15.39
N ILE F 339 7.45 -44.47 16.19
CA ILE F 339 6.13 -43.97 15.78
C ILE F 339 6.20 -43.28 14.43
N SER F 340 7.16 -42.35 14.29
CA SER F 340 7.36 -41.62 13.04
C SER F 340 7.62 -42.56 11.89
N ASN F 341 8.51 -43.54 12.10
CA ASN F 341 8.81 -44.53 11.06
C ASN F 341 7.57 -45.33 10.71
N GLU F 342 6.80 -45.72 11.73
CA GLU F 342 5.55 -46.43 11.54
C GLU F 342 4.59 -45.62 10.69
N ILE F 343 4.48 -44.32 10.98
CA ILE F 343 3.55 -43.46 10.26
C ILE F 343 3.99 -43.34 8.81
N LYS F 344 5.31 -43.29 8.59
CA LYS F 344 5.80 -43.20 7.22
C LYS F 344 5.51 -44.49 6.46
N GLU F 345 5.60 -45.63 7.14
CA GLU F 345 5.24 -46.89 6.49
C GLU F 345 3.76 -46.92 6.15
N MET F 346 2.93 -46.34 7.03
CA MET F 346 1.50 -46.24 6.76
C MET F 346 1.24 -45.39 5.53
N LEU F 347 2.07 -44.38 5.31
CA LEU F 347 1.86 -43.53 4.17
C LEU F 347 2.46 -44.09 2.90
N ARG F 348 3.21 -45.19 2.96
CA ARG F 348 3.76 -45.73 1.72
C ARG F 348 3.10 -47.01 1.27
N SER F 349 2.65 -47.85 2.20
CA SER F 349 1.82 -48.99 1.83
C SER F 349 0.41 -48.60 1.43
N ASN F 350 0.02 -47.36 1.69
CA ASN F 350 -1.31 -46.87 1.34
C ASN F 350 -1.38 -46.61 -0.15
N THR F 351 -2.49 -47.01 -0.77
CA THR F 351 -2.78 -46.52 -2.11
C THR F 351 -3.27 -45.07 -2.02
N LYS F 352 -3.55 -44.48 -3.18
CA LYS F 352 -3.95 -43.08 -3.36
C LYS F 352 -2.87 -42.10 -2.91
N VAL F 353 -1.64 -42.53 -2.70
CA VAL F 353 -0.53 -41.63 -2.46
C VAL F 353 0.44 -41.74 -3.62
N PHE F 354 1.23 -40.70 -3.80
CA PHE F 354 2.07 -40.53 -4.99
C PHE F 354 3.52 -40.44 -4.52
N LEU F 355 4.26 -41.53 -4.66
CA LEU F 355 5.66 -41.59 -4.24
C LEU F 355 6.62 -41.22 -5.37
N GLY F 356 6.16 -40.46 -6.36
CA GLY F 356 7.00 -40.17 -7.50
C GLY F 356 8.07 -39.13 -7.22
N LYS F 357 7.74 -38.07 -6.48
CA LYS F 357 8.66 -36.97 -6.30
C LYS F 357 9.15 -36.83 -4.86
N GLU F 358 8.25 -36.69 -3.90
CA GLU F 358 8.62 -36.51 -2.50
C GLU F 358 8.18 -37.71 -1.68
N ALA F 359 9.06 -38.19 -0.84
CA ALA F 359 8.69 -39.21 0.12
C ALA F 359 7.78 -38.62 1.18
N PRO F 360 6.85 -39.40 1.73
CA PRO F 360 6.04 -38.92 2.85
C PRO F 360 6.88 -38.64 4.08
N HIS F 361 6.53 -37.60 4.81
CA HIS F 361 7.32 -37.21 5.97
C HIS F 361 6.44 -37.17 7.20
N CYS F 362 7.08 -37.42 8.34
CA CYS F 362 6.43 -37.28 9.64
C CYS F 362 7.54 -36.99 10.64
N TYR F 363 7.70 -35.73 11.00
CA TYR F 363 8.81 -35.34 11.87
C TYR F 363 8.29 -34.56 13.06
N LEU F 364 9.19 -34.26 13.98
CA LEU F 364 8.86 -33.60 15.24
C LEU F 364 9.22 -32.13 15.13
N SER F 365 8.22 -31.25 15.19
CA SER F 365 8.45 -29.84 14.92
C SER F 365 8.70 -29.01 16.16
N ARG F 366 8.07 -29.35 17.29
CA ARG F 366 8.26 -28.58 18.51
C ARG F 366 7.95 -29.46 19.71
N VAL F 367 8.53 -29.10 20.85
CA VAL F 367 8.41 -29.88 22.07
C VAL F 367 8.09 -28.91 23.20
N GLU F 368 7.52 -29.44 24.29
CA GLU F 368 7.03 -28.68 25.43
C GLU F 368 6.77 -29.70 26.55
N LYS F 369 6.36 -29.20 27.72
CA LYS F 369 6.08 -30.08 28.87
C LYS F 369 4.85 -30.93 28.61
N SER F 370 5.04 -32.25 28.66
CA SER F 370 4.00 -33.25 28.39
C SER F 370 3.34 -33.01 27.02
N PHE F 371 4.17 -32.66 26.04
CA PHE F 371 3.65 -32.17 24.78
C PHE F 371 4.71 -32.38 23.71
N ALA F 372 4.26 -32.76 22.52
CA ALA F 372 5.09 -32.83 21.34
C ALA F 372 4.20 -32.54 20.15
N GLU F 373 4.79 -32.33 18.99
CA GLU F 373 3.99 -32.08 17.81
C GLU F 373 4.61 -32.76 16.61
N LEU F 374 3.81 -33.56 15.92
CA LEU F 374 4.26 -34.21 14.70
C LEU F 374 3.68 -33.49 13.50
N THR F 375 4.52 -33.27 12.51
CA THR F 375 4.11 -32.74 11.22
C THR F 375 4.13 -33.88 10.22
N ILE F 376 2.97 -34.17 9.65
CA ILE F 376 2.76 -35.30 8.75
C ILE F 376 2.38 -34.75 7.39
N GLY F 377 2.92 -35.36 6.34
CA GLY F 377 2.59 -34.90 5.01
C GLY F 377 2.92 -35.88 3.92
N CYS F 378 2.18 -35.80 2.82
CA CYS F 378 2.39 -36.68 1.67
C CYS F 378 1.79 -36.03 0.44
N ASN F 379 1.99 -36.69 -0.70
CA ASN F 379 1.36 -36.33 -1.96
C ASN F 379 0.36 -37.41 -2.33
N LEU F 380 -0.89 -37.01 -2.50
CA LEU F 380 -1.92 -37.90 -3.01
C LEU F 380 -2.00 -37.80 -4.52
N ILE F 381 -2.49 -38.87 -5.15
CA ILE F 381 -2.65 -38.92 -6.60
C ILE F 381 -3.80 -38.01 -7.03
N ARG F 382 -3.95 -37.81 -8.34
CA ARG F 382 -5.01 -36.96 -8.86
C ARG F 382 -6.37 -37.60 -8.60
N MET F 383 -7.26 -36.86 -7.93
CA MET F 383 -8.54 -37.40 -7.50
C MET F 383 -9.55 -36.27 -7.38
N GLY F 384 -10.81 -36.66 -7.23
CA GLY F 384 -11.87 -35.70 -7.07
C GLY F 384 -11.91 -35.12 -5.67
N LYS F 385 -12.79 -34.13 -5.49
CA LYS F 385 -12.84 -33.38 -4.25
C LYS F 385 -13.52 -34.14 -3.11
N GLU F 386 -14.14 -35.28 -3.38
CA GLU F 386 -14.69 -36.10 -2.32
C GLU F 386 -13.70 -37.15 -1.83
N GLU F 387 -12.99 -37.77 -2.77
CA GLU F 387 -11.92 -38.70 -2.43
C GLU F 387 -10.80 -38.01 -1.67
N LEU F 388 -10.57 -36.72 -1.97
CA LEU F 388 -9.55 -35.95 -1.26
C LEU F 388 -9.89 -35.81 0.22
N TYR F 389 -11.14 -35.45 0.51
CA TYR F 389 -11.57 -35.29 1.90
C TYR F 389 -11.58 -36.62 2.64
N ASN F 390 -12.05 -37.68 1.97
CA ASN F 390 -12.05 -39.00 2.59
C ASN F 390 -10.64 -39.51 2.83
N THR F 391 -9.70 -39.20 1.95
CA THR F 391 -8.32 -39.64 2.14
C THR F 391 -7.65 -38.86 3.26
N GLN F 392 -7.95 -37.57 3.38
CA GLN F 392 -7.46 -36.78 4.52
C GLN F 392 -7.93 -37.36 5.84
N GLN F 393 -9.24 -37.65 5.94
CA GLN F 393 -9.79 -38.24 7.17
C GLN F 393 -9.19 -39.61 7.46
N GLU F 394 -9.05 -40.44 6.41
CA GLU F 394 -8.52 -41.79 6.57
C GLU F 394 -7.06 -41.77 7.03
N VAL F 395 -6.25 -40.89 6.46
CA VAL F 395 -4.84 -40.77 6.85
C VAL F 395 -4.71 -40.27 8.28
N LEU F 396 -5.55 -39.29 8.66
CA LEU F 396 -5.52 -38.78 10.04
C LEU F 396 -5.93 -39.86 11.04
N LEU F 397 -6.95 -40.64 10.71
CA LEU F 397 -7.41 -41.70 11.62
C LEU F 397 -6.38 -42.82 11.75
N GLU F 398 -5.72 -43.18 10.64
CA GLU F 398 -4.69 -44.22 10.71
C GLU F 398 -3.47 -43.75 11.51
N ALA F 399 -3.10 -42.47 11.36
CA ALA F 399 -2.00 -41.92 12.14
C ALA F 399 -2.33 -41.91 13.63
N VAL F 400 -3.58 -41.58 13.99
CA VAL F 400 -3.95 -41.58 15.40
C VAL F 400 -4.02 -43.01 15.95
N LYS F 401 -4.44 -43.98 15.12
CA LYS F 401 -4.40 -45.39 15.51
C LYS F 401 -2.98 -45.86 15.80
N ILE F 402 -2.03 -45.45 14.96
CA ILE F 402 -0.62 -45.82 15.18
C ILE F 402 -0.08 -45.16 16.45
N ILE F 403 -0.43 -43.90 16.67
CA ILE F 403 0.09 -43.17 17.83
C ILE F 403 -0.46 -43.77 19.13
N LYS F 404 -1.77 -44.02 19.18
CA LYS F 404 -2.34 -44.62 20.38
C LYS F 404 -2.05 -46.11 20.50
N LYS F 405 -1.54 -46.75 19.43
CA LYS F 405 -1.15 -48.15 19.54
C LYS F 405 0.10 -48.30 20.42
N HIS F 406 0.99 -47.32 20.40
CA HIS F 406 2.21 -47.31 21.21
C HIS F 406 1.97 -46.86 22.64
N GLY F 407 0.72 -46.76 23.09
CA GLY F 407 0.40 -46.30 24.42
C GLY F 407 0.75 -44.85 24.66
N VAL F 408 0.42 -43.98 23.70
CA VAL F 408 0.68 -42.56 23.77
C VAL F 408 -0.61 -41.82 23.48
N SER F 409 -1.07 -41.01 24.42
CA SER F 409 -2.30 -40.26 24.23
C SER F 409 -2.01 -38.96 23.48
N LEU F 410 -3.08 -38.32 23.01
CA LEU F 410 -2.96 -37.05 22.31
C LEU F 410 -2.79 -35.91 23.30
N GLY F 411 -2.18 -34.82 22.83
CA GLY F 411 -1.95 -33.65 23.64
C GLY F 411 -2.93 -32.53 23.33
N THR F 412 -2.85 -31.48 24.14
CA THR F 412 -3.77 -30.36 24.03
C THR F 412 -2.99 -29.07 23.79
N THR F 413 -3.56 -28.20 22.96
CA THR F 413 -2.94 -26.94 22.59
C THR F 413 -3.78 -25.80 23.16
N SER G 126 -36.26 -15.43 -29.79
CA SER G 126 -34.94 -15.71 -30.33
C SER G 126 -34.67 -14.86 -31.57
N PHE G 127 -35.25 -15.25 -32.71
CA PHE G 127 -35.10 -14.46 -33.93
C PHE G 127 -35.92 -13.18 -33.86
N TRP G 128 -37.02 -13.21 -33.09
CA TRP G 128 -37.94 -12.08 -32.96
C TRP G 128 -37.22 -10.84 -32.43
N GLY G 129 -36.66 -10.94 -31.22
CA GLY G 129 -36.00 -9.80 -30.62
C GLY G 129 -34.70 -9.44 -31.31
N ALA G 130 -34.01 -10.44 -31.86
CA ALA G 130 -32.77 -10.22 -32.58
C ALA G 130 -32.98 -9.41 -33.85
N LEU G 131 -34.16 -9.50 -34.47
CA LEU G 131 -34.42 -8.56 -35.55
C LEU G 131 -35.14 -7.31 -35.04
N GLU G 132 -35.82 -7.42 -33.89
CA GLU G 132 -36.69 -6.34 -33.44
C GLU G 132 -35.92 -5.18 -32.84
N ASP G 133 -35.01 -5.45 -31.90
CA ASP G 133 -34.41 -4.36 -31.14
C ASP G 133 -33.43 -3.49 -31.96
N PRO G 134 -32.55 -4.04 -32.82
CA PRO G 134 -31.72 -3.11 -33.61
C PRO G 134 -32.49 -2.37 -34.68
N ALA G 135 -33.57 -2.95 -35.21
CA ALA G 135 -34.37 -2.24 -36.21
C ALA G 135 -35.11 -1.05 -35.60
N ARG G 136 -35.73 -1.27 -34.43
CA ARG G 136 -36.42 -0.16 -33.78
C ARG G 136 -35.43 0.86 -33.26
N TYR G 137 -34.22 0.42 -32.88
CA TYR G 137 -33.19 1.37 -32.47
C TYR G 137 -32.71 2.19 -33.65
N LEU G 138 -32.62 1.58 -34.84
CA LEU G 138 -32.12 2.30 -35.99
C LEU G 138 -33.17 3.28 -36.51
N VAL G 139 -34.46 2.94 -36.42
CA VAL G 139 -35.45 3.90 -36.91
C VAL G 139 -35.62 5.02 -35.90
N THR G 140 -35.41 4.73 -34.62
CA THR G 140 -35.34 5.78 -33.60
C THR G 140 -34.16 6.72 -33.87
N PHE G 141 -33.02 6.15 -34.27
CA PHE G 141 -31.83 6.96 -34.56
C PHE G 141 -32.02 7.84 -35.79
N ILE G 142 -32.59 7.31 -36.88
CA ILE G 142 -32.72 8.15 -38.06
C ILE G 142 -33.86 9.15 -37.89
N ALA G 143 -34.86 8.81 -37.07
CA ALA G 143 -35.90 9.78 -36.76
C ALA G 143 -35.35 10.91 -35.89
N PHE G 144 -34.35 10.61 -35.06
CA PHE G 144 -33.65 11.67 -34.35
C PHE G 144 -32.80 12.50 -35.31
N ALA G 145 -32.16 11.83 -36.27
CA ALA G 145 -31.27 12.53 -37.18
C ALA G 145 -32.02 13.42 -38.15
N GLN G 146 -33.28 13.11 -38.45
CA GLN G 146 -34.08 13.95 -39.33
C GLN G 146 -34.34 15.31 -38.70
N ILE G 147 -34.70 15.34 -37.42
CA ILE G 147 -34.87 16.60 -36.71
C ILE G 147 -33.53 17.20 -36.31
N ALA G 148 -32.46 16.40 -36.29
CA ALA G 148 -31.13 16.98 -36.19
C ALA G 148 -30.74 17.74 -37.44
N ALA G 149 -31.23 17.32 -38.60
CA ALA G 149 -31.01 18.04 -39.85
C ALA G 149 -31.89 19.27 -40.00
N MET G 150 -32.86 19.45 -39.10
CA MET G 150 -33.70 20.64 -39.12
C MET G 150 -32.92 21.87 -38.68
N VAL G 151 -32.14 21.73 -37.60
CA VAL G 151 -31.35 22.83 -37.08
C VAL G 151 -29.90 22.71 -37.52
N ALA G 158 -24.41 20.74 -39.90
CA ALA G 158 -23.89 19.45 -40.31
C ALA G 158 -24.82 18.78 -41.32
N GLN G 159 -24.54 19.01 -42.61
CA GLN G 159 -25.35 18.44 -43.68
C GLN G 159 -24.63 17.22 -44.24
N TYR G 160 -24.68 16.14 -43.47
CA TYR G 160 -24.05 14.87 -43.84
C TYR G 160 -25.07 13.74 -43.71
N PHE G 161 -26.26 13.95 -44.28
CA PHE G 161 -27.40 13.10 -43.97
C PHE G 161 -27.24 11.70 -44.54
N SER G 162 -27.13 11.60 -45.88
CA SER G 162 -27.06 10.31 -46.55
C SER G 162 -25.90 9.39 -46.12
N PRO G 163 -24.65 9.87 -45.90
CA PRO G 163 -23.64 8.94 -45.37
C PRO G 163 -23.92 8.44 -43.96
N THR G 164 -24.49 9.30 -43.10
CA THR G 164 -24.80 8.83 -41.75
C THR G 164 -25.95 7.85 -41.74
N VAL G 165 -26.96 8.03 -42.59
CA VAL G 165 -28.04 7.04 -42.61
C VAL G 165 -27.57 5.74 -43.26
N LYS G 166 -26.62 5.81 -44.21
CA LYS G 166 -26.12 4.57 -44.78
C LYS G 166 -25.24 3.82 -43.77
N GLY G 167 -24.42 4.55 -43.02
CA GLY G 167 -23.63 3.94 -41.97
C GLY G 167 -24.48 3.39 -40.84
N ALA G 168 -25.56 4.08 -40.48
CA ALA G 168 -26.45 3.60 -39.45
C ALA G 168 -27.20 2.36 -39.90
N VAL G 169 -27.55 2.30 -41.19
CA VAL G 169 -28.23 1.12 -41.73
C VAL G 169 -27.31 -0.09 -41.67
N ILE G 170 -26.05 0.06 -42.11
CA ILE G 170 -25.19 -1.11 -42.14
C ILE G 170 -24.76 -1.50 -40.73
N LEU G 171 -24.68 -0.53 -39.82
CA LEU G 171 -24.26 -0.87 -38.47
C LEU G 171 -25.39 -1.55 -37.70
N SER G 172 -26.64 -1.15 -37.97
CA SER G 172 -27.77 -1.90 -37.43
C SER G 172 -27.84 -3.30 -38.02
N LEU G 173 -27.49 -3.43 -39.30
CA LEU G 173 -27.44 -4.74 -39.93
C LEU G 173 -26.39 -5.63 -39.29
N VAL G 174 -25.24 -5.05 -38.93
CA VAL G 174 -24.18 -5.87 -38.34
C VAL G 174 -24.50 -6.19 -36.88
N TRP G 175 -25.28 -5.32 -36.20
CA TRP G 175 -25.72 -5.64 -34.85
C TRP G 175 -26.74 -6.77 -34.86
N PHE G 176 -27.64 -6.75 -35.84
CA PHE G 176 -28.59 -7.84 -36.02
C PHE G 176 -27.88 -9.15 -36.35
N LEU G 177 -26.87 -9.10 -37.22
CA LEU G 177 -26.14 -10.32 -37.56
C LEU G 177 -25.35 -10.86 -36.39
N TYR G 178 -24.82 -9.96 -35.55
CA TYR G 178 -24.11 -10.42 -34.35
C TYR G 178 -25.05 -11.12 -33.38
N ARG G 179 -26.24 -10.55 -33.17
CA ARG G 179 -27.21 -11.18 -32.27
C ARG G 179 -27.71 -12.51 -32.83
N TRP G 180 -27.92 -12.57 -34.15
CA TRP G 180 -28.33 -13.81 -34.78
C TRP G 180 -27.24 -14.87 -34.68
N LYS G 181 -25.98 -14.46 -34.77
CA LYS G 181 -24.89 -15.41 -34.73
C LYS G 181 -24.69 -15.97 -33.34
N THR G 182 -24.79 -15.14 -32.31
CA THR G 182 -24.67 -15.70 -30.95
C THR G 182 -25.88 -16.57 -30.61
N ASN G 183 -27.05 -16.26 -31.19
CA ASN G 183 -28.21 -17.11 -30.97
C ASN G 183 -28.06 -18.48 -31.64
N VAL G 184 -27.48 -18.52 -32.84
CA VAL G 184 -27.36 -19.82 -33.51
C VAL G 184 -26.16 -20.60 -33.00
N ILE G 185 -25.20 -19.93 -32.36
CA ILE G 185 -24.15 -20.71 -31.72
C ILE G 185 -24.60 -21.22 -30.36
N THR G 186 -25.50 -20.50 -29.68
CA THR G 186 -25.99 -21.07 -28.43
C THR G 186 -27.11 -22.08 -28.67
N ARG G 187 -27.55 -22.15 -29.93
CA ARG G 187 -28.56 -23.15 -30.37
C ARG G 187 -27.82 -24.46 -30.62
N MET G 188 -26.62 -24.37 -31.21
CA MET G 188 -25.78 -25.54 -31.51
C MET G 188 -25.06 -26.05 -30.28
N LEU G 189 -24.86 -25.20 -29.27
CA LEU G 189 -24.32 -25.61 -27.99
C LEU G 189 -25.40 -26.23 -27.10
N SER G 190 -26.65 -26.22 -27.53
CA SER G 190 -27.74 -26.92 -26.87
C SER G 190 -28.06 -28.23 -27.58
N ALA G 191 -27.03 -28.88 -28.11
CA ALA G 191 -27.19 -30.14 -28.82
C ALA G 191 -25.94 -31.00 -28.69
N ASP G 198 -13.94 -31.03 -31.06
CA ASP G 198 -14.80 -30.19 -31.88
C ASP G 198 -15.67 -29.30 -31.01
N ARG G 199 -15.09 -28.86 -29.90
CA ARG G 199 -15.79 -27.98 -28.92
C ARG G 199 -15.03 -26.65 -28.80
N GLU G 200 -13.73 -26.71 -28.53
CA GLU G 200 -12.94 -25.50 -28.38
C GLU G 200 -12.76 -24.79 -29.72
N LYS G 201 -12.77 -25.56 -30.82
CA LYS G 201 -12.71 -24.98 -32.15
C LYS G 201 -13.95 -24.13 -32.44
N VAL G 202 -15.10 -24.56 -31.93
CA VAL G 202 -16.34 -23.79 -32.06
C VAL G 202 -16.21 -22.45 -31.37
N LEU G 203 -15.64 -22.44 -30.17
CA LEU G 203 -15.55 -21.20 -29.39
C LEU G 203 -14.54 -20.23 -30.00
N THR G 204 -13.35 -20.73 -30.39
CA THR G 204 -12.41 -19.82 -31.01
C THR G 204 -12.90 -19.37 -32.39
N LEU G 205 -13.69 -20.21 -33.07
CA LEU G 205 -14.17 -19.88 -34.40
C LEU G 205 -15.23 -18.79 -34.34
N ASP G 206 -16.21 -18.92 -33.45
CA ASP G 206 -17.25 -17.89 -33.45
C ASP G 206 -16.78 -16.63 -32.72
N LYS G 207 -15.72 -16.74 -31.90
CA LYS G 207 -15.13 -15.51 -31.36
C LYS G 207 -14.39 -14.72 -32.45
N VAL G 208 -13.57 -15.40 -33.26
CA VAL G 208 -12.87 -14.64 -34.30
C VAL G 208 -13.85 -14.24 -35.40
N SER G 209 -14.95 -14.99 -35.57
CA SER G 209 -16.00 -14.58 -36.49
C SER G 209 -16.77 -13.37 -36.00
N SER G 210 -16.99 -13.25 -34.68
CA SER G 210 -17.61 -12.05 -34.13
C SER G 210 -16.72 -10.84 -34.34
N VAL G 211 -15.42 -10.97 -34.06
CA VAL G 211 -14.55 -9.81 -34.23
C VAL G 211 -14.33 -9.49 -35.72
N GLY G 212 -14.41 -10.50 -36.60
CA GLY G 212 -14.27 -10.23 -38.02
C GLY G 212 -15.53 -9.63 -38.61
N LEU G 213 -16.69 -10.01 -38.08
CA LEU G 213 -17.93 -9.42 -38.54
C LEU G 213 -18.03 -7.97 -38.07
N PHE G 214 -17.54 -7.67 -36.87
CA PHE G 214 -17.44 -6.29 -36.44
C PHE G 214 -16.46 -5.48 -37.29
N ALA G 215 -15.33 -6.10 -37.66
CA ALA G 215 -14.38 -5.43 -38.54
C ALA G 215 -14.94 -5.16 -39.93
N ILE G 216 -15.68 -6.11 -40.51
CA ILE G 216 -16.23 -5.90 -41.84
C ILE G 216 -17.40 -4.93 -41.80
N GLY G 217 -18.08 -4.83 -40.65
CA GLY G 217 -19.06 -3.77 -40.49
C GLY G 217 -18.44 -2.40 -40.45
N LEU G 218 -17.29 -2.27 -39.78
CA LEU G 218 -16.64 -0.96 -39.72
C LEU G 218 -16.03 -0.60 -41.08
N MET G 219 -15.51 -1.59 -41.80
CA MET G 219 -14.98 -1.29 -43.13
C MET G 219 -16.09 -1.15 -44.18
N ALA G 220 -17.33 -1.53 -43.87
CA ALA G 220 -18.44 -1.10 -44.70
C ALA G 220 -18.90 0.31 -44.35
N SER G 221 -18.75 0.71 -43.09
CA SER G 221 -19.02 2.10 -42.71
C SER G 221 -17.98 3.06 -43.26
N ALA G 222 -16.75 2.59 -43.49
CA ALA G 222 -15.74 3.46 -44.07
C ALA G 222 -15.95 3.67 -45.56
N GLU G 223 -16.73 2.81 -46.21
CA GLU G 223 -17.00 2.96 -47.64
C GLU G 223 -17.92 4.14 -47.90
N ALA G 224 -18.93 4.33 -47.07
CA ALA G 224 -19.84 5.44 -47.23
C ALA G 224 -19.66 6.45 -46.11
N VAL G 235 -8.88 6.78 -38.66
CA VAL G 235 -9.20 5.65 -37.78
C VAL G 235 -9.58 6.17 -36.40
N GLY G 236 -9.33 7.45 -36.16
CA GLY G 236 -9.64 8.04 -34.87
C GLY G 236 -8.49 8.10 -33.90
N GLY G 237 -7.41 7.37 -34.16
CA GLY G 237 -6.22 7.45 -33.33
C GLY G 237 -6.09 6.39 -32.26
N VAL G 238 -6.86 5.30 -32.34
CA VAL G 238 -6.73 4.23 -31.34
C VAL G 238 -5.55 3.32 -31.66
N GLY G 239 -5.01 3.40 -32.87
CA GLY G 239 -4.06 2.41 -33.33
C GLY G 239 -2.73 2.53 -32.62
N GLY G 240 -2.26 3.75 -32.42
CA GLY G 240 -1.01 3.93 -31.69
C GLY G 240 -1.10 3.47 -30.25
N VAL G 241 -2.28 3.64 -29.65
CA VAL G 241 -2.48 3.23 -28.27
C VAL G 241 -2.48 1.70 -28.16
N VAL G 242 -3.19 1.02 -29.06
CA VAL G 242 -3.24 -0.42 -28.92
C VAL G 242 -1.95 -1.09 -29.39
N THR G 243 -1.22 -0.50 -30.33
CA THR G 243 0.07 -1.10 -30.63
C THR G 243 1.10 -0.78 -29.55
N ALA G 244 0.94 0.35 -28.85
CA ALA G 244 1.81 0.61 -27.71
C ALA G 244 1.57 -0.42 -26.61
N PHE G 245 0.31 -0.72 -26.33
CA PHE G 245 -0.02 -1.67 -25.27
C PHE G 245 0.40 -3.08 -25.64
N ALA G 246 0.11 -3.50 -26.87
CA ALA G 246 0.46 -4.85 -27.30
C ALA G 246 1.96 -5.02 -27.42
N ALA G 247 2.66 -3.99 -27.89
CA ALA G 247 4.11 -4.05 -27.99
C ALA G 247 4.73 -4.14 -26.61
N ARG G 248 4.21 -3.36 -25.66
CA ARG G 248 4.68 -3.43 -24.28
C ARG G 248 4.52 -4.82 -23.70
N ASP G 249 3.32 -5.39 -23.78
CA ASP G 249 3.05 -6.70 -23.21
C ASP G 249 3.87 -7.80 -23.89
N ILE G 250 3.72 -7.95 -25.20
CA ILE G 250 4.35 -9.06 -25.90
C ILE G 250 5.86 -8.93 -25.91
N LEU G 251 6.37 -7.76 -26.28
CA LEU G 251 7.80 -7.64 -26.36
C LEU G 251 8.46 -7.54 -24.99
N GLY G 252 7.78 -7.08 -23.95
CA GLY G 252 8.34 -7.17 -22.62
C GLY G 252 8.48 -8.61 -22.17
N ASN G 253 7.49 -9.43 -22.51
CA ASN G 253 7.57 -10.84 -22.16
C ASN G 253 8.70 -11.53 -22.92
N VAL G 254 8.86 -11.25 -24.21
CA VAL G 254 9.91 -11.97 -24.95
C VAL G 254 11.28 -11.41 -24.60
N LEU G 255 11.37 -10.12 -24.26
CA LEU G 255 12.64 -9.53 -23.84
C LEU G 255 13.11 -10.14 -22.52
N SER G 256 12.20 -10.28 -21.56
CA SER G 256 12.62 -10.91 -20.31
C SER G 256 12.88 -12.38 -20.51
N GLY G 257 12.18 -13.01 -21.45
CA GLY G 257 12.41 -14.42 -21.71
C GLY G 257 13.75 -14.68 -22.35
N LEU G 258 14.32 -13.70 -23.04
CA LEU G 258 15.69 -13.85 -23.51
C LEU G 258 16.74 -13.42 -22.51
N SER G 259 16.49 -12.36 -21.74
CA SER G 259 17.47 -11.93 -20.76
C SER G 259 17.62 -12.95 -19.64
N MET G 260 16.56 -13.69 -19.33
CA MET G 260 16.71 -14.83 -18.43
C MET G 260 17.42 -15.99 -19.09
N GLN G 261 17.42 -16.06 -20.40
CA GLN G 261 18.16 -17.13 -21.06
C GLN G 261 19.64 -16.85 -21.13
N PHE G 262 20.04 -15.59 -21.16
CA PHE G 262 21.46 -15.31 -21.13
C PHE G 262 22.01 -15.44 -19.72
N SER G 263 21.55 -14.59 -18.82
CA SER G 263 22.08 -14.54 -17.46
C SER G 263 21.17 -15.35 -16.55
N ARG G 264 21.40 -16.66 -16.51
CA ARG G 264 20.44 -17.63 -15.98
C ARG G 264 20.25 -17.50 -14.47
N PRO G 265 19.07 -17.11 -14.01
CA PRO G 265 18.86 -17.06 -12.57
C PRO G 265 18.41 -18.38 -12.00
N PHE G 266 17.90 -19.48 -12.82
CA PHE G 266 17.44 -20.78 -12.38
C PHE G 266 17.42 -21.71 -13.57
N SER G 267 17.20 -23.00 -13.29
CA SER G 267 17.12 -24.02 -14.32
C SER G 267 15.89 -24.87 -14.07
N MET G 268 15.66 -25.84 -14.96
CA MET G 268 14.50 -26.71 -14.86
C MET G 268 14.63 -27.63 -13.66
N GLY G 269 13.64 -27.59 -12.77
CA GLY G 269 13.64 -28.38 -11.56
C GLY G 269 13.99 -27.61 -10.30
N ASP G 270 14.52 -26.40 -10.44
CA ASP G 270 14.91 -25.62 -9.27
C ASP G 270 13.68 -25.08 -8.55
N THR G 271 13.77 -25.02 -7.23
CA THR G 271 12.74 -24.40 -6.40
C THR G 271 13.09 -22.94 -6.21
N ILE G 272 12.24 -22.04 -6.70
CA ILE G 272 12.52 -20.62 -6.64
C ILE G 272 11.42 -19.91 -5.87
N LYS G 273 11.72 -18.68 -5.48
CA LYS G 273 10.75 -17.75 -4.95
C LYS G 273 11.05 -16.39 -5.56
N ALA G 274 10.08 -15.81 -6.27
CA ALA G 274 10.27 -14.53 -6.95
C ALA G 274 9.11 -13.61 -6.59
N GLY G 275 9.23 -12.91 -5.47
CA GLY G 275 8.18 -12.04 -5.03
C GLY G 275 6.98 -12.79 -4.51
N SER G 276 5.89 -12.77 -5.28
CA SER G 276 4.65 -13.42 -4.84
C SER G 276 4.61 -14.89 -5.16
N VAL G 277 5.35 -15.36 -6.17
CA VAL G 277 5.28 -16.74 -6.61
C VAL G 277 6.42 -17.52 -5.98
N GLU G 278 6.18 -18.83 -5.83
CA GLU G 278 7.13 -19.73 -5.19
C GLU G 278 6.82 -21.17 -5.56
N GLY G 279 7.82 -21.93 -5.97
CA GLY G 279 7.61 -23.32 -6.29
C GLY G 279 8.68 -23.84 -7.23
N GLN G 280 8.46 -25.06 -7.69
CA GLN G 280 9.40 -25.68 -8.62
C GLN G 280 9.19 -25.16 -10.02
N VAL G 281 10.24 -25.21 -10.83
CA VAL G 281 10.20 -24.75 -12.20
C VAL G 281 10.00 -25.97 -13.09
N ILE G 282 8.82 -26.10 -13.70
CA ILE G 282 8.52 -27.29 -14.50
C ILE G 282 8.54 -27.02 -15.99
N GLU G 283 8.51 -25.76 -16.42
CA GLU G 283 8.50 -25.46 -17.85
C GLU G 283 8.99 -24.03 -18.04
N MET G 284 10.15 -23.85 -18.65
CA MET G 284 10.65 -22.54 -19.01
C MET G 284 10.28 -22.28 -20.47
N GLY G 285 9.34 -21.37 -20.70
CA GLY G 285 8.81 -21.12 -22.02
C GLY G 285 9.30 -19.81 -22.60
N LEU G 286 8.73 -19.48 -23.76
CA LEU G 286 9.16 -18.29 -24.49
C LEU G 286 8.54 -17.03 -23.92
N THR G 287 7.27 -17.09 -23.51
CA THR G 287 6.58 -15.96 -22.93
C THR G 287 6.13 -16.20 -21.49
N THR G 288 5.98 -17.45 -21.06
CA THR G 288 5.56 -17.76 -19.71
C THR G 288 6.40 -18.89 -19.15
N THR G 289 6.81 -18.74 -17.89
CA THR G 289 7.35 -19.83 -17.10
C THR G 289 6.20 -20.53 -16.38
N SER G 290 6.37 -21.81 -16.12
CA SER G 290 5.38 -22.60 -15.39
C SER G 290 6.02 -23.13 -14.11
N LEU G 291 5.40 -22.85 -12.99
CA LEU G 291 5.85 -23.33 -11.70
C LEU G 291 4.85 -24.33 -11.14
N LEU G 292 5.27 -24.99 -10.09
CA LEU G 292 4.43 -25.92 -9.33
C LEU G 292 4.56 -25.50 -7.88
N ASN G 293 3.47 -24.96 -7.32
CA ASN G 293 3.56 -24.29 -6.02
C ASN G 293 3.54 -25.31 -4.89
N ALA G 294 3.33 -24.84 -3.66
CA ALA G 294 3.43 -25.69 -2.48
C ALA G 294 2.32 -26.72 -2.40
N GLU G 295 1.16 -26.44 -2.98
CA GLU G 295 0.07 -27.40 -3.06
C GLU G 295 0.07 -28.16 -4.37
N LYS G 296 1.14 -28.04 -5.15
CA LYS G 296 1.37 -28.79 -6.39
C LYS G 296 0.32 -28.46 -7.46
N PHE G 297 -0.11 -27.21 -7.50
CA PHE G 297 -0.93 -26.63 -8.56
C PHE G 297 -0.02 -25.97 -9.58
N PRO G 298 -0.29 -26.10 -10.88
CA PRO G 298 0.55 -25.41 -11.87
C PRO G 298 0.22 -23.92 -11.93
N VAL G 299 1.22 -23.10 -11.65
CA VAL G 299 1.14 -21.65 -11.74
C VAL G 299 1.75 -21.23 -13.07
N LEU G 300 1.16 -20.22 -13.70
CA LEU G 300 1.62 -19.72 -14.98
C LEU G 300 2.06 -18.26 -14.82
N VAL G 301 3.37 -18.04 -14.84
CA VAL G 301 3.95 -16.74 -14.55
C VAL G 301 4.46 -16.13 -15.86
N PRO G 302 4.11 -14.89 -16.19
CA PRO G 302 4.74 -14.24 -17.35
C PRO G 302 6.18 -13.85 -17.05
N ASN G 303 7.03 -13.92 -18.08
CA ASN G 303 8.47 -13.71 -17.91
C ASN G 303 8.82 -12.32 -17.43
N SER G 304 8.01 -11.32 -17.79
CA SER G 304 8.29 -9.94 -17.41
C SER G 304 8.19 -9.68 -15.91
N LEU G 305 7.71 -10.63 -15.13
CA LEU G 305 7.71 -10.53 -13.67
C LEU G 305 9.05 -10.97 -13.07
N PHE G 306 10.00 -11.41 -13.89
CA PHE G 306 11.35 -11.71 -13.43
C PHE G 306 12.36 -10.66 -13.88
N SER G 307 11.90 -9.46 -14.25
CA SER G 307 12.79 -8.52 -14.94
C SER G 307 13.77 -7.84 -13.98
N SER G 308 13.26 -7.18 -12.94
CA SER G 308 14.13 -6.54 -11.97
C SER G 308 13.64 -6.85 -10.56
N GLN G 309 13.35 -8.11 -10.31
CA GLN G 309 12.94 -8.60 -9.01
C GLN G 309 14.02 -9.49 -8.42
N VAL G 310 13.96 -9.66 -7.11
CA VAL G 310 14.88 -10.56 -6.43
C VAL G 310 14.36 -11.99 -6.57
N ILE G 311 15.27 -12.91 -6.83
CA ILE G 311 14.94 -14.30 -7.07
C ILE G 311 15.73 -15.14 -6.08
N VAL G 312 15.04 -15.74 -5.13
CA VAL G 312 15.66 -16.66 -4.19
C VAL G 312 15.66 -18.04 -4.81
N ASN G 313 16.83 -18.65 -4.91
CA ASN G 313 16.98 -19.96 -5.54
C ASN G 313 17.32 -20.96 -4.45
N LYS G 314 16.31 -21.70 -4.00
CA LYS G 314 16.46 -22.62 -2.88
C LYS G 314 17.15 -23.92 -3.24
N SER G 315 17.48 -24.14 -4.51
CA SER G 315 18.08 -25.39 -4.94
C SER G 315 19.56 -25.26 -5.25
N ARG G 316 20.15 -24.10 -5.03
CA ARG G 316 21.59 -23.92 -5.21
C ARG G 316 22.31 -23.74 -3.88
N ALA G 317 21.63 -23.90 -2.77
CA ALA G 317 22.26 -23.78 -1.45
C ALA G 317 23.24 -24.93 -1.22
N GLN G 318 24.36 -24.61 -0.58
CA GLN G 318 25.37 -25.60 -0.26
C GLN G 318 25.40 -25.98 1.21
N TRP G 319 24.69 -25.25 2.06
CA TRP G 319 24.44 -25.65 3.43
C TRP G 319 23.15 -24.98 3.87
N ARG G 320 22.52 -25.54 4.89
CA ARG G 320 21.24 -25.08 5.38
C ARG G 320 21.37 -24.66 6.83
N ALA G 321 20.60 -23.66 7.23
CA ALA G 321 20.62 -23.20 8.61
C ALA G 321 19.36 -23.67 9.32
N ILE G 322 19.53 -24.41 10.42
CA ILE G 322 18.40 -24.83 11.22
C ILE G 322 18.52 -24.22 12.61
N ALA G 323 17.38 -24.03 13.25
CA ALA G 323 17.28 -23.45 14.58
C ALA G 323 15.99 -23.92 15.23
N SER G 324 15.96 -23.83 16.55
CA SER G 324 14.81 -24.25 17.34
C SER G 324 14.90 -23.62 18.72
N LYS G 325 13.80 -23.65 19.44
CA LYS G 325 13.72 -23.17 20.81
C LYS G 325 13.22 -24.30 21.69
N ILE G 326 13.82 -24.44 22.87
CA ILE G 326 13.44 -25.47 23.83
C ILE G 326 13.10 -24.78 25.15
N PRO G 327 11.87 -24.91 25.65
CA PRO G 327 11.53 -24.36 26.96
C PRO G 327 11.91 -25.33 28.07
N LEU G 328 12.28 -24.76 29.21
CA LEU G 328 12.82 -25.50 30.34
C LEU G 328 12.06 -25.15 31.60
N GLN G 329 11.76 -26.16 32.41
CA GLN G 329 11.23 -25.95 33.76
C GLN G 329 12.39 -26.20 34.72
N ILE G 330 13.17 -25.15 34.97
CA ILE G 330 14.36 -25.24 35.80
C ILE G 330 14.31 -24.09 36.80
N ASP G 331 14.55 -24.42 38.07
CA ASP G 331 14.52 -23.42 39.12
C ASP G 331 15.91 -22.94 39.51
N ASP G 332 16.93 -23.77 39.32
CA ASP G 332 18.31 -23.42 39.66
C ASP G 332 19.10 -23.33 38.36
N LEU G 333 19.39 -22.11 37.94
CA LEU G 333 19.95 -21.86 36.62
C LEU G 333 21.46 -22.07 36.59
N ASP G 334 22.08 -22.50 37.69
CA ASP G 334 23.51 -22.74 37.72
C ASP G 334 23.95 -23.90 36.83
N MET G 335 23.02 -24.78 36.44
CA MET G 335 23.29 -25.82 35.48
C MET G 335 23.11 -25.40 34.03
N ILE G 336 22.62 -24.19 33.78
CA ILE G 336 22.38 -23.65 32.44
C ILE G 336 23.63 -23.55 31.56
N PRO G 337 24.84 -23.08 32.06
CA PRO G 337 26.02 -23.10 31.17
C PRO G 337 26.45 -24.46 30.67
N GLN G 338 26.63 -25.41 31.61
CA GLN G 338 27.14 -26.75 31.31
C GLN G 338 26.31 -27.45 30.25
N ILE G 339 24.98 -27.47 30.46
CA ILE G 339 24.01 -28.00 29.50
C ILE G 339 24.24 -27.42 28.11
N SER G 340 24.35 -26.08 28.04
CA SER G 340 24.58 -25.38 26.78
C SER G 340 25.87 -25.86 26.12
N ASN G 341 26.94 -25.97 26.91
CA ASN G 341 28.22 -26.45 26.39
C ASN G 341 28.09 -27.88 25.89
N GLU G 342 27.38 -28.71 26.65
CA GLU G 342 27.10 -30.10 26.26
C GLU G 342 26.38 -30.15 24.93
N ILE G 343 25.37 -29.27 24.76
CA ILE G 343 24.58 -29.28 23.53
C ILE G 343 25.44 -28.85 22.36
N LYS G 344 26.35 -27.91 22.60
CA LYS G 344 27.24 -27.47 21.53
C LYS G 344 28.19 -28.58 21.14
N GLU G 345 28.66 -29.38 22.12
CA GLU G 345 29.50 -30.52 21.81
C GLU G 345 28.72 -31.55 21.00
N MET G 346 27.43 -31.72 21.32
CA MET G 346 26.59 -32.64 20.56
C MET G 346 26.46 -32.16 19.11
N LEU G 347 26.46 -30.85 18.92
CA LEU G 347 26.32 -30.35 17.56
C LEU G 347 27.63 -30.31 16.80
N ARG G 348 28.76 -30.61 17.45
CA ARG G 348 30.02 -30.57 16.70
C ARG G 348 30.60 -31.96 16.46
N SER G 349 30.40 -32.90 17.38
CA SER G 349 30.75 -34.29 17.12
C SER G 349 29.80 -34.96 16.14
N ASN G 350 28.66 -34.35 15.87
CA ASN G 350 27.67 -34.89 14.95
C ASN G 350 28.15 -34.73 13.52
N THR G 351 27.96 -35.75 12.70
CA THR G 351 28.08 -35.58 11.26
C THR G 351 26.84 -34.85 10.75
N LYS G 352 26.82 -34.60 9.44
CA LYS G 352 25.79 -33.85 8.73
C LYS G 352 25.65 -32.41 9.19
N VAL G 353 26.61 -31.88 9.94
CA VAL G 353 26.66 -30.46 10.27
C VAL G 353 27.87 -29.86 9.60
N PHE G 354 27.82 -28.55 9.40
CA PHE G 354 28.79 -27.82 8.59
C PHE G 354 29.44 -26.77 9.48
N LEU G 355 30.66 -27.05 9.94
CA LEU G 355 31.39 -26.14 10.81
C LEU G 355 32.28 -25.18 10.04
N GLY G 356 31.97 -24.93 8.76
CA GLY G 356 32.86 -24.10 7.96
C GLY G 356 32.77 -22.62 8.26
N LYS G 357 31.56 -22.12 8.49
CA LYS G 357 31.38 -20.67 8.64
C LYS G 357 30.95 -20.28 10.04
N GLU G 358 29.85 -20.82 10.55
CA GLU G 358 29.35 -20.46 11.86
C GLU G 358 29.41 -21.65 12.79
N ALA G 359 29.90 -21.40 14.00
CA ALA G 359 29.86 -22.43 15.03
C ALA G 359 28.41 -22.65 15.47
N PRO G 360 28.07 -23.86 15.88
CA PRO G 360 26.73 -24.10 16.44
C PRO G 360 26.54 -23.35 17.75
N HIS G 361 25.34 -22.85 17.96
CA HIS G 361 25.07 -22.05 19.15
C HIS G 361 23.92 -22.66 19.93
N CYS G 362 23.95 -22.42 21.24
CA CYS G 362 22.87 -22.81 22.13
C CYS G 362 22.93 -21.86 23.32
N TYR G 363 22.09 -20.84 23.31
CA TYR G 363 22.16 -19.81 24.35
C TYR G 363 20.80 -19.63 25.00
N LEU G 364 20.76 -18.80 26.03
CA LEU G 364 19.57 -18.58 26.84
C LEU G 364 18.94 -17.27 26.44
N SER G 365 17.73 -17.32 25.88
CA SER G 365 17.13 -16.15 25.29
C SER G 365 16.20 -15.40 26.24
N ARG G 366 15.50 -16.10 27.12
CA ARG G 366 14.58 -15.44 28.04
C ARG G 366 14.38 -16.32 29.25
N VAL G 367 14.01 -15.68 30.37
CA VAL G 367 13.85 -16.36 31.64
C VAL G 367 12.52 -15.90 32.24
N GLU G 368 12.01 -16.71 33.18
CA GLU G 368 10.70 -16.52 33.80
C GLU G 368 10.65 -17.46 35.00
N LYS G 369 9.55 -17.41 35.76
CA LYS G 369 9.39 -18.26 36.95
C LYS G 369 9.25 -19.72 36.54
N SER G 370 10.16 -20.56 37.04
CA SER G 370 10.25 -21.99 36.74
C SER G 370 10.30 -22.23 35.24
N PHE G 371 11.05 -21.38 34.54
CA PHE G 371 11.01 -21.36 33.09
C PHE G 371 12.30 -20.76 32.58
N ALA G 372 12.78 -21.32 31.47
CA ALA G 372 13.90 -20.77 30.73
C ALA G 372 13.69 -21.15 29.28
N GLU G 373 14.47 -20.55 28.39
CA GLU G 373 14.34 -20.90 26.98
C GLU G 373 15.71 -20.94 26.35
N LEU G 374 16.02 -22.05 25.69
CA LEU G 374 17.26 -22.19 24.96
C LEU G 374 17.00 -22.04 23.47
N THR G 375 17.86 -21.28 22.81
CA THR G 375 17.84 -21.14 21.37
C THR G 375 19.02 -21.93 20.83
N ILE G 376 18.73 -22.93 20.00
CA ILE G 376 19.71 -23.87 19.48
C ILE G 376 19.75 -23.71 17.97
N GLY G 377 20.95 -23.75 17.40
CA GLY G 377 21.06 -23.61 15.97
C GLY G 377 22.38 -24.07 15.40
N CYS G 378 22.35 -24.49 14.15
CA CYS G 378 23.56 -24.96 13.47
C CYS G 378 23.34 -24.88 11.97
N ASN G 379 24.39 -25.19 11.22
CA ASN G 379 24.34 -25.32 9.78
C ASN G 379 24.54 -26.78 9.42
N LEU G 380 23.58 -27.36 8.71
CA LEU G 380 23.70 -28.70 8.18
C LEU G 380 24.28 -28.65 6.78
N ILE G 381 24.91 -29.75 6.37
CA ILE G 381 25.51 -29.88 5.04
C ILE G 381 24.42 -29.98 3.99
N ARG G 382 24.79 -29.91 2.72
CA ARG G 382 23.82 -30.02 1.64
C ARG G 382 23.23 -31.42 1.58
N MET G 383 21.91 -31.51 1.65
CA MET G 383 21.23 -32.79 1.76
C MET G 383 19.83 -32.68 1.17
N GLY G 384 19.20 -33.83 0.97
CA GLY G 384 17.85 -33.86 0.47
C GLY G 384 16.82 -33.50 1.52
N LYS G 385 15.57 -33.39 1.08
CA LYS G 385 14.51 -32.92 1.95
C LYS G 385 14.03 -33.95 2.96
N GLU G 386 14.46 -35.20 2.84
CA GLU G 386 14.12 -36.20 3.84
C GLU G 386 15.18 -36.29 4.93
N GLU G 387 16.46 -36.24 4.53
CA GLU G 387 17.56 -36.18 5.48
C GLU G 387 17.49 -34.92 6.33
N LEU G 388 16.99 -33.82 5.77
CA LEU G 388 16.83 -32.58 6.51
C LEU G 388 15.85 -32.75 7.65
N TYR G 389 14.69 -33.35 7.38
CA TYR G 389 13.69 -33.57 8.42
C TYR G 389 14.17 -34.56 9.47
N ASN G 390 14.83 -35.63 9.03
CA ASN G 390 15.37 -36.61 9.99
C ASN G 390 16.47 -36.02 10.84
N THR G 391 17.28 -35.11 10.29
CA THR G 391 18.34 -34.49 11.07
C THR G 391 17.78 -33.48 12.06
N GLN G 392 16.72 -32.76 11.68
CA GLN G 392 16.04 -31.88 12.62
C GLN G 392 15.49 -32.65 13.81
N GLN G 393 14.80 -33.77 13.53
CA GLN G 393 14.24 -34.60 14.61
C GLN G 393 15.34 -35.20 15.48
N GLU G 394 16.42 -35.67 14.86
CA GLU G 394 17.53 -36.29 15.58
C GLU G 394 18.24 -35.29 16.50
N VAL G 395 18.47 -34.06 15.99
CA VAL G 395 19.12 -33.03 16.79
C VAL G 395 18.23 -32.62 17.96
N LEU G 396 16.92 -32.47 17.72
CA LEU G 396 15.99 -32.13 18.79
C LEU G 396 15.93 -33.20 19.87
N LEU G 397 15.92 -34.48 19.46
CA LEU G 397 15.87 -35.57 20.43
C LEU G 397 17.16 -35.68 21.23
N GLU G 398 18.31 -35.47 20.58
CA GLU G 398 19.58 -35.51 21.31
C GLU G 398 19.70 -34.35 22.30
N ALA G 399 19.21 -33.17 21.91
CA ALA G 399 19.20 -32.03 22.83
C ALA G 399 18.32 -32.29 24.03
N VAL G 400 17.16 -32.90 23.82
CA VAL G 400 16.27 -33.20 24.95
C VAL G 400 16.87 -34.30 25.84
N LYS G 401 17.58 -35.27 25.24
CA LYS G 401 18.29 -36.27 26.04
C LYS G 401 19.35 -35.64 26.92
N ILE G 402 20.10 -34.67 26.39
CA ILE G 402 21.12 -33.98 27.18
C ILE G 402 20.48 -33.16 28.29
N ILE G 403 19.38 -32.47 28.00
CA ILE G 403 18.71 -31.63 28.99
C ILE G 403 18.14 -32.46 30.13
N LYS G 404 17.45 -33.56 29.80
CA LYS G 404 16.90 -34.41 30.84
C LYS G 404 17.96 -35.30 31.49
N LYS G 405 19.16 -35.38 30.92
CA LYS G 405 20.23 -36.12 31.57
C LYS G 405 20.73 -35.40 32.82
N HIS G 406 20.69 -34.08 32.83
CA HIS G 406 21.10 -33.26 33.96
C HIS G 406 20.01 -33.12 35.03
N GLY G 407 18.95 -33.92 34.95
CA GLY G 407 17.85 -33.83 35.89
C GLY G 407 17.06 -32.54 35.78
N VAL G 408 16.76 -32.14 34.56
CA VAL G 408 16.01 -30.92 34.29
C VAL G 408 14.86 -31.26 33.36
N SER G 409 13.63 -31.02 33.80
CA SER G 409 12.47 -31.31 32.97
C SER G 409 12.19 -30.15 32.02
N LEU G 410 11.33 -30.41 31.04
CA LEU G 410 10.94 -29.39 30.08
C LEU G 410 9.88 -28.47 30.68
N GLY G 411 9.81 -27.25 30.13
CA GLY G 411 8.86 -26.26 30.60
C GLY G 411 7.69 -26.11 29.65
N THR G 412 6.72 -25.32 30.08
CA THR G 412 5.49 -25.13 29.32
C THR G 412 5.30 -23.66 28.99
N THR G 413 4.78 -23.40 27.80
CA THR G 413 4.56 -22.05 27.30
C THR G 413 3.06 -21.82 27.18
C1 D12 H . 28.28 7.37 -13.74
C2 D12 H . 27.42 6.73 -12.87
C3 D12 H . 26.30 7.38 -12.40
C4 D12 H . 25.05 7.02 -12.87
C5 D12 H . 24.15 6.42 -12.03
C6 D12 H . 22.79 6.63 -12.21
C7 D12 H . 21.94 5.56 -12.17
C8 D12 H . 20.81 5.56 -12.96
C9 D12 H . 20.11 4.38 -13.16
C10 D12 H . 19.09 4.06 -12.28
C11 D12 H . 17.78 4.16 -12.70
C12 D12 H . 17.47 3.83 -14.01
C1 D12 I . 19.91 25.05 -4.56
C2 D12 I . 19.35 23.98 -3.89
C3 D12 I . 18.02 23.68 -4.05
C4 D12 I . 17.64 22.57 -4.80
C5 D12 I . 17.03 21.50 -4.18
C6 D12 I . 16.12 20.74 -4.88
C7 D12 I . 16.21 19.37 -4.82
C8 D12 I . 15.83 18.63 -5.91
C9 D12 I . 16.18 17.29 -5.98
C10 D12 I . 15.32 16.35 -5.47
C11 D12 I . 14.61 15.53 -6.32
C12 D12 I . 15.21 15.10 -7.49
C1 D12 J . -0.61 32.21 -4.62
C2 D12 J . -0.61 31.02 -3.91
C3 D12 J . -1.20 29.90 -4.44
C4 D12 J . -0.41 28.86 -4.89
C5 D12 J . -0.42 27.65 -4.24
C6 D12 J . -0.21 26.50 -4.96
C7 D12 J . 0.65 25.55 -4.46
C8 D12 J . 1.39 24.78 -5.33
C9 D12 J . 2.46 24.04 -4.87
C10 D12 J . 2.26 22.75 -4.43
C11 D12 J . 2.71 21.70 -5.20
C12 D12 J . 3.89 21.83 -5.89
C1 D12 K . -18.33 22.74 -14.16
C2 D12 K . -17.92 21.87 -13.17
C3 D12 K . -17.36 20.65 -13.50
C4 D12 K . -16.01 20.44 -13.33
C5 D12 K . -15.56 19.55 -12.39
C6 D12 K . -14.39 18.87 -12.61
C7 D12 K . -13.47 18.77 -11.59
C8 D12 K . -12.13 18.72 -11.90
C9 D12 K . -11.18 18.93 -10.92
C10 D12 K . -10.72 17.84 -10.20
C11 D12 K . -9.43 17.40 -10.43
C12 D12 K . -8.43 18.31 -10.68
C1 D12 L . -19.29 4.21 -25.71
C2 D12 L . -18.94 3.85 -24.43
C3 D12 L . -17.68 3.37 -24.15
C4 D12 L . -16.78 4.16 -23.47
C5 D12 L . -16.36 3.81 -22.21
C6 D12 L . -15.10 4.15 -21.79
C7 D12 L . -14.92 4.69 -20.54
C8 D12 L . -13.91 5.60 -20.34
C9 D12 L . -13.91 6.37 -19.19
C10 D12 L . -13.26 5.90 -18.06
C11 D12 L . -12.08 6.48 -17.68
C12 D12 L . -11.89 7.84 -17.84
C1 D12 M . -2.72 -9.43 -30.59
C2 D12 M . -2.90 -9.50 -29.22
C3 D12 M . -1.94 -8.97 -28.36
C4 D12 M . -2.21 -7.79 -27.69
C5 D12 M . -2.35 -7.81 -26.31
C6 D12 M . -1.97 -6.70 -25.59
C7 D12 M . -2.81 -6.24 -24.60
C8 D12 M . -2.86 -4.90 -24.33
C9 D12 M . -3.89 -4.39 -23.56
C10 D12 M . -3.74 -4.31 -22.19
C11 D12 M . -3.55 -3.08 -21.59
C12 D12 M . -4.23 -1.99 -22.09
C1 D12 N . 18.16 -7.97 -25.15
C2 D12 N . 17.46 -8.17 -23.97
C3 D12 N . 17.35 -7.15 -23.04
C4 D12 N . 16.14 -6.51 -22.89
C5 D12 N . 15.44 -6.64 -21.71
C6 D12 N . 14.67 -5.60 -21.27
C7 D12 N . 13.39 -5.86 -20.81
C8 D12 N . 12.40 -4.92 -21.00
C9 D12 N . 11.07 -5.28 -20.82
C10 D12 N . 10.50 -5.15 -19.58
C11 D12 N . 9.59 -4.15 -19.35
C12 D12 N . 8.71 -3.80 -20.35
#